data_5KEN
#
_entry.id   5KEN
#
loop_
_entity.id
_entity.type
_entity.pdbx_description
1 polymer 'Ebola surface glycoprotein, GP1'
2 polymer 'Ebola surface glycoprotein, GP2'
3 polymer 'c4G7 variable Fab domain heavy chain'
4 polymer 'c4G7 variable Fab domain light chain'
5 polymer 'c13C6 variable Fab domain light chain'
6 polymer 'c13C6 variable Fab domain heavy chain'
7 branched alpha-D-mannopyranose-(1-3)-[alpha-D-mannopyranose-(1-6)]beta-D-mannopyranose-(1-4)-2-acetamido-2-deoxy-beta-D-glucopyranose-(1-4)-2-acetamido-2-deoxy-beta-D-glucopyranose
8 branched 2-acetamido-2-deoxy-beta-D-glucopyranose-(1-4)-2-acetamido-2-deoxy-beta-D-glucopyranose
9 non-polymer 2-acetamido-2-deoxy-beta-D-glucopyranose
#
loop_
_entity_poly.entity_id
_entity_poly.type
_entity_poly.pdbx_seq_one_letter_code
_entity_poly.pdbx_strand_id
1 'polypeptide(L)'
;IPLGVIHNSTLQVSDVDKLVCRDKLSSTNQLRSVGLNLEGNGVATDVPSATKRWGFRSGVPPKVVNYEAGEWAENCYNLE
IKKPDGSECLPAAPDGIRGFPRCRYVHKVSGTGPCAGDFAFHKEGAFFLYDRLASTVIYRGTTFAEGVVAFLILPQAKKD
FFSSHPLREPVNATEDPSSGYYSTTIRYQATGFGTNETEYLFEVDNLTYVQLESRFTPQFLLQLNETIYTSGKRSNTTGK
LIWKVNPEIDTTIGEWAFWETKKNLTRKIRSEELSF
;
A,E,K
2 'polypeptide(L)'
;AIVNAQPKCNPNLHYWTTQDEGAAIGLAWIPYFGPAAEGIYTEGLMHNQDGLICGLRQLANETTQALQLFLRATTELRTF
SILNRKAIDFLLQRWGGTCHILGPDCCIEPHDW
;
B,F,M
3 'polypeptide(L)'
;EVQLQESGPELEMPGASVKISCKASGSSFTGFSMNWVKQSNGKSLEWIGNIDTYYGGTTYNQKFKGKATLTVDKSSSTAY
MQLKSLTSEDSAVYYCARSAYYGSTFAYWGQGTLVTVS
;
C,G,N
4 'polypeptide(L)'
;DIQMTQSPASLSASVGETVTITCRASENIYSYLAWYQQKQGKSPQLLVYNAKTLIEGVPSRFSGSGSGTQFSLKINSLQP
EDFGSYFCQHHFGTPFTFGSGTELEIK
;
D,H,O
5 'polypeptide(L)'
;DIVMTQSPLSLSTSVGDRVSLTCKASQNVGTAVAWYQQKPGQSPKLLIYSASNRYTGVPDRFTGSGSGTDFTLTISNMQS
EDLADYFCQQYSSYPLTFGAGTKLELR
;
I,P
6 'polypeptide(L)'
;DVKLLESGGGLVQPGGSLKLSCAASGFSLSTSGVGVGWFRQPSGKGLEWLALIWWDDDKYYNPSLKSQLSISKDFSRNQV
FLKISNVDIADTATYYCARRDPFGYDNAMGYWGQGTSVTVS
;
J,Q
#
loop_
_chem_comp.id
_chem_comp.type
_chem_comp.name
_chem_comp.formula
BMA D-saccharide, beta linking beta-D-mannopyranose 'C6 H12 O6'
MAN D-saccharide, alpha linking alpha-D-mannopyranose 'C6 H12 O6'
NAG D-saccharide, beta linking 2-acetamido-2-deoxy-beta-D-glucopyranose 'C8 H15 N O6'
#
# COMPACT_ATOMS: atom_id res chain seq x y z
N ILE A 1 0.63 -6.64 -27.01
CA ILE A 1 0.86 -7.96 -26.45
C ILE A 1 -0.16 -8.97 -26.96
N PRO A 2 0.17 -9.75 -27.97
CA PRO A 2 -0.68 -10.75 -28.61
C PRO A 2 -1.05 -11.90 -27.68
N LEU A 3 -2.22 -12.49 -27.94
CA LEU A 3 -2.68 -13.68 -27.22
C LEU A 3 -3.02 -14.75 -28.22
N GLY A 4 -2.86 -16.02 -27.88
CA GLY A 4 -3.23 -17.03 -28.87
C GLY A 4 -4.57 -17.63 -28.51
N VAL A 5 -5.47 -17.61 -29.46
CA VAL A 5 -6.78 -18.19 -29.31
C VAL A 5 -6.71 -19.65 -29.64
N ILE A 6 -7.28 -20.50 -28.82
CA ILE A 6 -7.22 -21.89 -29.24
C ILE A 6 -8.45 -22.20 -30.08
N HIS A 7 -8.28 -22.42 -31.38
CA HIS A 7 -9.43 -22.84 -32.18
C HIS A 7 -8.98 -23.63 -33.39
N ASN A 8 -9.84 -24.52 -33.86
CA ASN A 8 -9.58 -25.32 -35.06
C ASN A 8 -8.24 -26.02 -34.95
N SER A 9 -7.99 -26.60 -33.77
CA SER A 9 -6.76 -27.31 -33.45
C SER A 9 -5.46 -26.50 -33.58
N THR A 10 -5.51 -25.18 -33.61
CA THR A 10 -4.28 -24.39 -33.61
C THR A 10 -4.36 -23.14 -32.76
N LEU A 11 -3.22 -22.63 -32.35
CA LEU A 11 -3.22 -21.32 -31.73
C LEU A 11 -3.37 -20.26 -32.79
N GLN A 12 -4.13 -19.20 -32.49
CA GLN A 12 -4.27 -18.08 -33.42
C GLN A 12 -4.02 -16.75 -32.75
N VAL A 13 -3.18 -15.92 -33.34
CA VAL A 13 -2.92 -14.65 -32.69
C VAL A 13 -4.16 -13.75 -32.70
N SER A 14 -4.42 -13.15 -31.54
CA SER A 14 -5.56 -12.28 -31.25
C SER A 14 -5.67 -11.01 -32.09
N ASP A 15 -4.56 -10.54 -32.62
CA ASP A 15 -4.59 -9.32 -33.41
C ASP A 15 -5.04 -9.59 -34.83
N VAL A 16 -6.35 -9.64 -34.98
CA VAL A 16 -7.02 -9.84 -36.25
C VAL A 16 -8.03 -8.74 -36.39
N ASP A 17 -8.51 -8.49 -37.60
CA ASP A 17 -9.47 -7.41 -37.73
C ASP A 17 -10.91 -7.80 -37.44
N LYS A 18 -11.17 -9.04 -37.04
CA LYS A 18 -12.50 -9.38 -36.57
C LYS A 18 -12.48 -10.31 -35.38
N LEU A 19 -13.27 -9.98 -34.39
CA LEU A 19 -13.40 -10.84 -33.22
C LEU A 19 -14.51 -11.84 -33.47
N VAL A 20 -14.18 -12.86 -34.25
CA VAL A 20 -15.16 -13.85 -34.66
C VAL A 20 -15.67 -14.68 -33.47
N CYS A 21 -16.99 -14.86 -33.42
CA CYS A 21 -17.67 -15.54 -32.31
C CYS A 21 -17.77 -17.04 -32.43
N ARG A 22 -17.03 -17.60 -33.38
CA ARG A 22 -16.80 -19.03 -33.50
C ARG A 22 -16.27 -19.56 -32.17
N ASP A 23 -15.58 -18.68 -31.43
CA ASP A 23 -15.15 -18.94 -30.10
C ASP A 23 -15.74 -17.82 -29.28
N LYS A 24 -16.27 -18.13 -28.11
CA LYS A 24 -16.87 -17.08 -27.32
C LYS A 24 -16.20 -16.88 -26.00
N LEU A 25 -15.92 -15.62 -25.67
CA LEU A 25 -15.36 -15.30 -24.38
C LEU A 25 -16.50 -15.13 -23.39
N SER A 26 -17.13 -16.24 -23.04
CA SER A 26 -18.28 -16.22 -22.13
C SER A 26 -17.92 -15.70 -20.74
N SER A 27 -16.67 -15.86 -20.33
CA SER A 27 -16.26 -15.35 -19.04
C SER A 27 -14.79 -15.03 -18.99
N THR A 28 -14.41 -14.32 -17.94
CA THR A 28 -13.02 -13.98 -17.69
C THR A 28 -12.20 -15.19 -17.30
N ASN A 29 -12.82 -16.34 -17.05
CA ASN A 29 -12.02 -17.46 -16.65
C ASN A 29 -11.53 -18.25 -17.84
N GLN A 30 -11.81 -17.76 -19.05
CA GLN A 30 -11.20 -18.34 -20.23
C GLN A 30 -9.85 -17.68 -20.50
N LEU A 31 -9.55 -16.61 -19.79
CA LEU A 31 -8.31 -15.93 -20.00
C LEU A 31 -7.17 -16.75 -19.43
N ARG A 32 -6.04 -16.82 -20.13
CA ARG A 32 -4.87 -17.46 -19.53
C ARG A 32 -3.59 -16.74 -19.86
N SER A 33 -2.68 -16.83 -18.92
CA SER A 33 -1.35 -16.24 -18.95
C SER A 33 -0.38 -17.27 -18.45
N VAL A 34 -0.55 -18.53 -18.86
CA VAL A 34 0.26 -19.57 -18.25
C VAL A 34 1.74 -19.49 -18.50
N GLY A 35 2.51 -19.75 -17.46
CA GLY A 35 3.95 -19.82 -17.60
C GLY A 35 4.38 -21.08 -18.34
N LEU A 36 5.52 -21.00 -19.01
CA LEU A 36 6.14 -22.17 -19.59
C LEU A 36 7.57 -22.24 -19.16
N ASN A 37 8.04 -23.45 -18.93
CA ASN A 37 9.41 -23.66 -18.52
C ASN A 37 10.37 -23.46 -19.66
N LEU A 38 11.39 -22.64 -19.45
CA LEU A 38 12.42 -22.39 -20.44
C LEU A 38 13.11 -23.68 -20.88
N GLU A 39 13.25 -24.60 -19.94
CA GLU A 39 13.85 -25.91 -20.11
C GLU A 39 13.15 -26.77 -21.14
N GLY A 40 11.86 -26.47 -21.38
CA GLY A 40 11.06 -27.22 -22.33
C GLY A 40 11.43 -26.90 -23.77
N ASN A 41 12.33 -25.95 -23.96
CA ASN A 41 12.84 -25.61 -25.26
C ASN A 41 14.17 -26.31 -25.53
N GLY A 42 14.52 -27.29 -24.69
CA GLY A 42 15.78 -27.97 -24.88
C GLY A 42 16.95 -27.17 -24.31
N VAL A 43 16.64 -26.11 -23.57
CA VAL A 43 17.65 -25.25 -22.98
C VAL A 43 18.47 -26.00 -21.94
N ALA A 44 19.78 -25.77 -21.96
CA ALA A 44 20.70 -26.48 -21.07
C ALA A 44 20.35 -26.30 -19.60
N THR A 45 20.57 -27.37 -18.84
CA THR A 45 20.30 -27.39 -17.42
C THR A 45 21.55 -27.31 -16.56
N ASP A 46 22.71 -27.17 -17.18
CA ASP A 46 23.95 -27.14 -16.42
C ASP A 46 23.97 -25.97 -15.49
N VAL A 47 24.43 -26.21 -14.28
CA VAL A 47 24.44 -25.13 -13.32
C VAL A 47 25.23 -23.91 -13.80
N PRO A 48 26.38 -24.11 -14.45
CA PRO A 48 27.10 -23.03 -15.08
C PRO A 48 26.33 -22.41 -16.22
N SER A 49 25.52 -23.20 -16.93
CA SER A 49 24.79 -22.61 -18.04
C SER A 49 23.73 -21.67 -17.52
N ALA A 50 23.23 -21.95 -16.32
CA ALA A 50 22.27 -21.03 -15.73
C ALA A 50 22.92 -19.71 -15.46
N THR A 51 24.17 -19.78 -14.99
CA THR A 51 24.92 -18.56 -14.76
C THR A 51 25.19 -17.86 -16.07
N LYS A 52 25.45 -18.66 -17.11
CA LYS A 52 25.67 -18.13 -18.44
C LYS A 52 24.46 -17.42 -18.98
N ARG A 53 23.27 -17.82 -18.54
CA ARG A 53 22.04 -17.17 -18.95
C ARG A 53 21.61 -16.01 -18.09
N TRP A 54 22.39 -15.63 -17.08
CA TRP A 54 21.96 -14.52 -16.23
C TRP A 54 22.84 -13.33 -16.47
N GLY A 55 22.21 -12.19 -16.64
CA GLY A 55 22.91 -10.97 -16.99
C GLY A 55 23.85 -10.33 -15.98
N PHE A 56 23.58 -10.49 -14.69
CA PHE A 56 24.43 -9.91 -13.64
C PHE A 56 24.63 -8.39 -13.78
N ARG A 57 23.57 -7.66 -14.13
CA ARG A 57 23.61 -6.23 -14.35
C ARG A 57 22.92 -5.31 -13.33
N SER A 58 23.58 -4.18 -13.03
CA SER A 58 22.94 -3.13 -12.26
C SER A 58 21.89 -2.46 -13.13
N GLY A 59 20.78 -2.01 -12.57
CA GLY A 59 19.80 -1.51 -13.54
C GLY A 59 18.49 -0.98 -12.99
N VAL A 60 17.57 -0.78 -13.92
CA VAL A 60 16.23 -0.31 -13.63
C VAL A 60 15.59 -1.31 -12.68
N PRO A 61 14.80 -0.84 -11.71
CA PRO A 61 14.22 -1.66 -10.68
C PRO A 61 13.34 -2.73 -11.26
N PRO A 62 13.29 -3.86 -10.57
CA PRO A 62 12.64 -5.11 -10.88
C PRO A 62 11.16 -5.02 -10.89
N LYS A 63 10.55 -5.88 -11.68
CA LYS A 63 9.12 -5.99 -11.71
C LYS A 63 8.69 -7.43 -11.71
N VAL A 64 7.49 -7.69 -11.24
CA VAL A 64 6.97 -9.03 -11.34
C VAL A 64 5.63 -8.94 -11.99
N VAL A 65 5.15 -10.05 -12.53
CA VAL A 65 3.83 -10.03 -13.11
C VAL A 65 3.04 -11.25 -12.74
N ASN A 66 1.75 -11.03 -12.50
CA ASN A 66 0.86 -12.10 -12.14
C ASN A 66 0.64 -12.97 -13.34
N TYR A 67 0.74 -14.28 -13.18
CA TYR A 67 0.52 -15.11 -14.34
C TYR A 67 -0.15 -16.41 -13.93
N GLU A 68 -0.78 -17.09 -14.88
CA GLU A 68 -1.40 -18.40 -14.67
C GLU A 68 -0.31 -19.43 -14.49
N ALA A 69 -0.59 -20.50 -13.77
CA ALA A 69 0.43 -21.49 -13.42
C ALA A 69 1.14 -22.18 -14.62
N GLY A 70 1.54 -23.44 -14.48
CA GLY A 70 2.30 -23.95 -15.61
C GLY A 70 2.87 -25.35 -15.45
N GLU A 71 3.64 -25.75 -16.45
CA GLU A 71 4.33 -27.02 -16.46
C GLU A 71 5.39 -27.12 -15.36
N TRP A 72 5.62 -28.33 -14.89
CA TRP A 72 6.64 -28.63 -13.90
C TRP A 72 8.02 -28.34 -14.44
N ALA A 73 8.91 -27.93 -13.55
CA ALA A 73 10.25 -27.67 -14.02
C ALA A 73 11.13 -28.76 -13.53
N GLU A 74 12.06 -29.23 -14.34
CA GLU A 74 12.90 -30.24 -13.74
C GLU A 74 13.94 -29.56 -12.91
N ASN A 75 14.45 -28.44 -13.42
CA ASN A 75 15.50 -27.74 -12.70
C ASN A 75 15.19 -26.28 -12.36
N CYS A 76 15.50 -25.89 -11.13
CA CYS A 76 15.30 -24.50 -10.68
C CYS A 76 16.39 -24.12 -9.70
N TYR A 77 16.50 -22.85 -9.32
CA TYR A 77 17.63 -22.47 -8.46
C TYR A 77 17.28 -21.57 -7.25
N ASN A 78 18.08 -21.67 -6.18
CA ASN A 78 18.00 -20.84 -4.96
C ASN A 78 19.30 -20.08 -4.78
N LEU A 79 19.28 -18.82 -4.31
CA LEU A 79 20.57 -18.16 -4.08
C LEU A 79 20.79 -17.48 -2.74
N GLU A 80 21.91 -17.83 -2.11
CA GLU A 80 22.40 -17.23 -0.87
C GLU A 80 23.66 -16.35 -1.06
N ILE A 81 24.06 -16.12 -2.30
CA ILE A 81 25.31 -15.44 -2.60
C ILE A 81 25.45 -14.03 -2.10
N LYS A 82 26.64 -13.76 -1.59
CA LYS A 82 26.97 -12.43 -1.11
C LYS A 82 28.27 -11.96 -1.71
N LYS A 83 28.44 -10.65 -1.73
CA LYS A 83 29.64 -10.02 -2.21
C LYS A 83 30.76 -10.37 -1.26
N PRO A 84 32.03 -10.41 -1.72
CA PRO A 84 33.23 -10.85 -1.01
C PRO A 84 33.44 -10.15 0.34
N ASP A 85 32.84 -8.97 0.49
CA ASP A 85 32.85 -8.23 1.74
C ASP A 85 31.70 -8.62 2.66
N GLY A 86 30.96 -9.66 2.28
CA GLY A 86 29.81 -10.19 2.99
C GLY A 86 28.53 -9.40 2.72
N SER A 87 28.56 -8.45 1.78
CA SER A 87 27.35 -7.69 1.48
C SER A 87 26.29 -8.54 0.80
N GLU A 88 25.04 -8.25 1.08
CA GLU A 88 23.95 -8.96 0.43
C GLU A 88 24.01 -8.72 -1.06
N CYS A 89 23.69 -9.74 -1.85
CA CYS A 89 23.65 -9.53 -3.27
C CYS A 89 22.37 -10.08 -3.84
N LEU A 90 21.71 -9.25 -4.66
CA LEU A 90 20.41 -9.54 -5.25
C LEU A 90 19.41 -9.31 -4.14
N PRO A 91 18.30 -8.65 -4.39
CA PRO A 91 17.34 -8.38 -3.36
C PRO A 91 16.76 -9.66 -2.83
N ALA A 92 16.44 -9.66 -1.54
CA ALA A 92 15.71 -10.74 -0.93
C ALA A 92 14.34 -10.78 -1.53
N ALA A 93 13.74 -11.95 -1.66
CA ALA A 93 12.38 -11.90 -2.17
C ALA A 93 11.48 -11.03 -1.27
N PRO A 94 10.59 -10.22 -1.85
CA PRO A 94 9.52 -9.43 -1.26
C PRO A 94 8.42 -10.35 -0.73
N ASP A 95 7.66 -9.87 0.24
CA ASP A 95 6.61 -10.69 0.82
C ASP A 95 5.58 -11.12 -0.21
N GLY A 96 5.21 -12.39 -0.10
CA GLY A 96 4.27 -13.07 -0.99
C GLY A 96 4.99 -13.75 -2.15
N ILE A 97 6.30 -13.55 -2.27
CA ILE A 97 7.10 -14.28 -3.24
C ILE A 97 7.55 -15.60 -2.67
N ARG A 98 7.32 -16.66 -3.39
CA ARG A 98 7.77 -17.96 -2.95
C ARG A 98 8.17 -18.77 -4.16
N GLY A 99 8.96 -19.81 -3.92
CA GLY A 99 9.52 -20.59 -5.00
C GLY A 99 8.48 -21.33 -5.79
N PHE A 100 8.84 -21.65 -7.03
CA PHE A 100 7.93 -22.32 -7.91
C PHE A 100 7.54 -23.65 -7.25
N PRO A 101 6.25 -24.00 -7.27
CA PRO A 101 5.65 -25.17 -6.66
C PRO A 101 6.06 -26.55 -7.15
N ARG A 102 6.53 -26.65 -8.37
CA ARG A 102 6.78 -27.98 -8.90
C ARG A 102 8.12 -28.23 -9.55
N CYS A 103 9.17 -27.56 -9.11
CA CYS A 103 10.45 -27.89 -9.69
C CYS A 103 10.86 -29.25 -9.12
N ARG A 104 11.33 -30.17 -9.95
CA ARG A 104 11.77 -31.45 -9.41
C ARG A 104 13.18 -31.42 -8.87
N TYR A 105 14.00 -30.50 -9.35
CA TYR A 105 15.37 -30.40 -8.88
C TYR A 105 15.74 -28.97 -8.60
N VAL A 106 15.30 -28.43 -7.46
CA VAL A 106 15.70 -27.10 -7.13
C VAL A 106 17.13 -27.21 -6.74
N HIS A 107 17.94 -26.29 -7.19
CA HIS A 107 19.34 -26.27 -6.93
C HIS A 107 19.63 -25.09 -6.08
N LYS A 108 20.67 -25.13 -5.29
CA LYS A 108 20.92 -23.97 -4.47
C LYS A 108 22.33 -23.54 -4.51
N VAL A 109 22.56 -22.25 -4.37
CA VAL A 109 23.92 -21.79 -4.35
C VAL A 109 24.15 -20.91 -3.13
N SER A 110 25.36 -20.96 -2.62
CA SER A 110 25.80 -20.23 -1.44
C SER A 110 27.26 -19.90 -1.57
N GLY A 111 27.81 -19.11 -0.66
CA GLY A 111 29.19 -18.67 -0.79
C GLY A 111 29.26 -17.26 -1.37
N THR A 112 30.47 -16.75 -1.59
CA THR A 112 30.59 -15.38 -2.04
C THR A 112 31.51 -15.17 -3.21
N GLY A 113 31.34 -13.99 -3.79
CA GLY A 113 32.13 -13.46 -4.88
C GLY A 113 31.58 -12.12 -5.24
N PRO A 114 32.14 -11.44 -6.23
CA PRO A 114 31.80 -10.08 -6.64
C PRO A 114 30.33 -9.90 -6.93
N CYS A 115 29.68 -10.95 -7.40
CA CYS A 115 28.23 -11.00 -7.58
C CYS A 115 27.76 -9.77 -8.32
N ALA A 116 28.31 -9.55 -9.50
CA ALA A 116 28.06 -8.35 -10.27
C ALA A 116 26.60 -8.07 -10.53
N GLY A 117 26.30 -6.78 -10.58
CA GLY A 117 24.98 -6.25 -10.86
C GLY A 117 24.14 -6.15 -9.62
N ASP A 118 22.90 -5.71 -9.79
CA ASP A 118 22.02 -5.67 -8.64
C ASP A 118 20.67 -6.28 -8.94
N PHE A 119 20.21 -6.16 -10.20
CA PHE A 119 18.99 -6.84 -10.57
C PHE A 119 19.24 -8.02 -11.48
N ALA A 120 20.50 -8.43 -11.61
CA ALA A 120 20.90 -9.52 -12.49
C ALA A 120 20.30 -9.36 -13.89
N PHE A 121 19.09 -9.87 -14.07
CA PHE A 121 18.27 -9.88 -15.27
C PHE A 121 18.52 -11.17 -16.01
N HIS A 122 17.52 -11.72 -16.65
CA HIS A 122 17.78 -12.90 -17.43
C HIS A 122 18.32 -12.47 -18.77
N LYS A 123 19.36 -13.12 -19.27
CA LYS A 123 19.87 -12.70 -20.58
C LYS A 123 18.91 -12.86 -21.74
N GLU A 124 18.01 -13.84 -21.68
CA GLU A 124 17.01 -14.00 -22.72
C GLU A 124 15.80 -13.17 -22.43
N GLY A 125 15.80 -12.55 -21.25
CA GLY A 125 14.66 -11.85 -20.76
C GLY A 125 13.67 -12.86 -20.18
N ALA A 126 14.06 -14.15 -20.05
CA ALA A 126 13.09 -15.11 -19.54
C ALA A 126 12.70 -14.73 -18.13
N PHE A 127 11.44 -14.93 -17.80
CA PHE A 127 10.99 -14.65 -16.47
C PHE A 127 11.49 -15.64 -15.44
N PHE A 128 11.81 -15.14 -14.28
CA PHE A 128 12.03 -16.04 -13.19
C PHE A 128 10.60 -16.41 -12.80
N LEU A 129 10.32 -17.63 -12.40
CA LEU A 129 8.94 -17.95 -12.08
C LEU A 129 8.76 -18.24 -10.59
N TYR A 130 8.26 -17.26 -9.83
CA TYR A 130 8.10 -17.49 -8.41
C TYR A 130 6.65 -17.68 -8.07
N ASP A 131 6.23 -18.94 -7.99
CA ASP A 131 4.84 -19.20 -7.71
C ASP A 131 4.02 -18.51 -8.80
N ARG A 132 3.01 -17.73 -8.41
CA ARG A 132 2.18 -17.04 -9.37
C ARG A 132 2.72 -15.68 -9.83
N LEU A 133 3.91 -15.28 -9.39
CA LEU A 133 4.49 -14.03 -9.91
C LEU A 133 5.84 -14.25 -10.63
N ALA A 134 5.80 -14.01 -11.93
CA ALA A 134 6.96 -14.03 -12.81
C ALA A 134 7.86 -12.86 -12.47
N SER A 135 9.18 -12.96 -12.67
CA SER A 135 10.02 -11.83 -12.31
C SER A 135 11.12 -11.49 -13.30
N THR A 136 11.51 -10.22 -13.27
CA THR A 136 12.63 -9.76 -14.09
C THR A 136 13.96 -9.86 -13.35
N VAL A 137 13.89 -10.19 -12.06
CA VAL A 137 15.06 -10.26 -11.20
C VAL A 137 15.09 -11.50 -10.37
N ILE A 138 16.29 -11.92 -10.07
CA ILE A 138 16.50 -13.01 -9.16
C ILE A 138 16.35 -12.57 -7.72
N TYR A 139 15.49 -13.26 -7.00
CA TYR A 139 15.33 -13.03 -5.59
C TYR A 139 16.13 -14.00 -4.76
N ARG A 140 16.71 -13.51 -3.68
CA ARG A 140 17.46 -14.37 -2.79
C ARG A 140 16.58 -15.39 -2.10
N GLY A 141 17.16 -16.54 -1.81
CA GLY A 141 16.40 -17.50 -1.02
C GLY A 141 15.61 -18.43 -1.90
N THR A 142 14.39 -18.00 -2.15
CA THR A 142 13.37 -18.74 -2.86
C THR A 142 13.69 -19.12 -4.29
N THR A 143 13.12 -20.25 -4.72
CA THR A 143 13.38 -20.86 -6.01
C THR A 143 13.01 -20.00 -7.20
N PHE A 144 13.92 -19.95 -8.21
CA PHE A 144 13.72 -19.03 -9.31
C PHE A 144 12.84 -19.52 -10.42
N ALA A 145 13.14 -20.72 -10.92
CA ALA A 145 12.49 -21.35 -12.08
C ALA A 145 12.63 -20.45 -13.32
N GLU A 146 13.13 -20.97 -14.42
CA GLU A 146 13.23 -20.13 -15.61
C GLU A 146 12.08 -20.39 -16.55
N GLY A 147 11.54 -19.34 -17.16
CA GLY A 147 10.46 -19.57 -18.11
C GLY A 147 9.92 -18.32 -18.78
N VAL A 148 8.91 -18.51 -19.60
CA VAL A 148 8.25 -17.43 -20.32
C VAL A 148 6.74 -17.52 -20.17
N VAL A 149 6.06 -16.40 -20.30
CA VAL A 149 4.61 -16.43 -20.16
C VAL A 149 3.86 -16.46 -21.49
N ALA A 150 2.91 -17.38 -21.63
CA ALA A 150 2.06 -17.41 -22.82
C ALA A 150 0.69 -16.92 -22.45
N PHE A 151 0.08 -16.17 -23.33
CA PHE A 151 -1.26 -15.68 -23.06
C PHE A 151 -2.19 -16.28 -24.07
N LEU A 152 -3.16 -17.05 -23.61
CA LEU A 152 -4.06 -17.70 -24.53
C LEU A 152 -5.53 -17.58 -24.18
N ILE A 153 -6.38 -17.64 -25.19
CA ILE A 153 -7.81 -17.64 -24.98
C ILE A 153 -8.39 -19.03 -25.02
N LEU A 154 -8.87 -19.49 -23.87
CA LEU A 154 -9.55 -20.76 -23.79
C LEU A 154 -10.90 -20.73 -24.47
N PRO A 155 -11.31 -21.84 -25.08
CA PRO A 155 -12.65 -22.12 -25.61
C PRO A 155 -13.64 -22.09 -24.46
N PRO A 177 1.37 -38.15 -3.91
CA PRO A 177 1.20 -36.74 -4.22
C PRO A 177 2.21 -35.83 -3.54
N SER A 178 2.78 -36.25 -2.41
CA SER A 178 3.75 -35.40 -1.74
C SER A 178 5.03 -35.23 -2.55
N SER A 179 5.31 -36.20 -3.43
CA SER A 179 6.50 -36.17 -4.27
C SER A 179 6.45 -35.06 -5.28
N GLY A 180 5.26 -34.52 -5.52
CA GLY A 180 5.10 -33.46 -6.47
C GLY A 180 5.94 -32.26 -6.12
N TYR A 181 6.11 -32.01 -4.82
CA TYR A 181 6.99 -30.94 -4.41
C TYR A 181 8.19 -31.48 -3.62
N TYR A 182 8.10 -32.72 -3.11
CA TYR A 182 9.22 -33.24 -2.33
C TYR A 182 10.46 -33.56 -3.15
N SER A 183 10.33 -33.78 -4.45
CA SER A 183 11.54 -33.99 -5.22
C SER A 183 12.33 -32.70 -5.25
N THR A 184 13.66 -32.82 -5.22
CA THR A 184 14.61 -31.68 -5.29
C THR A 184 16.02 -32.10 -4.86
N THR A 185 17.02 -31.87 -5.72
CA THR A 185 18.40 -32.22 -5.39
C THR A 185 19.45 -31.16 -5.76
N ILE A 186 20.66 -31.35 -5.19
CA ILE A 186 21.91 -30.63 -5.51
C ILE A 186 22.10 -29.17 -5.03
N ARG A 187 22.68 -29.02 -3.83
CA ARG A 187 23.01 -27.71 -3.27
C ARG A 187 24.53 -27.54 -3.29
N TYR A 188 25.01 -26.35 -3.65
CA TYR A 188 26.44 -26.12 -3.80
C TYR A 188 27.00 -24.74 -3.46
N GLN A 189 28.29 -24.73 -3.14
CA GLN A 189 29.06 -23.53 -2.86
C GLN A 189 29.49 -22.83 -4.13
N ALA A 190 29.66 -21.51 -4.08
CA ALA A 190 30.20 -20.81 -5.23
C ALA A 190 31.53 -20.19 -4.91
N THR A 191 32.45 -20.25 -5.87
CA THR A 191 33.73 -19.57 -5.73
C THR A 191 33.70 -18.44 -6.71
N GLY A 192 33.43 -17.25 -6.19
CA GLY A 192 33.28 -16.06 -7.00
C GLY A 192 31.81 -15.97 -7.36
N PHE A 193 31.38 -14.88 -7.93
CA PHE A 193 30.03 -14.82 -8.42
C PHE A 193 29.85 -13.72 -9.45
N GLY A 194 28.79 -13.85 -10.26
CA GLY A 194 28.42 -12.88 -11.27
C GLY A 194 29.22 -13.03 -12.55
N THR A 195 30.00 -14.10 -12.63
CA THR A 195 30.80 -14.42 -13.78
C THR A 195 30.71 -15.89 -14.11
N ASN A 196 31.10 -16.24 -15.33
CA ASN A 196 31.04 -17.64 -15.69
C ASN A 196 32.36 -18.33 -15.36
N GLU A 197 33.26 -17.58 -14.71
CA GLU A 197 34.47 -18.13 -14.15
C GLU A 197 34.20 -18.77 -12.78
N THR A 198 32.97 -18.58 -12.26
CA THR A 198 32.60 -19.08 -10.95
C THR A 198 32.65 -20.59 -10.86
N GLU A 199 33.14 -21.10 -9.74
CA GLU A 199 33.18 -22.54 -9.54
C GLU A 199 31.99 -22.95 -8.69
N TYR A 200 31.32 -24.03 -9.05
CA TYR A 200 30.20 -24.50 -8.24
C TYR A 200 30.53 -25.83 -7.63
N LEU A 201 30.48 -25.94 -6.31
CA LEU A 201 30.85 -27.22 -5.74
C LEU A 201 29.77 -27.84 -4.89
N PHE A 202 29.33 -29.03 -5.30
CA PHE A 202 28.28 -29.74 -4.59
C PHE A 202 28.69 -30.06 -3.16
N GLU A 203 27.79 -29.86 -2.20
CA GLU A 203 28.18 -30.19 -0.85
C GLU A 203 27.50 -31.45 -0.35
N VAL A 204 28.31 -32.39 0.11
CA VAL A 204 27.81 -33.64 0.67
C VAL A 204 28.53 -33.99 1.94
N ASP A 205 27.80 -34.32 3.01
CA ASP A 205 28.41 -34.76 4.27
C ASP A 205 29.43 -33.74 4.78
N ASN A 206 29.09 -32.46 4.63
CA ASN A 206 29.95 -31.34 4.97
C ASN A 206 31.29 -31.40 4.25
N LEU A 207 31.28 -31.82 2.98
CA LEU A 207 32.46 -31.82 2.13
C LEU A 207 32.10 -31.04 0.90
N THR A 208 33.03 -30.28 0.37
CA THR A 208 32.72 -29.49 -0.81
C THR A 208 33.49 -29.99 -2.02
N TYR A 209 32.79 -30.64 -2.94
CA TYR A 209 33.43 -31.22 -4.13
C TYR A 209 32.45 -31.30 -5.30
N VAL A 210 32.95 -31.55 -6.52
CA VAL A 210 32.13 -31.66 -7.76
C VAL A 210 31.86 -30.31 -8.37
N GLN A 211 32.70 -29.93 -9.33
CA GLN A 211 32.63 -28.64 -10.01
C GLN A 211 31.38 -28.39 -10.86
N LEU A 212 30.61 -29.43 -11.15
CA LEU A 212 29.34 -29.33 -11.89
C LEU A 212 29.52 -28.64 -13.25
N GLU A 213 30.69 -28.73 -13.87
CA GLU A 213 30.91 -27.92 -15.06
C GLU A 213 30.02 -28.23 -16.26
N SER A 214 29.81 -29.50 -16.59
CA SER A 214 28.87 -29.78 -17.66
C SER A 214 28.33 -31.20 -17.69
N ARG A 215 27.20 -31.37 -18.37
CA ARG A 215 26.60 -32.67 -18.62
C ARG A 215 26.31 -33.51 -17.39
N PHE A 216 25.87 -32.91 -16.30
CA PHE A 216 25.56 -33.74 -15.16
C PHE A 216 24.11 -33.53 -14.78
N THR A 217 23.28 -34.57 -14.93
CA THR A 217 21.90 -34.46 -14.51
C THR A 217 21.90 -34.45 -12.99
N PRO A 218 20.86 -33.96 -12.34
CA PRO A 218 20.73 -33.93 -10.91
C PRO A 218 20.83 -35.35 -10.36
N GLN A 219 20.37 -36.33 -11.15
CA GLN A 219 20.49 -37.72 -10.77
C GLN A 219 21.90 -38.25 -10.99
N PHE A 220 22.61 -37.72 -12.01
CA PHE A 220 24.00 -38.07 -12.19
C PHE A 220 24.78 -37.66 -10.99
N LEU A 221 24.42 -36.51 -10.48
CA LEU A 221 25.03 -35.99 -9.30
C LEU A 221 24.59 -36.72 -8.04
N LEU A 222 23.31 -37.11 -7.99
CA LEU A 222 22.75 -37.83 -6.84
C LEU A 222 23.40 -39.18 -6.58
N GLN A 223 23.71 -39.90 -7.65
CA GLN A 223 24.36 -41.21 -7.54
C GLN A 223 25.80 -41.12 -7.04
N LEU A 224 26.37 -39.90 -7.00
CA LEU A 224 27.73 -39.70 -6.53
C LEU A 224 27.80 -39.92 -5.02
N ASN A 225 26.62 -40.03 -4.38
CA ASN A 225 26.58 -40.28 -2.96
C ASN A 225 26.85 -41.76 -2.66
N GLU A 226 27.17 -42.54 -3.70
CA GLU A 226 27.66 -43.90 -3.57
C GLU A 226 29.02 -43.92 -2.87
N THR A 227 29.67 -42.76 -2.80
CA THR A 227 30.94 -42.59 -2.14
C THR A 227 30.82 -42.17 -0.68
N ILE A 228 29.61 -41.96 -0.19
CA ILE A 228 29.48 -41.47 1.16
C ILE A 228 29.43 -42.60 2.16
N ALA B 1 -3.56 -19.91 -36.25
CA ALA B 1 -2.73 -20.62 -37.21
C ALA B 1 -1.27 -20.22 -37.09
N ILE B 2 -0.60 -20.61 -36.00
CA ILE B 2 0.81 -20.22 -35.86
C ILE B 2 1.78 -21.37 -35.79
N VAL B 3 3.00 -21.07 -36.23
CA VAL B 3 4.13 -21.97 -36.28
C VAL B 3 4.71 -22.32 -34.91
N ASN B 4 5.04 -23.59 -34.76
CA ASN B 4 5.66 -24.14 -33.56
C ASN B 4 7.08 -23.63 -33.33
N ALA B 5 7.47 -23.50 -32.07
CA ALA B 5 8.81 -23.01 -31.77
C ALA B 5 9.87 -23.90 -32.41
N GLN B 6 10.96 -23.30 -32.88
CA GLN B 6 12.03 -24.10 -33.46
C GLN B 6 13.01 -24.75 -32.46
N PRO B 7 12.97 -24.40 -31.15
CA PRO B 7 13.65 -25.13 -30.09
C PRO B 7 13.07 -26.51 -29.97
N LYS B 8 13.83 -27.46 -29.47
CA LYS B 8 13.22 -28.76 -29.36
C LYS B 8 12.27 -28.69 -28.20
N CYS B 9 10.99 -28.67 -28.53
CA CYS B 9 9.93 -28.59 -27.56
C CYS B 9 9.75 -29.88 -26.79
N ASN B 10 9.50 -29.78 -25.48
CA ASN B 10 9.18 -30.98 -24.74
C ASN B 10 7.71 -31.29 -25.02
N PRO B 11 7.41 -32.46 -25.60
CA PRO B 11 6.09 -32.94 -26.01
C PRO B 11 5.05 -33.09 -24.91
N ASN B 12 5.49 -33.17 -23.66
CA ASN B 12 4.55 -33.33 -22.57
C ASN B 12 4.59 -32.16 -21.60
N LEU B 13 3.44 -31.69 -21.13
CA LEU B 13 3.48 -30.66 -20.11
C LEU B 13 2.97 -31.20 -18.83
N HIS B 14 3.84 -31.81 -18.03
CA HIS B 14 3.35 -32.19 -16.74
C HIS B 14 3.07 -30.84 -16.14
N TYR B 15 1.89 -30.60 -15.59
CA TYR B 15 1.63 -29.25 -15.15
C TYR B 15 0.82 -29.17 -13.89
N TRP B 16 0.86 -28.01 -13.28
CA TRP B 16 0.08 -27.80 -12.09
C TRP B 16 -0.64 -26.48 -12.17
N THR B 17 -1.75 -26.43 -11.45
CA THR B 17 -2.55 -25.23 -11.34
C THR B 17 -3.00 -25.00 -9.92
N THR B 18 -3.43 -23.79 -9.62
CA THR B 18 -3.98 -23.54 -8.30
C THR B 18 -5.44 -23.88 -8.28
N GLN B 19 -6.02 -24.14 -9.45
CA GLN B 19 -7.42 -24.44 -9.50
C GLN B 19 -7.73 -25.78 -8.83
N ASP B 20 -8.85 -25.78 -8.14
CA ASP B 20 -9.44 -26.95 -7.53
C ASP B 20 -10.92 -26.66 -7.45
N GLU B 21 -11.69 -27.04 -8.47
CA GLU B 21 -13.10 -26.69 -8.45
C GLU B 21 -13.87 -27.32 -7.30
N GLY B 22 -14.80 -26.54 -6.76
CA GLY B 22 -15.72 -26.99 -5.73
C GLY B 22 -15.13 -26.95 -4.32
N ALA B 23 -15.92 -27.44 -3.38
CA ALA B 23 -15.52 -27.63 -1.98
C ALA B 23 -16.33 -28.80 -1.46
N ALA B 24 -15.74 -30.00 -1.49
CA ALA B 24 -16.50 -31.19 -1.07
C ALA B 24 -17.07 -31.02 0.33
N ILE B 25 -16.32 -30.37 1.20
CA ILE B 25 -16.81 -30.04 2.52
C ILE B 25 -16.54 -28.57 2.81
N GLY B 26 -17.42 -27.96 3.60
CA GLY B 26 -17.23 -26.56 3.95
C GLY B 26 -15.95 -26.33 4.73
N LEU B 27 -15.48 -27.36 5.42
CA LEU B 27 -14.24 -27.23 6.14
C LEU B 27 -13.09 -27.00 5.19
N ALA B 28 -13.17 -27.54 3.97
CA ALA B 28 -12.09 -27.32 3.02
C ALA B 28 -12.04 -25.85 2.73
N TRP B 29 -13.23 -25.27 2.59
CA TRP B 29 -13.38 -23.84 2.45
C TRP B 29 -12.93 -22.96 3.59
N ILE B 30 -13.06 -23.43 4.82
CA ILE B 30 -12.70 -22.57 5.94
C ILE B 30 -11.19 -22.51 6.10
N PRO B 31 -10.58 -21.31 6.18
CA PRO B 31 -9.15 -21.06 6.33
C PRO B 31 -8.56 -21.76 7.53
N TYR B 32 -9.36 -21.89 8.56
CA TYR B 32 -8.97 -22.60 9.75
C TYR B 32 -8.68 -24.05 9.48
N PHE B 33 -9.44 -24.62 8.57
CA PHE B 33 -9.31 -25.99 8.18
C PHE B 33 -8.67 -26.12 6.82
N GLY B 34 -8.06 -25.04 6.33
CA GLY B 34 -7.50 -25.04 5.00
C GLY B 34 -6.30 -25.98 4.88
N PRO B 35 -6.04 -26.42 3.65
CA PRO B 35 -4.97 -27.28 3.21
C PRO B 35 -3.64 -26.60 3.42
N ALA B 36 -2.59 -27.40 3.54
CA ALA B 36 -1.25 -26.85 3.59
C ALA B 36 -1.11 -26.06 2.31
N ALA B 37 -0.33 -25.00 2.31
CA ALA B 37 -0.33 -24.12 1.13
C ALA B 37 -0.09 -24.85 -0.18
N GLU B 38 0.78 -25.86 -0.19
CA GLU B 38 0.98 -26.61 -1.42
C GLU B 38 -0.21 -27.48 -1.82
N GLY B 39 -1.11 -27.73 -0.90
CA GLY B 39 -2.27 -28.55 -1.16
C GLY B 39 -3.27 -27.89 -2.09
N ILE B 40 -3.17 -26.58 -2.26
CA ILE B 40 -4.12 -25.92 -3.15
C ILE B 40 -3.87 -26.32 -4.59
N TYR B 41 -2.64 -26.72 -4.87
CA TYR B 41 -2.26 -27.03 -6.21
C TYR B 41 -2.89 -28.33 -6.68
N THR B 42 -3.19 -28.42 -7.97
CA THR B 42 -3.65 -29.67 -8.53
C THR B 42 -2.83 -29.90 -9.78
N GLU B 43 -2.79 -31.13 -10.26
CA GLU B 43 -1.93 -31.43 -11.40
C GLU B 43 -2.42 -32.52 -12.32
N GLY B 44 -1.83 -32.53 -13.51
CA GLY B 44 -2.11 -33.50 -14.56
C GLY B 44 -1.10 -33.24 -15.66
N LEU B 45 -1.12 -34.00 -16.74
CA LEU B 45 -0.11 -33.76 -17.76
C LEU B 45 -0.67 -33.60 -19.15
N MET B 46 -0.31 -32.50 -19.81
CA MET B 46 -0.73 -32.26 -21.17
C MET B 46 0.00 -33.13 -22.15
N HIS B 47 -0.66 -33.44 -23.23
CA HIS B 47 -0.06 -34.17 -24.31
C HIS B 47 -0.14 -33.24 -25.46
N ASN B 48 0.77 -33.35 -26.41
CA ASN B 48 0.78 -32.37 -27.48
C ASN B 48 -0.26 -32.62 -28.53
N GLN B 49 -1.52 -32.54 -28.13
CA GLN B 49 -2.55 -32.80 -29.08
C GLN B 49 -2.60 -31.64 -30.00
N ASP B 50 -2.77 -31.97 -31.26
CA ASP B 50 -2.85 -31.04 -32.35
C ASP B 50 -1.63 -30.14 -32.46
N GLY B 51 -0.50 -30.54 -31.86
CA GLY B 51 0.71 -29.77 -32.02
C GLY B 51 0.74 -28.50 -31.14
N LEU B 52 -0.24 -28.35 -30.27
CA LEU B 52 -0.39 -27.12 -29.52
C LEU B 52 0.70 -26.75 -28.54
N ILE B 53 1.40 -27.71 -27.95
CA ILE B 53 2.38 -27.35 -26.95
C ILE B 53 3.57 -26.59 -27.48
N CYS B 54 4.13 -27.04 -28.60
CA CYS B 54 5.26 -26.32 -29.13
C CYS B 54 4.83 -25.00 -29.71
N GLY B 55 3.60 -24.94 -30.23
CA GLY B 55 3.10 -23.65 -30.70
C GLY B 55 2.95 -22.71 -29.53
N LEU B 56 2.57 -23.27 -28.37
CA LEU B 56 2.44 -22.50 -27.17
C LEU B 56 3.75 -21.94 -26.71
N ARG B 57 4.82 -22.74 -26.87
CA ARG B 57 6.11 -22.25 -26.47
C ARG B 57 6.51 -21.07 -27.34
N GLN B 58 6.18 -21.14 -28.63
CA GLN B 58 6.47 -20.04 -29.50
C GLN B 58 5.58 -18.86 -29.22
N LEU B 59 4.35 -19.13 -28.80
CA LEU B 59 3.46 -18.06 -28.45
C LEU B 59 4.03 -17.26 -27.33
N ALA B 60 4.55 -17.95 -26.32
CA ALA B 60 5.18 -17.27 -25.22
C ALA B 60 6.40 -16.55 -25.65
N ASN B 61 7.17 -17.17 -26.53
CA ASN B 61 8.42 -16.58 -26.92
C ASN B 61 8.21 -15.25 -27.61
N GLU B 62 7.31 -15.26 -28.58
CA GLU B 62 7.00 -14.04 -29.30
C GLU B 62 6.32 -13.01 -28.45
N THR B 63 5.38 -13.47 -27.63
CA THR B 63 4.60 -12.57 -26.81
C THR B 63 5.41 -11.86 -25.77
N THR B 64 6.48 -12.50 -25.29
CA THR B 64 7.28 -11.86 -24.28
C THR B 64 8.02 -10.65 -24.78
N GLN B 65 8.23 -10.51 -26.10
CA GLN B 65 8.89 -9.30 -26.49
C GLN B 65 8.03 -8.11 -26.20
N ALA B 66 6.75 -8.23 -26.57
CA ALA B 66 5.81 -7.18 -26.30
C ALA B 66 5.55 -7.02 -24.84
N LEU B 67 5.49 -8.15 -24.13
CA LEU B 67 5.17 -8.10 -22.73
C LEU B 67 6.15 -7.38 -21.89
N GLN B 68 7.42 -7.71 -22.04
CA GLN B 68 8.36 -7.03 -21.22
C GLN B 68 8.52 -5.60 -21.58
N LEU B 69 8.37 -5.25 -22.86
CA LEU B 69 8.44 -3.84 -23.21
C LEU B 69 7.35 -3.08 -22.50
N PHE B 70 6.17 -3.70 -22.46
CA PHE B 70 5.07 -3.16 -21.72
C PHE B 70 5.34 -3.07 -20.24
N LEU B 71 5.93 -4.13 -19.69
CA LEU B 71 6.21 -4.14 -18.28
C LEU B 71 7.17 -3.06 -17.90
N ARG B 72 8.11 -2.75 -18.80
CA ARG B 72 9.01 -1.67 -18.52
C ARG B 72 8.25 -0.36 -18.44
N ALA B 73 7.24 -0.19 -19.32
CA ALA B 73 6.39 0.99 -19.29
C ALA B 73 5.40 1.06 -18.13
N THR B 74 5.15 -0.07 -17.46
CA THR B 74 4.21 -0.05 -16.33
C THR B 74 4.73 0.69 -15.14
N THR B 75 3.83 1.21 -14.32
CA THR B 75 4.25 1.84 -13.09
C THR B 75 3.93 0.97 -11.87
N GLU B 76 3.05 -0.03 -12.04
CA GLU B 76 2.76 -0.95 -10.95
C GLU B 76 3.95 -1.82 -10.65
N LEU B 77 4.21 -2.09 -9.39
CA LEU B 77 5.30 -3.00 -9.06
C LEU B 77 5.08 -4.46 -9.44
N ARG B 78 3.90 -4.98 -9.12
CA ARG B 78 3.64 -6.39 -9.33
C ARG B 78 2.70 -6.73 -10.47
N THR B 79 2.32 -5.73 -11.26
CA THR B 79 1.48 -5.88 -12.44
C THR B 79 0.50 -7.07 -12.32
N PHE B 80 -0.43 -6.96 -11.36
CA PHE B 80 -1.41 -8.01 -11.10
C PHE B 80 -2.47 -8.20 -12.17
N SER B 81 -2.58 -7.28 -13.11
CA SER B 81 -3.60 -7.41 -14.12
C SER B 81 -3.03 -7.15 -15.48
N ILE B 82 -3.78 -7.58 -16.48
CA ILE B 82 -3.40 -7.58 -17.87
C ILE B 82 -4.50 -8.24 -18.66
N LEU B 83 -4.75 -9.51 -18.40
CA LEU B 83 -5.79 -10.24 -19.08
C LEU B 83 -7.13 -9.59 -18.88
N ASN B 84 -7.30 -8.95 -17.74
CA ASN B 84 -8.54 -8.28 -17.46
C ASN B 84 -8.67 -7.13 -18.41
N ARG B 85 -7.56 -6.43 -18.61
CA ARG B 85 -7.54 -5.35 -19.57
C ARG B 85 -7.79 -5.87 -20.96
N LYS B 86 -7.26 -7.05 -21.24
CA LYS B 86 -7.49 -7.62 -22.54
C LYS B 86 -8.94 -7.97 -22.76
N ALA B 87 -9.64 -8.38 -21.71
CA ALA B 87 -11.06 -8.62 -21.84
C ALA B 87 -11.79 -7.32 -22.09
N ILE B 88 -11.28 -6.25 -21.50
CA ILE B 88 -11.87 -4.96 -21.74
C ILE B 88 -11.69 -4.55 -23.17
N ASP B 89 -10.49 -4.80 -23.71
CA ASP B 89 -10.29 -4.46 -25.09
C ASP B 89 -10.92 -5.42 -26.03
N PHE B 90 -11.25 -6.63 -25.57
CA PHE B 90 -12.00 -7.48 -26.43
C PHE B 90 -13.31 -6.81 -26.70
N LEU B 91 -13.94 -6.36 -25.64
CA LEU B 91 -15.20 -5.70 -25.77
C LEU B 91 -15.10 -4.37 -26.48
N LEU B 92 -14.02 -3.62 -26.23
CA LEU B 92 -13.89 -2.37 -26.92
C LEU B 92 -13.71 -2.55 -28.40
N GLN B 93 -13.09 -3.65 -28.79
CA GLN B 93 -12.98 -3.91 -30.20
C GLN B 93 -14.24 -4.56 -30.76
N ARG B 94 -15.12 -5.04 -29.87
CA ARG B 94 -16.42 -5.50 -30.33
C ARG B 94 -17.41 -4.38 -30.45
N TRP B 95 -17.14 -3.22 -29.85
CA TRP B 95 -18.17 -2.22 -29.83
C TRP B 95 -17.77 -0.81 -30.31
N GLY B 96 -18.81 -0.09 -30.73
CA GLY B 96 -18.76 1.29 -31.23
C GLY B 96 -18.61 1.40 -32.75
N GLY B 97 -18.39 0.27 -33.42
CA GLY B 97 -18.45 0.23 -34.87
C GLY B 97 -19.91 0.35 -35.26
N THR B 98 -20.22 0.77 -36.49
CA THR B 98 -21.63 0.75 -36.84
C THR B 98 -22.03 -0.72 -36.90
N CYS B 99 -23.26 -1.03 -36.54
CA CYS B 99 -23.64 -2.43 -36.58
C CYS B 99 -25.13 -2.71 -36.51
N HIS B 100 -25.80 -2.86 -37.66
CA HIS B 100 -27.18 -3.30 -37.62
C HIS B 100 -27.19 -4.77 -37.98
N ILE B 101 -27.14 -5.06 -39.28
CA ILE B 101 -26.99 -6.40 -39.77
C ILE B 101 -25.76 -6.48 -40.65
N LEU B 102 -25.66 -5.51 -41.55
CA LEU B 102 -24.61 -5.42 -42.55
C LEU B 102 -23.18 -5.40 -42.05
N GLY B 103 -22.91 -4.73 -40.94
CA GLY B 103 -21.55 -4.67 -40.43
C GLY B 103 -21.11 -6.04 -39.94
N PRO B 104 -19.79 -6.32 -39.98
CA PRO B 104 -19.11 -7.55 -39.59
C PRO B 104 -18.94 -7.65 -38.08
N ASP B 105 -20.02 -7.47 -37.36
CA ASP B 105 -19.97 -7.51 -35.92
C ASP B 105 -21.34 -7.89 -35.36
N CYS B 106 -21.37 -8.02 -34.05
CA CYS B 106 -22.54 -8.30 -33.22
C CYS B 106 -23.14 -9.68 -33.45
N CYS B 107 -22.43 -10.56 -34.17
CA CYS B 107 -22.86 -11.93 -34.41
C CYS B 107 -24.29 -11.98 -34.87
N ILE B 108 -24.61 -11.20 -35.89
CA ILE B 108 -25.99 -11.09 -36.29
C ILE B 108 -26.54 -12.36 -36.93
N GLU B 109 -27.68 -12.77 -36.41
CA GLU B 109 -28.49 -13.89 -36.87
C GLU B 109 -29.12 -13.56 -38.22
N PRO B 110 -29.37 -14.55 -39.08
CA PRO B 110 -30.01 -14.37 -40.37
C PRO B 110 -31.41 -13.78 -40.16
N HIS B 111 -31.87 -13.02 -41.14
CA HIS B 111 -33.16 -12.37 -41.02
C HIS B 111 -34.32 -13.35 -41.11
N ASP B 112 -35.29 -13.18 -40.23
CA ASP B 112 -36.49 -14.00 -40.22
C ASP B 112 -37.64 -13.39 -41.02
N TRP B 113 -38.64 -14.22 -41.32
CA TRP B 113 -39.84 -13.76 -42.01
C TRP B 113 -41.10 -14.38 -41.42
N GLU C 1 21.66 -43.60 -21.19
CA GLU C 1 21.00 -43.65 -22.47
C GLU C 1 19.79 -44.52 -22.41
N VAL C 2 18.77 -44.12 -23.14
CA VAL C 2 17.53 -44.84 -23.15
C VAL C 2 17.60 -46.08 -24.03
N GLN C 3 17.17 -47.19 -23.45
CA GLN C 3 17.04 -48.45 -24.15
C GLN C 3 15.78 -49.11 -23.61
N LEU C 4 15.15 -49.95 -24.40
CA LEU C 4 13.96 -50.61 -23.92
C LEU C 4 14.17 -52.13 -23.94
N GLN C 5 13.65 -52.83 -22.93
CA GLN C 5 13.90 -54.27 -22.84
C GLN C 5 12.66 -55.16 -22.97
N GLU C 6 12.83 -56.28 -23.67
CA GLU C 6 11.79 -57.28 -23.87
C GLU C 6 12.35 -58.69 -24.03
N SER C 7 11.53 -59.67 -23.67
CA SER C 7 11.76 -61.11 -23.81
C SER C 7 11.83 -61.51 -25.29
N GLY C 8 12.47 -62.63 -25.58
CA GLY C 8 12.61 -63.11 -26.95
C GLY C 8 11.25 -63.50 -27.56
N PRO C 9 11.17 -63.62 -28.90
CA PRO C 9 10.00 -63.90 -29.72
C PRO C 9 9.36 -65.22 -29.34
N GLU C 10 8.05 -65.31 -29.57
CA GLU C 10 7.35 -66.52 -29.19
C GLU C 10 6.18 -66.83 -30.09
N LEU C 11 5.88 -68.12 -30.20
CA LEU C 11 4.76 -68.61 -30.99
C LEU C 11 3.64 -69.05 -30.08
N GLU C 12 2.41 -68.68 -30.43
CA GLU C 12 1.25 -68.98 -29.60
C GLU C 12 0.13 -69.64 -30.37
N MET C 13 -0.72 -70.37 -29.66
CA MET C 13 -1.92 -70.93 -30.26
C MET C 13 -2.90 -69.79 -30.59
N PRO C 14 -3.76 -69.94 -31.59
CA PRO C 14 -4.71 -68.93 -31.98
C PRO C 14 -5.68 -68.62 -30.84
N GLY C 15 -6.11 -67.38 -30.82
CA GLY C 15 -6.99 -66.79 -29.82
C GLY C 15 -6.18 -66.36 -28.59
N ALA C 16 -4.86 -66.49 -28.66
CA ALA C 16 -3.95 -66.07 -27.62
C ALA C 16 -4.01 -64.61 -27.30
N SER C 17 -3.69 -64.29 -26.07
CA SER C 17 -3.49 -62.91 -25.73
C SER C 17 -2.10 -62.89 -25.17
N VAL C 18 -1.39 -61.79 -25.32
CA VAL C 18 -0.02 -61.75 -24.85
C VAL C 18 0.31 -60.51 -24.09
N LYS C 19 0.83 -60.64 -22.90
CA LYS C 19 1.16 -59.42 -22.21
C LYS C 19 2.58 -59.03 -22.52
N ILE C 20 2.67 -58.12 -23.48
CA ILE C 20 3.91 -57.53 -23.95
C ILE C 20 4.51 -56.67 -22.85
N SER C 21 5.81 -56.75 -22.64
CA SER C 21 6.41 -55.94 -21.60
C SER C 21 7.55 -55.10 -22.11
N CYS C 22 7.71 -53.92 -21.53
CA CYS C 22 8.79 -53.06 -21.92
C CYS C 22 9.47 -52.46 -20.73
N LYS C 23 10.79 -52.56 -20.64
CA LYS C 23 11.44 -51.91 -19.51
C LYS C 23 12.47 -50.88 -19.91
N ALA C 24 12.35 -49.70 -19.32
CA ALA C 24 13.27 -48.60 -19.53
C ALA C 24 14.68 -48.91 -19.04
N SER C 25 15.69 -48.36 -19.72
CA SER C 25 17.06 -48.46 -19.21
C SER C 25 17.39 -47.36 -18.19
N GLY C 26 16.43 -46.50 -17.86
CA GLY C 26 16.66 -45.51 -16.82
C GLY C 26 15.44 -44.64 -16.52
N SER C 27 15.63 -43.76 -15.54
CA SER C 27 14.62 -42.85 -14.97
C SER C 27 13.93 -41.90 -15.91
N SER C 28 14.55 -41.63 -17.06
CA SER C 28 13.99 -40.70 -18.03
C SER C 28 12.59 -41.09 -18.48
N PHE C 29 12.27 -42.38 -18.35
CA PHE C 29 10.97 -42.89 -18.74
C PHE C 29 9.85 -42.22 -17.99
N THR C 30 10.10 -41.66 -16.80
CA THR C 30 8.99 -41.14 -16.03
C THR C 30 8.28 -39.98 -16.69
N GLY C 31 8.96 -39.22 -17.56
CA GLY C 31 8.24 -38.18 -18.28
C GLY C 31 7.90 -38.58 -19.72
N PHE C 32 8.30 -39.79 -20.12
CA PHE C 32 8.12 -40.22 -21.50
C PHE C 32 6.72 -40.48 -22.00
N SER C 33 5.83 -40.96 -21.15
CA SER C 33 4.49 -41.34 -21.62
C SER C 33 4.63 -42.14 -22.92
N MET C 34 5.19 -43.35 -22.76
CA MET C 34 5.65 -44.20 -23.84
C MET C 34 4.62 -44.63 -24.85
N ASN C 35 5.09 -44.79 -26.08
CA ASN C 35 4.31 -45.14 -27.25
C ASN C 35 4.58 -46.54 -27.70
N TRP C 36 3.56 -47.20 -28.23
CA TRP C 36 3.75 -48.53 -28.76
C TRP C 36 3.46 -48.44 -30.25
N VAL C 37 4.27 -49.11 -31.07
CA VAL C 37 4.04 -49.17 -32.53
C VAL C 37 4.19 -50.62 -33.04
N LYS C 38 3.67 -50.93 -34.22
CA LYS C 38 3.75 -52.31 -34.73
C LYS C 38 4.14 -52.48 -36.19
N GLN C 39 4.88 -53.55 -36.50
CA GLN C 39 5.15 -53.92 -37.89
C GLN C 39 4.55 -55.27 -38.23
N SER C 40 3.27 -55.32 -38.61
CA SER C 40 2.75 -56.64 -38.91
C SER C 40 3.44 -57.16 -40.12
N ASN C 41 3.99 -58.34 -39.99
CA ASN C 41 4.66 -59.01 -41.09
C ASN C 41 5.71 -58.10 -41.77
N GLY C 42 6.43 -57.28 -41.01
CA GLY C 42 7.45 -56.39 -41.59
C GLY C 42 6.88 -55.11 -42.25
N LYS C 43 5.58 -54.87 -42.06
CA LYS C 43 4.84 -53.72 -42.57
C LYS C 43 5.33 -52.41 -41.99
N SER C 44 5.17 -51.32 -42.76
CA SER C 44 5.53 -50.02 -42.23
C SER C 44 4.74 -49.82 -40.95
N LEU C 45 5.31 -49.08 -40.02
CA LEU C 45 4.73 -49.01 -38.69
C LEU C 45 3.34 -48.46 -38.57
N GLU C 46 2.62 -49.06 -37.63
CA GLU C 46 1.30 -48.59 -37.22
C GLU C 46 1.41 -48.10 -35.80
N TRP C 47 0.91 -46.89 -35.52
CA TRP C 47 0.94 -46.49 -34.14
C TRP C 47 -0.03 -47.37 -33.39
N ILE C 48 0.32 -47.78 -32.19
CA ILE C 48 -0.59 -48.60 -31.43
C ILE C 48 -1.27 -47.87 -30.30
N GLY C 49 -0.47 -47.21 -29.48
CA GLY C 49 -1.06 -46.50 -28.35
C GLY C 49 0.00 -45.88 -27.48
N ASN C 50 -0.41 -45.30 -26.36
CA ASN C 50 0.59 -44.85 -25.41
C ASN C 50 0.09 -44.93 -24.00
N ILE C 51 1.02 -44.89 -23.06
CA ILE C 51 0.70 -44.95 -21.65
C ILE C 51 1.41 -43.84 -20.94
N ASP C 52 0.70 -43.04 -20.16
CA ASP C 52 1.38 -41.99 -19.44
C ASP C 52 2.28 -42.63 -18.43
N THR C 53 3.52 -42.19 -18.37
CA THR C 53 4.44 -42.82 -17.45
C THR C 53 4.40 -42.30 -16.04
N TYR C 54 3.63 -41.24 -15.80
CA TYR C 54 3.52 -40.78 -14.45
C TYR C 54 2.17 -41.17 -13.88
N TYR C 55 1.10 -40.96 -14.66
CA TYR C 55 -0.24 -41.27 -14.19
C TYR C 55 -0.83 -42.56 -14.72
N GLY C 56 -0.23 -43.17 -15.73
CA GLY C 56 -0.74 -44.42 -16.26
C GLY C 56 -1.95 -44.25 -17.20
N GLY C 57 -2.30 -43.01 -17.57
CA GLY C 57 -3.43 -42.80 -18.46
C GLY C 57 -3.09 -43.34 -19.83
N THR C 58 -4.05 -43.76 -20.62
CA THR C 58 -3.65 -44.28 -21.91
C THR C 58 -4.47 -43.76 -23.06
N THR C 59 -3.90 -43.89 -24.25
CA THR C 59 -4.61 -43.63 -25.49
C THR C 59 -4.28 -44.76 -26.43
N TYR C 60 -5.06 -44.91 -27.48
CA TYR C 60 -4.82 -45.99 -28.40
C TYR C 60 -5.19 -45.64 -29.83
N ASN C 61 -4.65 -46.39 -30.75
CA ASN C 61 -5.01 -46.27 -32.14
C ASN C 61 -6.28 -47.04 -32.33
N GLN C 62 -7.36 -46.38 -32.70
CA GLN C 62 -8.62 -47.08 -32.87
C GLN C 62 -8.60 -48.05 -34.05
N LYS C 63 -7.58 -47.91 -34.91
CA LYS C 63 -7.40 -48.79 -36.04
C LYS C 63 -6.77 -50.10 -35.62
N PHE C 64 -6.24 -50.15 -34.39
CA PHE C 64 -5.68 -51.39 -33.92
C PHE C 64 -6.82 -52.11 -33.24
N LYS C 65 -7.19 -53.25 -33.80
CA LYS C 65 -8.39 -53.88 -33.32
C LYS C 65 -8.19 -54.62 -32.02
N GLY C 66 -9.18 -54.42 -31.16
CA GLY C 66 -9.25 -54.96 -29.81
C GLY C 66 -8.36 -54.09 -28.92
N LYS C 67 -7.85 -53.00 -29.49
CA LYS C 67 -6.92 -52.10 -28.85
C LYS C 67 -5.83 -52.96 -28.22
N ALA C 68 -5.47 -52.68 -26.99
CA ALA C 68 -4.57 -53.53 -26.26
C ALA C 68 -4.79 -53.28 -24.81
N THR C 69 -4.44 -54.22 -23.95
CA THR C 69 -4.53 -53.84 -22.56
C THR C 69 -3.33 -52.95 -22.38
N LEU C 70 -3.47 -51.83 -21.71
CA LEU C 70 -2.28 -51.05 -21.49
C LEU C 70 -2.12 -50.76 -20.02
N THR C 71 -0.96 -51.12 -19.47
CA THR C 71 -0.72 -50.88 -18.05
C THR C 71 0.67 -50.33 -17.82
N VAL C 72 0.88 -49.78 -16.64
CA VAL C 72 2.21 -49.29 -16.31
C VAL C 72 2.60 -49.74 -14.92
N ASP C 73 3.88 -49.93 -14.73
CA ASP C 73 4.43 -50.20 -13.44
C ASP C 73 5.62 -49.32 -13.26
N LYS C 74 5.35 -48.08 -12.89
CA LYS C 74 6.38 -47.09 -12.75
C LYS C 74 7.45 -47.51 -11.74
N SER C 75 7.06 -48.23 -10.69
CA SER C 75 8.06 -48.69 -9.73
C SER C 75 9.07 -49.66 -10.34
N SER C 76 8.65 -50.41 -11.37
CA SER C 76 9.54 -51.32 -12.08
C SER C 76 10.17 -50.70 -13.31
N SER C 77 9.91 -49.41 -13.56
CA SER C 77 10.35 -48.75 -14.78
C SER C 77 9.87 -49.54 -16.00
N THR C 78 8.67 -50.11 -15.89
CA THR C 78 8.16 -51.02 -16.91
C THR C 78 6.73 -50.67 -17.31
N ALA C 79 6.33 -51.10 -18.50
CA ALA C 79 4.99 -50.87 -19.00
C ALA C 79 4.56 -52.04 -19.86
N TYR C 80 3.25 -52.21 -20.02
CA TYR C 80 2.79 -53.37 -20.74
C TYR C 80 1.71 -53.09 -21.76
N MET C 81 1.66 -53.98 -22.73
CA MET C 81 0.66 -53.97 -23.77
C MET C 81 0.10 -55.37 -23.90
N GLN C 82 -1.20 -55.55 -24.05
CA GLN C 82 -1.63 -56.93 -24.24
C GLN C 82 -2.29 -57.16 -25.57
N LEU C 83 -1.76 -58.13 -26.29
CA LEU C 83 -2.30 -58.57 -27.55
C LEU C 83 -3.57 -59.32 -27.31
N LYS C 84 -4.53 -59.24 -28.21
CA LYS C 84 -5.76 -59.97 -27.97
C LYS C 84 -6.20 -60.77 -29.19
N SER C 85 -6.85 -61.92 -28.95
CA SER C 85 -7.45 -62.75 -30.01
C SER C 85 -6.50 -63.00 -31.18
N LEU C 86 -5.28 -63.38 -30.89
CA LEU C 86 -4.28 -63.51 -31.92
C LEU C 86 -4.48 -64.60 -32.96
N THR C 87 -4.08 -64.29 -34.18
CA THR C 87 -4.11 -65.23 -35.30
C THR C 87 -2.76 -65.14 -35.98
N SER C 88 -2.41 -66.10 -36.83
CA SER C 88 -1.10 -66.08 -37.48
C SER C 88 -0.86 -64.82 -38.32
N GLU C 89 -1.93 -64.23 -38.83
CA GLU C 89 -1.84 -63.01 -39.61
C GLU C 89 -1.48 -61.79 -38.77
N ASP C 90 -1.58 -61.94 -37.45
CA ASP C 90 -1.25 -60.89 -36.53
C ASP C 90 0.20 -60.94 -36.13
N SER C 91 1.00 -61.81 -36.76
CA SER C 91 2.37 -61.85 -36.32
C SER C 91 2.98 -60.48 -36.59
N ALA C 92 3.74 -59.98 -35.64
CA ALA C 92 4.33 -58.68 -35.87
C ALA C 92 5.50 -58.40 -35.03
N VAL C 93 6.33 -57.48 -35.47
CA VAL C 93 7.34 -57.05 -34.56
C VAL C 93 6.61 -56.08 -33.65
N TYR C 94 6.75 -56.25 -32.34
CA TYR C 94 6.02 -55.32 -31.48
C TYR C 94 6.95 -54.40 -30.74
N TYR C 95 6.80 -53.12 -31.02
CA TYR C 95 7.66 -52.10 -30.47
C TYR C 95 7.11 -51.36 -29.29
N CYS C 96 7.90 -51.25 -28.25
CA CYS C 96 7.55 -50.32 -27.20
C CYS C 96 8.30 -49.00 -27.42
N ALA C 97 8.89 -48.85 -28.61
CA ALA C 97 9.64 -47.67 -29.00
C ALA C 97 8.82 -46.43 -28.87
N ARG C 98 9.43 -45.34 -28.50
CA ARG C 98 8.66 -44.13 -28.30
C ARG C 98 8.89 -43.13 -29.39
N SER C 99 7.81 -42.86 -30.08
CA SER C 99 7.87 -41.92 -31.16
C SER C 99 7.54 -40.55 -30.63
N ALA C 100 8.58 -39.85 -30.20
CA ALA C 100 8.45 -38.50 -29.67
C ALA C 100 7.88 -37.52 -30.67
N TYR C 101 7.09 -36.56 -30.19
CA TYR C 101 6.63 -35.50 -31.07
C TYR C 101 7.80 -34.64 -31.55
N TYR C 102 8.85 -34.55 -30.71
CA TYR C 102 10.01 -33.72 -31.00
C TYR C 102 11.29 -34.40 -30.64
N GLY C 103 12.39 -33.91 -31.20
CA GLY C 103 13.71 -34.42 -30.92
C GLY C 103 14.16 -34.21 -29.47
N SER C 104 13.44 -33.36 -28.71
CA SER C 104 13.78 -33.10 -27.32
C SER C 104 13.82 -34.35 -26.47
N THR C 105 13.00 -35.33 -26.84
CA THR C 105 13.01 -36.60 -26.14
C THR C 105 12.96 -37.72 -27.16
N PHE C 106 13.35 -38.94 -26.78
CA PHE C 106 13.15 -40.08 -27.68
C PHE C 106 13.38 -41.41 -26.97
N ALA C 107 12.76 -42.46 -27.45
CA ALA C 107 13.15 -43.78 -26.96
C ALA C 107 12.92 -44.77 -28.04
N TYR C 108 13.67 -45.84 -28.05
CA TYR C 108 13.34 -46.85 -29.02
C TYR C 108 13.66 -48.21 -28.48
N TRP C 109 13.05 -49.19 -29.09
CA TRP C 109 13.17 -50.55 -28.69
C TRP C 109 13.81 -51.38 -29.79
N GLY C 110 15.01 -51.87 -29.52
CA GLY C 110 15.76 -52.69 -30.47
C GLY C 110 15.69 -54.19 -30.21
N GLN C 111 14.83 -54.63 -29.30
CA GLN C 111 14.87 -56.02 -28.89
C GLN C 111 14.53 -57.01 -30.01
N GLY C 112 13.73 -56.56 -30.98
CA GLY C 112 13.43 -57.37 -32.16
C GLY C 112 12.36 -58.45 -31.91
N THR C 113 11.71 -58.42 -30.75
CA THR C 113 10.73 -59.44 -30.42
C THR C 113 9.53 -59.41 -31.34
N LEU C 114 9.11 -60.60 -31.73
CA LEU C 114 7.94 -60.79 -32.55
C LEU C 114 7.04 -61.85 -31.97
N VAL C 115 5.76 -61.56 -31.95
CA VAL C 115 4.80 -62.54 -31.51
C VAL C 115 4.23 -63.19 -32.74
N THR C 116 4.15 -64.51 -32.76
CA THR C 116 3.56 -65.20 -33.89
C THR C 116 2.61 -66.26 -33.41
N VAL C 117 1.78 -66.75 -34.32
CA VAL C 117 0.77 -67.74 -34.00
C VAL C 117 0.73 -68.93 -34.95
N SER C 118 0.41 -70.11 -34.40
CA SER C 118 0.26 -71.33 -35.18
C SER C 118 -0.36 -72.45 -34.35
N ASP D 1 -8.26 -39.93 -39.27
CA ASP D 1 -6.82 -40.02 -39.07
C ASP D 1 -6.10 -39.53 -40.31
N ILE D 2 -4.98 -38.83 -40.13
CA ILE D 2 -4.25 -38.36 -41.30
C ILE D 2 -3.72 -39.54 -42.07
N GLN D 3 -3.80 -39.46 -43.38
CA GLN D 3 -3.27 -40.52 -44.21
C GLN D 3 -1.89 -40.11 -44.70
N MET D 4 -0.98 -41.07 -44.83
CA MET D 4 0.35 -40.70 -45.31
C MET D 4 0.92 -41.72 -46.30
N THR D 5 1.70 -41.22 -47.26
CA THR D 5 2.34 -42.08 -48.26
C THR D 5 3.77 -41.68 -48.54
N GLN D 6 4.54 -42.59 -49.14
CA GLN D 6 5.90 -42.26 -49.54
C GLN D 6 6.28 -42.82 -50.90
N SER D 7 7.19 -42.12 -51.57
CA SER D 7 7.72 -42.61 -52.83
C SER D 7 9.16 -42.13 -53.08
N PRO D 8 9.87 -42.79 -54.00
CA PRO D 8 9.62 -44.03 -54.72
C PRO D 8 9.62 -45.16 -53.73
N ALA D 9 8.93 -46.27 -54.01
CA ALA D 9 8.91 -47.37 -53.05
C ALA D 9 10.33 -47.82 -52.69
N SER D 10 11.24 -47.71 -53.65
CA SER D 10 12.64 -47.91 -53.35
C SER D 10 13.44 -47.05 -54.29
N LEU D 11 14.67 -46.74 -53.92
CA LEU D 11 15.51 -46.01 -54.85
C LEU D 11 16.89 -46.59 -54.93
N SER D 12 17.35 -46.96 -56.12
CA SER D 12 18.73 -47.37 -56.23
C SER D 12 19.60 -46.14 -56.09
N ALA D 13 20.81 -46.32 -55.57
CA ALA D 13 21.72 -45.20 -55.45
C ALA D 13 23.16 -45.69 -55.35
N SER D 14 24.09 -44.79 -55.63
CA SER D 14 25.49 -45.14 -55.54
C SER D 14 26.15 -44.24 -54.53
N VAL D 15 27.28 -44.67 -54.02
CA VAL D 15 27.93 -43.89 -52.99
C VAL D 15 28.43 -42.57 -53.55
N GLY D 16 28.19 -41.52 -52.80
CA GLY D 16 28.54 -40.16 -53.17
C GLY D 16 27.48 -39.55 -54.11
N GLU D 17 26.37 -40.26 -54.32
CA GLU D 17 25.29 -39.74 -55.13
C GLU D 17 24.23 -39.09 -54.26
N THR D 18 23.79 -37.90 -54.63
CA THR D 18 22.72 -37.26 -53.87
C THR D 18 21.38 -37.86 -54.23
N VAL D 19 20.57 -38.14 -53.22
CA VAL D 19 19.26 -38.70 -53.44
C VAL D 19 18.18 -37.96 -52.69
N THR D 20 16.94 -38.10 -53.13
CA THR D 20 15.86 -37.56 -52.31
C THR D 20 14.70 -38.53 -52.23
N ILE D 21 13.87 -38.33 -51.23
CA ILE D 21 12.68 -39.11 -50.97
C ILE D 21 11.53 -38.16 -50.77
N THR D 22 10.34 -38.50 -51.24
CA THR D 22 9.26 -37.55 -51.00
C THR D 22 8.10 -38.25 -50.37
N CYS D 23 7.24 -37.47 -49.75
CA CYS D 23 6.15 -38.05 -49.03
C CYS D 23 4.96 -37.12 -49.08
N ARG D 24 3.79 -37.64 -48.76
CA ARG D 24 2.60 -36.81 -48.77
C ARG D 24 1.68 -37.16 -47.63
N ALA D 25 0.80 -36.23 -47.30
CA ALA D 25 -0.18 -36.50 -46.27
C ALA D 25 -1.51 -35.86 -46.61
N SER D 26 -2.60 -36.46 -46.12
CA SER D 26 -3.95 -35.99 -46.44
C SER D 26 -4.31 -34.56 -46.01
N GLU D 27 -3.61 -33.99 -45.04
CA GLU D 27 -3.96 -32.63 -44.63
C GLU D 27 -2.75 -31.82 -44.19
N ASN D 28 -2.88 -30.50 -44.30
CA ASN D 28 -1.81 -29.63 -43.86
C ASN D 28 -1.83 -29.55 -42.37
N ILE D 29 -0.75 -29.99 -41.76
CA ILE D 29 -0.66 -30.02 -40.32
C ILE D 29 0.31 -29.04 -39.75
N TYR D 30 0.60 -27.96 -40.46
CA TYR D 30 1.51 -26.93 -39.94
C TYR D 30 2.93 -27.43 -39.72
N SER D 31 3.36 -28.37 -40.55
CA SER D 31 4.70 -28.94 -40.54
C SER D 31 5.09 -29.77 -39.34
N TYR D 32 4.14 -30.44 -38.68
CA TYR D 32 4.54 -31.36 -37.61
C TYR D 32 4.85 -32.71 -38.24
N LEU D 33 6.01 -32.75 -38.87
CA LEU D 33 6.42 -33.87 -39.69
C LEU D 33 7.73 -34.49 -39.26
N ALA D 34 7.90 -35.78 -39.51
CA ALA D 34 9.14 -36.42 -39.14
C ALA D 34 9.55 -37.53 -40.08
N TRP D 35 10.84 -37.85 -40.05
CA TRP D 35 11.38 -38.94 -40.86
C TRP D 35 12.20 -39.88 -40.03
N TYR D 36 12.27 -41.14 -40.48
CA TYR D 36 13.05 -42.16 -39.79
C TYR D 36 13.86 -43.01 -40.74
N GLN D 37 14.89 -43.67 -40.21
CA GLN D 37 15.71 -44.61 -40.99
C GLN D 37 16.08 -45.86 -40.23
N GLN D 38 16.09 -47.00 -40.92
CA GLN D 38 16.62 -48.20 -40.28
C GLN D 38 17.29 -49.16 -41.21
N LYS D 39 18.25 -49.87 -40.65
CA LYS D 39 18.86 -50.99 -41.30
C LYS D 39 17.89 -52.14 -41.11
N GLN D 40 17.89 -53.12 -42.00
CA GLN D 40 16.94 -54.20 -41.75
C GLN D 40 17.28 -54.89 -40.45
N GLY D 41 16.24 -55.31 -39.74
CA GLY D 41 16.39 -55.97 -38.47
C GLY D 41 16.64 -54.96 -37.34
N LYS D 42 16.51 -53.66 -37.63
CA LYS D 42 16.78 -52.64 -36.62
C LYS D 42 15.63 -51.66 -36.47
N SER D 43 15.53 -51.08 -35.28
CA SER D 43 14.52 -50.06 -35.02
C SER D 43 14.81 -48.82 -35.85
N PRO D 44 13.78 -48.08 -36.26
CA PRO D 44 13.88 -46.82 -36.97
C PRO D 44 14.50 -45.81 -36.06
N GLN D 45 15.25 -44.90 -36.65
CA GLN D 45 15.84 -43.86 -35.86
C GLN D 45 15.29 -42.57 -36.35
N LEU D 46 14.93 -41.70 -35.43
CA LEU D 46 14.38 -40.46 -35.91
C LEU D 46 15.48 -39.69 -36.62
N LEU D 47 15.18 -39.20 -37.80
CA LEU D 47 16.11 -38.41 -38.57
C LEU D 47 15.74 -36.96 -38.56
N VAL D 48 14.46 -36.75 -38.73
CA VAL D 48 13.91 -35.44 -38.91
C VAL D 48 12.75 -35.23 -38.01
N TYR D 49 12.58 -34.02 -37.55
CA TYR D 49 11.39 -33.73 -36.83
C TYR D 49 10.98 -32.33 -37.23
N ASN D 50 9.73 -32.03 -37.03
CA ASN D 50 9.20 -30.73 -37.37
C ASN D 50 9.47 -30.34 -38.82
N ALA D 51 9.30 -31.29 -39.74
CA ALA D 51 9.43 -31.06 -41.17
C ALA D 51 10.87 -30.90 -41.61
N LYS D 52 11.37 -29.69 -41.40
CA LYS D 52 12.65 -29.24 -41.88
C LYS D 52 13.87 -29.36 -40.94
N THR D 53 13.79 -30.06 -39.80
CA THR D 53 14.96 -30.04 -38.92
C THR D 53 15.45 -31.41 -38.52
N LEU D 54 16.69 -31.49 -38.06
CA LEU D 54 17.31 -32.78 -37.80
C LEU D 54 17.63 -33.11 -36.37
N ILE D 55 17.52 -34.39 -36.09
CA ILE D 55 17.89 -35.00 -34.83
C ILE D 55 19.40 -34.98 -34.67
N GLU D 56 19.89 -34.68 -33.47
CA GLU D 56 21.33 -34.69 -33.31
C GLU D 56 21.90 -36.06 -33.62
N GLY D 57 23.06 -36.05 -34.24
CA GLY D 57 23.78 -37.23 -34.65
C GLY D 57 23.41 -37.66 -36.07
N VAL D 58 22.42 -36.99 -36.67
CA VAL D 58 22.09 -37.24 -38.06
C VAL D 58 23.19 -36.58 -38.90
N PRO D 59 23.69 -37.25 -39.94
CA PRO D 59 24.74 -36.74 -40.79
C PRO D 59 24.29 -35.48 -41.51
N SER D 60 25.26 -34.62 -41.79
CA SER D 60 25.04 -33.37 -42.50
C SER D 60 24.45 -33.58 -43.88
N ARG D 61 24.62 -34.78 -44.42
CA ARG D 61 24.11 -35.13 -45.72
C ARG D 61 22.59 -34.96 -45.80
N PHE D 62 21.93 -35.29 -44.71
CA PHE D 62 20.49 -35.23 -44.59
C PHE D 62 19.92 -33.83 -44.59
N SER D 63 18.75 -33.65 -45.19
CA SER D 63 18.05 -32.40 -44.99
C SER D 63 16.54 -32.60 -44.96
N GLY D 64 15.89 -31.99 -43.97
CA GLY D 64 14.44 -31.99 -43.91
C GLY D 64 13.90 -31.07 -44.99
N SER D 65 12.69 -31.32 -45.47
CA SER D 65 12.10 -30.38 -46.40
C SER D 65 10.58 -30.42 -46.43
N GLY D 66 9.99 -29.33 -46.92
CA GLY D 66 8.56 -29.24 -47.19
C GLY D 66 7.71 -28.86 -45.98
N SER D 67 6.40 -28.81 -46.22
CA SER D 67 5.43 -28.50 -45.18
C SER D 67 4.05 -29.05 -45.51
N GLY D 68 3.19 -29.13 -44.52
CA GLY D 68 1.81 -29.48 -44.79
C GLY D 68 1.67 -30.87 -45.39
N THR D 69 0.91 -30.93 -46.49
CA THR D 69 0.66 -32.19 -47.19
C THR D 69 1.82 -32.65 -48.03
N GLN D 70 2.84 -31.82 -48.26
CA GLN D 70 3.95 -32.30 -49.09
C GLN D 70 5.28 -32.04 -48.48
N PHE D 71 6.09 -33.09 -48.42
CA PHE D 71 7.39 -32.95 -47.82
C PHE D 71 8.42 -33.91 -48.36
N SER D 72 9.69 -33.63 -48.09
CA SER D 72 10.74 -34.49 -48.63
C SER D 72 11.97 -34.56 -47.76
N LEU D 73 12.80 -35.55 -48.06
CA LEU D 73 14.06 -35.77 -47.38
C LEU D 73 15.16 -35.86 -48.41
N LYS D 74 16.25 -35.15 -48.21
CA LYS D 74 17.34 -35.29 -49.16
C LYS D 74 18.60 -35.69 -48.48
N ILE D 75 19.35 -36.59 -49.11
CA ILE D 75 20.63 -36.96 -48.58
C ILE D 75 21.70 -36.69 -49.62
N ASN D 76 22.52 -35.70 -49.36
CA ASN D 76 23.59 -35.35 -50.26
C ASN D 76 24.71 -36.36 -50.17
N SER D 77 25.31 -36.73 -51.30
CA SER D 77 26.48 -37.61 -51.24
C SER D 77 26.29 -38.87 -50.40
N LEU D 78 25.30 -39.68 -50.75
CA LEU D 78 24.88 -40.84 -49.97
C LEU D 78 25.98 -41.86 -49.66
N GLN D 79 25.96 -42.43 -48.46
CA GLN D 79 27.01 -43.38 -48.07
C GLN D 79 26.40 -44.72 -47.69
N PRO D 80 27.15 -45.83 -47.75
CA PRO D 80 26.72 -47.21 -47.56
C PRO D 80 25.95 -47.47 -46.26
N GLU D 81 26.28 -46.73 -45.21
CA GLU D 81 25.55 -46.89 -43.97
C GLU D 81 24.14 -46.33 -44.05
N ASP D 82 23.85 -45.55 -45.07
CA ASP D 82 22.56 -44.94 -45.21
C ASP D 82 21.60 -45.76 -46.04
N PHE D 83 21.96 -46.94 -46.48
CA PHE D 83 20.97 -47.64 -47.26
C PHE D 83 20.05 -48.38 -46.33
N GLY D 84 18.78 -48.04 -46.38
CA GLY D 84 17.83 -48.68 -45.49
C GLY D 84 16.42 -48.17 -45.68
N SER D 85 15.53 -48.67 -44.85
CA SER D 85 14.13 -48.28 -44.87
C SER D 85 13.94 -46.86 -44.37
N TYR D 86 12.94 -46.17 -44.89
CA TYR D 86 12.62 -44.83 -44.42
C TYR D 86 11.16 -44.66 -44.15
N PHE D 87 10.85 -43.73 -43.25
CA PHE D 87 9.48 -43.48 -42.85
C PHE D 87 9.18 -42.02 -42.73
N CYS D 88 7.89 -41.68 -42.72
CA CYS D 88 7.45 -40.32 -42.46
C CYS D 88 6.53 -40.39 -41.28
N GLN D 89 6.34 -39.30 -40.55
CA GLN D 89 5.36 -39.38 -39.48
C GLN D 89 4.59 -38.10 -39.15
N HIS D 90 3.37 -38.31 -38.69
CA HIS D 90 2.45 -37.28 -38.22
C HIS D 90 2.64 -36.92 -36.77
N HIS D 91 3.01 -35.68 -36.48
CA HIS D 91 3.07 -35.23 -35.10
C HIS D 91 2.00 -34.25 -34.69
N PHE D 92 0.99 -34.07 -35.51
CA PHE D 92 -0.02 -33.09 -35.14
C PHE D 92 -1.08 -33.82 -34.32
N GLY D 93 -0.73 -34.10 -33.07
CA GLY D 93 -1.57 -34.90 -32.20
C GLY D 93 -1.41 -36.37 -32.59
N THR D 94 -2.41 -37.18 -32.27
CA THR D 94 -2.37 -38.61 -32.51
C THR D 94 -3.62 -39.09 -33.24
N PRO D 95 -3.60 -40.29 -33.81
CA PRO D 95 -2.55 -41.30 -33.93
C PRO D 95 -1.38 -40.84 -34.77
N PHE D 96 -0.22 -41.38 -34.48
CA PHE D 96 0.97 -40.99 -35.23
C PHE D 96 1.12 -41.79 -36.49
N THR D 97 0.37 -41.41 -37.51
CA THR D 97 0.41 -42.11 -38.79
C THR D 97 1.80 -42.07 -39.39
N PHE D 98 2.17 -43.18 -40.01
CA PHE D 98 3.46 -43.28 -40.67
C PHE D 98 3.30 -43.33 -42.18
N GLY D 99 4.35 -42.92 -42.88
CA GLY D 99 4.39 -43.02 -44.32
C GLY D 99 4.45 -44.48 -44.75
N SER D 100 4.06 -44.75 -46.00
CA SER D 100 4.04 -46.11 -46.55
C SER D 100 5.40 -46.82 -46.52
N GLY D 101 6.47 -46.03 -46.47
CA GLY D 101 7.85 -46.48 -46.37
C GLY D 101 8.54 -46.51 -47.72
N THR D 102 9.86 -46.30 -47.69
CA THR D 102 10.70 -46.44 -48.88
C THR D 102 11.97 -47.19 -48.52
N GLU D 103 12.70 -47.70 -49.48
CA GLU D 103 14.02 -48.23 -49.13
C GLU D 103 15.09 -47.97 -50.17
N LEU D 104 16.27 -47.57 -49.72
CA LEU D 104 17.40 -47.41 -50.62
C LEU D 104 18.00 -48.74 -51.09
N GLU D 105 18.49 -48.75 -52.33
CA GLU D 105 19.13 -49.94 -52.89
C GLU D 105 20.50 -49.55 -53.43
N ILE D 106 21.49 -50.42 -53.35
CA ILE D 106 22.82 -50.09 -53.85
C ILE D 106 22.99 -50.36 -55.35
N LYS D 107 23.48 -49.36 -56.09
CA LYS D 107 23.82 -49.49 -57.51
C LYS D 107 25.15 -50.21 -57.69
N ILE E 1 -16.15 11.30 -11.91
CA ILE E 1 -15.12 12.17 -12.47
C ILE E 1 -15.25 12.25 -13.98
N PRO E 2 -15.66 13.39 -14.53
CA PRO E 2 -15.79 13.67 -15.94
C PRO E 2 -14.42 13.66 -16.64
N LEU E 3 -14.42 13.31 -17.92
CA LEU E 3 -13.20 13.30 -18.71
C LEU E 3 -13.40 14.22 -19.91
N GLY E 4 -12.36 14.90 -20.37
CA GLY E 4 -12.62 15.71 -21.54
C GLY E 4 -12.50 14.82 -22.75
N VAL E 5 -13.45 14.90 -23.64
CA VAL E 5 -13.41 14.17 -24.87
C VAL E 5 -12.92 15.07 -25.95
N ILE E 6 -11.95 14.65 -26.74
CA ILE E 6 -11.58 15.55 -27.81
C ILE E 6 -12.47 15.28 -29.01
N HIS E 7 -13.29 16.25 -29.40
CA HIS E 7 -14.11 16.06 -30.58
C HIS E 7 -14.44 17.38 -31.25
N ASN E 8 -14.54 17.39 -32.57
CA ASN E 8 -14.86 18.59 -33.34
C ASN E 8 -13.92 19.73 -32.94
N SER E 9 -12.64 19.40 -32.81
CA SER E 9 -11.59 20.33 -32.39
C SER E 9 -11.77 20.97 -31.00
N THR E 10 -12.62 20.43 -30.13
CA THR E 10 -12.69 20.99 -28.79
C THR E 10 -12.82 19.93 -27.70
N LEU E 11 -12.48 20.28 -26.47
CA LEU E 11 -12.75 19.38 -25.36
C LEU E 11 -14.23 19.38 -25.02
N GLN E 12 -14.75 18.23 -24.61
CA GLN E 12 -16.13 18.11 -24.18
C GLN E 12 -16.26 17.25 -22.94
N VAL E 13 -17.16 17.60 -22.04
CA VAL E 13 -17.28 16.77 -20.86
C VAL E 13 -17.90 15.41 -21.23
N SER E 14 -17.26 14.33 -20.76
CA SER E 14 -17.75 12.96 -20.99
C SER E 14 -18.99 12.59 -20.20
N ASP E 15 -19.22 13.32 -19.12
CA ASP E 15 -20.36 13.04 -18.27
C ASP E 15 -21.60 13.70 -18.82
N VAL E 16 -22.17 13.03 -19.82
CA VAL E 16 -23.37 13.44 -20.50
C VAL E 16 -24.32 12.29 -20.52
N ASP E 17 -25.59 12.54 -20.78
CA ASP E 17 -26.53 11.45 -20.78
C ASP E 17 -26.61 10.67 -22.10
N LYS E 18 -25.78 11.02 -23.09
CA LYS E 18 -25.74 10.20 -24.28
C LYS E 18 -24.30 9.92 -24.72
N LEU E 19 -24.00 8.65 -24.91
CA LEU E 19 -22.68 8.27 -25.39
C LEU E 19 -22.69 8.18 -26.90
N VAL E 20 -22.57 9.34 -27.53
CA VAL E 20 -22.63 9.39 -28.98
C VAL E 20 -21.40 8.68 -29.58
N CYS E 21 -21.63 7.83 -30.59
CA CYS E 21 -20.54 7.02 -31.13
C CYS E 21 -19.72 7.66 -32.23
N ARG E 22 -19.93 8.96 -32.42
CA ARG E 22 -19.08 9.75 -33.30
C ARG E 22 -17.62 9.58 -32.84
N ASP E 23 -17.43 9.35 -31.54
CA ASP E 23 -16.13 9.01 -31.03
C ASP E 23 -16.16 7.53 -30.70
N LYS E 24 -15.18 6.78 -31.15
CA LYS E 24 -15.17 5.37 -30.84
C LYS E 24 -14.04 5.00 -29.91
N LEU E 25 -14.38 4.31 -28.83
CA LEU E 25 -13.36 3.84 -27.91
C LEU E 25 -12.88 2.49 -28.38
N SER E 26 -12.14 2.48 -29.48
CA SER E 26 -11.63 1.24 -30.05
C SER E 26 -10.69 0.48 -29.13
N SER E 27 -9.99 1.20 -28.25
CA SER E 27 -9.12 0.54 -27.30
C SER E 27 -8.92 1.34 -26.04
N THR E 28 -8.35 0.67 -25.04
CA THR E 28 -8.00 1.31 -23.78
C THR E 28 -6.84 2.27 -23.93
N ASN E 29 -6.17 2.30 -25.09
CA ASN E 29 -5.07 3.21 -25.21
C ASN E 29 -5.54 4.58 -25.66
N GLN E 30 -6.85 4.78 -25.77
CA GLN E 30 -7.37 6.10 -25.98
C GLN E 30 -7.60 6.79 -24.64
N LEU E 31 -7.51 6.04 -23.57
CA LEU E 31 -7.72 6.61 -22.27
C LEU E 31 -6.53 7.45 -21.87
N ARG E 32 -6.77 8.61 -21.25
CA ARG E 32 -5.65 9.37 -20.71
C ARG E 32 -5.96 10.02 -19.39
N SER E 33 -4.90 10.16 -18.60
CA SER E 33 -4.88 10.76 -17.27
C SER E 33 -3.67 11.65 -17.18
N VAL E 34 -3.39 12.41 -18.22
CA VAL E 34 -2.11 13.09 -18.25
C VAL E 34 -1.87 14.12 -17.18
N GLY E 35 -0.66 14.10 -16.64
CA GLY E 35 -0.23 15.11 -15.71
C GLY E 35 0.03 16.43 -16.43
N LEU E 36 -0.17 17.53 -15.72
CA LEU E 36 0.18 18.84 -16.21
C LEU E 36 1.00 19.57 -15.17
N ASN E 37 1.94 20.36 -15.63
CA ASN E 37 2.76 21.15 -14.75
C ASN E 37 1.96 22.31 -14.19
N LEU E 38 1.97 22.48 -12.88
CA LEU E 38 1.26 23.59 -12.23
C LEU E 38 1.75 24.94 -12.75
N GLU E 39 3.04 24.99 -13.06
CA GLU E 39 3.75 26.15 -13.56
C GLU E 39 3.19 26.68 -14.87
N GLY E 40 2.53 25.81 -15.64
CA GLY E 40 1.96 26.19 -16.92
C GLY E 40 0.69 27.02 -16.78
N ASN E 41 0.23 27.22 -15.54
CA ASN E 41 -0.90 28.06 -15.25
C ASN E 41 -0.46 29.46 -14.83
N GLY E 42 0.83 29.77 -15.02
CA GLY E 42 1.33 31.08 -14.62
C GLY E 42 1.64 31.13 -13.13
N VAL E 43 1.61 29.98 -12.46
CA VAL E 43 1.86 29.90 -11.04
C VAL E 43 3.30 30.27 -10.70
N ALA E 44 3.45 31.04 -9.62
CA ALA E 44 4.76 31.53 -9.19
C ALA E 44 5.73 30.40 -8.89
N THR E 45 7.00 30.65 -9.21
CA THR E 45 8.07 29.69 -8.97
C THR E 45 9.01 30.09 -7.83
N ASP E 46 8.70 31.17 -7.12
CA ASP E 46 9.60 31.59 -6.05
C ASP E 46 9.65 30.52 -5.00
N VAL E 47 10.86 30.24 -4.51
CA VAL E 47 10.98 29.20 -3.52
C VAL E 47 10.12 29.49 -2.29
N PRO E 48 10.04 30.75 -1.83
CA PRO E 48 9.12 31.11 -0.78
C PRO E 48 7.67 30.93 -1.18
N SER E 49 7.33 31.15 -2.46
CA SER E 49 5.94 30.96 -2.85
C SER E 49 5.57 29.51 -2.83
N ALA E 50 6.56 28.65 -3.08
CA ALA E 50 6.32 27.24 -3.03
C ALA E 50 5.97 26.84 -1.63
N THR E 51 6.67 27.44 -0.67
CA THR E 51 6.37 27.17 0.72
C THR E 51 5.00 27.68 1.06
N LYS E 52 4.65 28.83 0.49
CA LYS E 52 3.34 29.42 0.70
C LYS E 52 2.21 28.58 0.15
N ARG E 53 2.51 27.74 -0.84
CA ARG E 53 1.49 26.87 -1.39
C ARG E 53 1.31 25.55 -0.67
N TRP E 54 2.04 25.29 0.41
CA TRP E 54 1.89 24.00 1.07
C TRP E 54 1.27 24.17 2.45
N GLY E 55 0.37 23.28 2.78
CA GLY E 55 -0.39 23.35 4.01
C GLY E 55 0.31 23.11 5.34
N PHE E 56 1.39 22.35 5.33
CA PHE E 56 2.13 22.03 6.55
C PHE E 56 1.26 21.42 7.65
N ARG E 57 0.38 20.51 7.26
CA ARG E 57 -0.57 19.86 8.17
C ARG E 57 -0.46 18.36 8.46
N SER E 58 -0.67 18.01 9.75
CA SER E 58 -0.83 16.62 10.21
C SER E 58 -2.20 16.14 9.72
N GLY E 59 -2.37 14.89 9.36
CA GLY E 59 -3.67 14.62 8.76
C GLY E 59 -3.92 13.21 8.31
N VAL E 60 -5.01 13.08 7.57
CA VAL E 60 -5.47 11.82 7.02
C VAL E 60 -4.37 11.35 6.09
N PRO E 61 -4.13 10.04 6.02
CA PRO E 61 -3.00 9.47 5.35
C PRO E 61 -3.00 9.80 3.87
N PRO E 62 -1.81 9.91 3.31
CA PRO E 62 -1.48 10.24 1.96
C PRO E 62 -1.89 9.21 0.96
N LYS E 63 -2.16 9.67 -0.24
CA LYS E 63 -2.44 8.79 -1.35
C LYS E 63 -1.70 9.25 -2.58
N VAL E 64 -1.45 8.33 -3.49
CA VAL E 64 -0.87 8.74 -4.76
C VAL E 64 -1.73 8.13 -5.84
N VAL E 65 -1.65 8.67 -7.05
CA VAL E 65 -2.41 8.10 -8.15
C VAL E 65 -1.61 8.01 -9.42
N ASN E 66 -1.84 6.93 -10.14
CA ASN E 66 -1.16 6.68 -11.38
C ASN E 66 -1.59 7.66 -12.44
N TYR E 67 -0.64 8.23 -13.21
CA TYR E 67 -1.08 9.14 -14.23
C TYR E 67 -0.24 9.03 -15.50
N GLU E 68 -0.81 9.52 -16.60
CA GLU E 68 -0.22 9.57 -17.94
C GLU E 68 0.85 10.62 -18.20
N ALA E 69 1.63 10.34 -19.23
CA ALA E 69 2.74 11.16 -19.69
C ALA E 69 2.36 12.62 -19.96
N GLY E 70 3.32 13.53 -19.80
CA GLY E 70 3.01 14.96 -19.88
C GLY E 70 4.22 15.88 -19.88
N GLU E 71 3.96 17.19 -19.88
CA GLU E 71 4.96 18.24 -20.05
C GLU E 71 6.10 18.32 -19.01
N TRP E 72 7.25 18.78 -19.49
CA TRP E 72 8.47 19.04 -18.71
C TRP E 72 8.21 20.13 -17.70
N ALA E 73 8.88 20.05 -16.57
CA ALA E 73 8.69 21.10 -15.60
C ALA E 73 9.93 21.94 -15.55
N GLU E 74 9.81 23.25 -15.44
CA GLU E 74 11.05 23.97 -15.35
C GLU E 74 11.53 23.95 -13.92
N ASN E 75 10.60 24.11 -12.99
CA ASN E 75 10.99 24.13 -11.58
C ASN E 75 10.34 23.06 -10.74
N CYS E 76 11.16 22.38 -9.95
CA CYS E 76 10.69 21.33 -9.05
C CYS E 76 11.55 21.31 -7.81
N TYR E 77 11.20 20.54 -6.77
CA TYR E 77 12.01 20.63 -5.56
C TYR E 77 12.40 19.28 -4.92
N ASN E 78 13.56 19.23 -4.27
CA ASN E 78 14.01 18.07 -3.49
C ASN E 78 14.14 18.49 -2.03
N LEU E 79 13.77 17.63 -1.08
CA LEU E 79 13.87 18.07 0.30
C LEU E 79 14.57 17.17 1.32
N GLU E 80 15.50 17.79 2.06
CA GLU E 80 16.19 17.18 3.21
C GLU E 80 15.77 17.74 4.58
N ILE E 81 14.74 18.57 4.63
CA ILE E 81 14.36 19.28 5.85
C ILE E 81 13.96 18.43 7.02
N LYS E 82 14.45 18.83 8.18
CA LYS E 82 14.16 18.14 9.42
C LYS E 82 13.73 19.10 10.50
N LYS E 83 13.07 18.56 11.51
CA LYS E 83 12.62 19.27 12.69
C LYS E 83 13.83 19.79 13.45
N PRO E 84 13.72 20.90 14.20
CA PRO E 84 14.80 21.61 14.91
C PRO E 84 15.60 20.71 15.86
N ASP E 85 15.01 19.60 16.27
CA ASP E 85 15.67 18.60 17.08
C ASP E 85 16.39 17.54 16.24
N GLY E 86 16.42 17.76 14.93
CA GLY E 86 17.02 16.88 13.95
C GLY E 86 16.12 15.70 13.57
N SER E 87 14.88 15.71 14.05
CA SER E 87 13.96 14.63 13.69
C SER E 87 13.57 14.70 12.22
N GLU E 88 13.35 13.55 11.63
CA GLU E 88 12.94 13.54 10.23
C GLU E 88 11.62 14.26 10.06
N CYS E 89 11.48 14.98 8.96
CA CYS E 89 10.22 15.63 8.69
C CYS E 89 9.78 15.32 7.28
N LEU E 90 8.50 14.94 7.17
CA LEU E 90 7.88 14.51 5.91
C LEU E 90 8.36 13.10 5.67
N PRO E 91 7.49 12.18 5.29
CA PRO E 91 7.87 10.81 5.06
C PRO E 91 8.84 10.72 3.92
N ALA E 92 9.76 9.77 4.00
CA ALA E 92 10.65 9.45 2.91
C ALA E 92 9.81 8.94 1.77
N ALA E 93 10.22 9.18 0.54
CA ALA E 93 9.43 8.59 -0.52
C ALA E 93 9.37 7.06 -0.39
N PRO E 94 8.21 6.45 -0.70
CA PRO E 94 7.89 5.03 -0.76
C PRO E 94 8.62 4.35 -1.90
N ASP E 95 8.80 3.04 -1.78
CA ASP E 95 9.57 2.30 -2.76
C ASP E 95 9.01 2.39 -4.17
N GLY E 96 9.93 2.62 -5.10
CA GLY E 96 9.68 2.76 -6.52
C GLY E 96 9.45 4.22 -6.91
N ILE E 97 9.39 5.11 -5.93
CA ILE E 97 9.29 6.53 -6.21
C ILE E 97 10.60 7.12 -6.65
N ARG E 98 10.52 7.94 -7.68
CA ARG E 98 11.66 8.67 -8.15
C ARG E 98 11.15 10.03 -8.58
N GLY E 99 12.07 10.97 -8.73
CA GLY E 99 11.70 12.32 -9.08
C GLY E 99 11.10 12.37 -10.47
N PHE E 100 10.37 13.43 -10.73
CA PHE E 100 9.70 13.61 -12.01
C PHE E 100 10.72 13.52 -13.14
N PRO E 101 10.40 12.86 -14.25
CA PRO E 101 11.28 12.54 -15.36
C PRO E 101 11.97 13.72 -16.03
N ARG E 102 11.33 14.87 -16.04
CA ARG E 102 11.92 15.98 -16.78
C ARG E 102 11.93 17.36 -16.15
N CYS E 103 12.13 17.49 -14.85
CA CYS E 103 12.21 18.86 -14.37
C CYS E 103 13.56 19.44 -14.81
N ARG E 104 13.59 20.64 -15.38
CA ARG E 104 14.87 21.23 -15.75
C ARG E 104 15.64 21.86 -14.64
N TYR E 105 14.94 22.36 -13.64
CA TYR E 105 15.61 23.03 -12.54
C TYR E 105 15.12 22.49 -11.23
N VAL E 106 15.64 21.35 -10.78
CA VAL E 106 15.13 20.90 -9.53
C VAL E 106 15.90 21.61 -8.47
N HIS E 107 15.18 22.29 -7.64
CA HIS E 107 15.67 23.03 -6.52
C HIS E 107 15.86 22.11 -5.38
N LYS E 108 16.83 22.34 -4.54
CA LYS E 108 16.90 21.44 -3.42
C LYS E 108 17.04 22.21 -2.13
N VAL E 109 16.49 21.65 -1.07
CA VAL E 109 16.57 22.34 0.19
C VAL E 109 17.08 21.41 1.29
N SER E 110 17.76 22.01 2.25
CA SER E 110 18.35 21.34 3.39
C SER E 110 18.30 22.27 4.58
N GLY E 111 18.63 21.77 5.76
CA GLY E 111 18.50 22.56 6.99
C GLY E 111 17.25 22.18 7.77
N THR E 112 17.05 22.85 8.90
CA THR E 112 15.94 22.49 9.77
C THR E 112 15.10 23.65 10.25
N GLY E 113 13.94 23.28 10.76
CA GLY E 113 12.97 24.15 11.38
C GLY E 113 11.82 23.32 11.82
N PRO E 114 10.77 23.90 12.41
CA PRO E 114 9.63 23.22 12.99
C PRO E 114 8.98 22.28 12.00
N CYS E 115 9.02 22.64 10.72
CA CYS E 115 8.60 21.79 9.63
C CYS E 115 7.24 21.20 9.94
N ALA E 116 6.29 22.08 10.21
CA ALA E 116 4.98 21.69 10.66
C ALA E 116 4.26 20.72 9.73
N GLY E 117 3.46 19.87 10.35
CA GLY E 117 2.60 18.90 9.71
C GLY E 117 3.25 17.56 9.47
N ASP E 118 2.48 16.64 8.91
CA ASP E 118 2.99 15.33 8.61
C ASP E 118 3.18 15.16 7.14
N PHE E 119 2.11 15.42 6.39
CA PHE E 119 2.20 15.24 4.96
C PHE E 119 2.25 16.55 4.21
N ALA E 120 2.25 17.66 4.96
CA ALA E 120 2.28 19.00 4.39
C ALA E 120 0.91 19.29 3.80
N PHE E 121 0.74 18.80 2.57
CA PHE E 121 -0.45 18.87 1.72
C PHE E 121 -0.34 20.06 0.82
N HIS E 122 -0.84 19.96 -0.39
CA HIS E 122 -0.81 21.14 -1.21
C HIS E 122 -2.01 22.00 -0.86
N LYS E 123 -1.83 23.30 -0.70
CA LYS E 123 -2.98 24.13 -0.38
C LYS E 123 -4.06 24.18 -1.45
N GLU E 124 -3.70 24.04 -2.71
CA GLU E 124 -4.68 24.02 -3.77
C GLU E 124 -5.12 22.60 -4.06
N GLY E 125 -4.51 21.65 -3.38
CA GLY E 125 -4.75 20.26 -3.65
C GLY E 125 -3.94 19.82 -4.88
N ALA E 126 -3.01 20.66 -5.40
CA ALA E 126 -2.28 20.24 -6.59
C ALA E 126 -1.47 19.00 -6.26
N PHE E 127 -1.36 18.12 -7.23
CA PHE E 127 -0.60 16.91 -7.01
C PHE E 127 0.89 17.09 -7.15
N PHE E 128 1.64 16.51 -6.26
CA PHE E 128 3.05 16.48 -6.47
C PHE E 128 3.22 15.44 -7.55
N LEU E 129 4.12 15.58 -8.50
CA LEU E 129 4.20 14.53 -9.51
C LEU E 129 5.50 13.76 -9.39
N TYR E 130 5.51 12.64 -8.69
CA TYR E 130 6.77 11.93 -8.60
C TYR E 130 6.78 10.89 -9.68
N ASP E 131 7.76 10.97 -10.57
CA ASP E 131 7.77 10.04 -11.69
C ASP E 131 6.36 10.02 -12.31
N ARG E 132 5.72 8.83 -12.35
CA ARG E 132 4.38 8.64 -12.87
C ARG E 132 3.28 8.54 -11.82
N LEU E 133 3.58 8.84 -10.55
CA LEU E 133 2.52 8.83 -9.53
C LEU E 133 2.35 10.21 -8.89
N ALA E 134 1.16 10.77 -9.11
CA ALA E 134 0.71 12.02 -8.54
C ALA E 134 0.59 11.87 -7.04
N SER E 135 0.82 12.91 -6.25
CA SER E 135 0.72 12.71 -4.82
C SER E 135 0.04 13.82 -4.05
N THR E 136 -0.56 13.43 -2.94
CA THR E 136 -1.19 14.36 -2.02
C THR E 136 -0.23 14.82 -0.93
N VAL E 137 0.95 14.22 -0.93
CA VAL E 137 1.96 14.44 0.08
C VAL E 137 3.33 14.67 -0.46
N ILE E 138 4.07 15.49 0.25
CA ILE E 138 5.45 15.71 -0.07
C ILE E 138 6.35 14.64 0.50
N TYR E 139 7.14 14.05 -0.38
CA TYR E 139 8.09 13.05 0.02
C TYR E 139 9.50 13.60 0.10
N ARG E 140 10.25 13.12 1.07
CA ARG E 140 11.65 13.49 1.20
C ARG E 140 12.44 12.97 0.03
N GLY E 141 13.50 13.67 -0.33
CA GLY E 141 14.33 13.10 -1.37
C GLY E 141 13.92 13.53 -2.75
N THR E 142 13.02 12.74 -3.31
CA THR E 142 12.57 12.85 -4.70
C THR E 142 11.86 14.15 -5.02
N THR E 143 11.90 14.47 -6.32
CA THR E 143 11.41 15.73 -6.86
C THR E 143 9.90 15.95 -6.79
N PHE E 144 9.50 17.11 -6.24
CA PHE E 144 8.08 17.41 -6.02
C PHE E 144 7.21 17.59 -7.23
N ALA E 145 7.74 18.25 -8.26
CA ALA E 145 7.02 18.43 -9.51
C ALA E 145 5.55 18.84 -9.32
N GLU E 146 5.26 19.99 -8.73
CA GLU E 146 3.86 20.32 -8.49
C GLU E 146 3.08 20.32 -9.81
N GLY E 147 1.84 19.86 -9.75
CA GLY E 147 1.05 19.79 -10.95
C GLY E 147 -0.37 19.33 -10.71
N VAL E 148 -1.09 19.23 -11.81
CA VAL E 148 -2.49 18.87 -11.82
C VAL E 148 -2.70 17.74 -12.83
N VAL E 149 -3.82 17.04 -12.76
CA VAL E 149 -4.01 15.94 -13.70
C VAL E 149 -5.33 16.03 -14.41
N ALA E 150 -5.33 15.78 -15.72
CA ALA E 150 -6.56 15.80 -16.49
C ALA E 150 -6.84 14.45 -17.07
N PHE E 151 -8.11 14.08 -17.13
CA PHE E 151 -8.46 12.83 -17.75
C PHE E 151 -9.14 13.14 -19.05
N LEU E 152 -8.63 12.59 -20.14
CA LEU E 152 -9.24 12.86 -21.44
C LEU E 152 -9.42 11.63 -22.33
N ILE E 153 -10.42 11.69 -23.20
CA ILE E 153 -10.66 10.66 -24.19
C ILE E 153 -10.08 10.98 -25.54
N LEU E 154 -9.07 10.23 -25.94
CA LEU E 154 -8.51 10.35 -27.25
C LEU E 154 -9.44 9.78 -28.31
N PRO E 155 -9.45 10.37 -29.51
CA PRO E 155 -10.06 9.86 -30.72
C PRO E 155 -9.36 8.57 -31.11
N PRO E 177 20.74 15.92 -25.54
CA PRO E 177 19.94 14.83 -24.98
C PRO E 177 20.31 14.56 -23.54
N SER E 178 21.55 14.85 -23.17
CA SER E 178 21.97 14.62 -21.80
C SER E 178 21.28 15.55 -20.84
N SER E 179 20.89 16.75 -21.32
CA SER E 179 20.24 17.76 -20.50
C SER E 179 18.85 17.35 -20.10
N GLY E 180 18.30 16.32 -20.75
CA GLY E 180 16.97 15.87 -20.40
C GLY E 180 16.95 15.35 -18.96
N TYR E 181 18.11 15.00 -18.43
CA TYR E 181 18.21 14.66 -17.03
C TYR E 181 19.31 15.45 -16.35
N TYR E 182 20.33 15.86 -17.10
CA TYR E 182 21.43 16.62 -16.50
C TYR E 182 21.07 18.05 -16.14
N SER E 183 20.03 18.63 -16.74
CA SER E 183 19.68 19.97 -16.31
C SER E 183 19.10 19.86 -14.91
N THR E 184 19.40 20.86 -14.07
CA THR E 184 18.90 20.97 -12.69
C THR E 184 19.73 21.98 -11.93
N THR E 185 19.09 22.98 -11.35
CA THR E 185 19.79 24.04 -10.64
C THR E 185 19.21 24.45 -9.30
N ILE E 186 20.03 25.21 -8.57
CA ILE E 186 19.78 25.91 -7.32
C ILE E 186 19.49 25.09 -6.06
N ARG E 187 20.49 25.01 -5.20
CA ARG E 187 20.37 24.33 -3.92
C ARG E 187 20.53 25.35 -2.81
N TYR E 188 19.74 25.21 -1.76
CA TYR E 188 19.76 26.16 -0.66
C TYR E 188 19.42 25.62 0.74
N GLN E 189 19.93 26.33 1.74
CA GLN E 189 19.66 26.07 3.15
C GLN E 189 18.32 26.64 3.55
N ALA E 190 17.68 26.05 4.54
CA ALA E 190 16.47 26.64 5.06
C ALA E 190 16.68 27.09 6.49
N THR E 191 16.10 28.22 6.84
CA THR E 191 16.13 28.72 8.19
C THR E 191 14.73 28.66 8.70
N GLY E 192 14.44 27.63 9.46
CA GLY E 192 13.11 27.39 9.94
C GLY E 192 12.43 26.59 8.86
N PHE E 193 11.21 26.16 9.11
CA PHE E 193 10.47 25.54 8.04
C PHE E 193 8.99 25.54 8.32
N GLY E 194 8.19 25.65 7.27
CA GLY E 194 6.75 25.56 7.38
C GLY E 194 6.07 26.83 7.84
N THR E 195 6.79 27.94 7.93
CA THR E 195 6.20 29.18 8.40
C THR E 195 6.61 30.35 7.53
N ASN E 196 5.91 31.48 7.66
CA ASN E 196 6.19 32.64 6.81
C ASN E 196 7.57 33.21 7.09
N GLU E 197 8.00 33.07 8.33
CA GLU E 197 9.32 33.46 8.78
C GLU E 197 10.46 32.61 8.22
N THR E 198 10.12 31.48 7.57
CA THR E 198 11.13 30.61 7.00
C THR E 198 11.91 31.34 5.93
N GLU E 199 13.20 31.08 5.88
CA GLU E 199 14.08 31.74 4.93
C GLU E 199 14.94 30.74 4.21
N TYR E 200 15.39 31.09 3.01
CA TYR E 200 16.22 30.15 2.28
C TYR E 200 17.46 30.81 1.75
N LEU E 201 18.59 30.10 1.76
CA LEU E 201 19.79 30.73 1.21
C LEU E 201 20.50 29.89 0.18
N PHE E 202 20.72 30.48 -0.99
CA PHE E 202 21.42 29.82 -2.10
C PHE E 202 22.86 29.45 -1.75
N GLU E 203 23.30 28.26 -2.17
CA GLU E 203 24.66 27.93 -1.86
C GLU E 203 25.49 27.48 -3.06
N VAL E 204 26.65 28.14 -3.23
CA VAL E 204 27.63 27.80 -4.26
C VAL E 204 29.03 27.87 -3.69
N ASP E 205 29.91 26.95 -4.06
CA ASP E 205 31.32 27.02 -3.65
C ASP E 205 31.51 27.10 -2.16
N ASN E 206 30.69 26.35 -1.43
CA ASN E 206 30.70 26.37 0.02
C ASN E 206 30.47 27.79 0.54
N LEU E 207 29.60 28.55 -0.15
CA LEU E 207 29.23 29.87 0.31
C LEU E 207 27.74 29.90 0.41
N THR E 208 27.22 30.50 1.46
CA THR E 208 25.78 30.59 1.62
C THR E 208 25.37 32.03 1.51
N TYR E 209 24.60 32.36 0.51
CA TYR E 209 24.20 33.73 0.27
C TYR E 209 22.88 33.76 -0.49
N VAL E 210 22.14 34.88 -0.47
CA VAL E 210 20.93 35.01 -1.30
C VAL E 210 19.65 34.43 -0.74
N GLN E 211 18.86 35.28 -0.09
CA GLN E 211 17.58 34.91 0.52
C GLN E 211 16.49 34.44 -0.45
N LEU E 212 16.69 34.65 -1.76
CA LEU E 212 15.71 34.21 -2.76
C LEU E 212 14.37 34.87 -2.51
N GLU E 213 14.40 36.13 -2.07
CA GLU E 213 13.17 36.74 -1.59
C GLU E 213 12.03 36.82 -2.59
N SER E 214 12.31 37.28 -3.80
CA SER E 214 11.29 37.21 -4.84
C SER E 214 11.85 37.40 -6.23
N ARG E 215 11.11 36.93 -7.21
CA ARG E 215 11.43 37.17 -8.62
C ARG E 215 12.82 36.75 -9.05
N PHE E 216 13.33 35.64 -8.55
CA PHE E 216 14.65 35.25 -9.01
C PHE E 216 14.55 33.91 -9.69
N THR E 217 14.74 33.89 -11.00
CA THR E 217 14.70 32.66 -11.75
C THR E 217 15.96 31.89 -11.42
N PRO E 218 16.00 30.59 -11.64
CA PRO E 218 17.17 29.76 -11.44
C PRO E 218 18.30 30.29 -12.29
N GLN E 219 17.95 30.86 -13.43
CA GLN E 219 18.90 31.46 -14.34
C GLN E 219 19.38 32.82 -13.83
N PHE E 220 18.50 33.54 -13.12
CA PHE E 220 18.90 34.76 -12.46
C PHE E 220 19.96 34.45 -11.44
N LEU E 221 19.77 33.34 -10.78
CA LEU E 221 20.73 32.88 -9.82
C LEU E 221 22.00 32.32 -10.48
N LEU E 222 21.82 31.67 -11.64
CA LEU E 222 22.93 31.07 -12.38
C LEU E 222 23.99 32.06 -12.82
N GLN E 223 23.54 33.23 -13.26
CA GLN E 223 24.46 34.26 -13.69
C GLN E 223 25.26 34.82 -12.54
N LEU E 224 24.86 34.53 -11.30
CA LEU E 224 25.54 35.03 -10.14
C LEU E 224 26.75 34.17 -9.84
N ASN E 225 26.99 33.14 -10.65
CA ASN E 225 28.19 32.37 -10.46
C ASN E 225 29.35 33.10 -11.14
N GLU E 226 29.06 34.29 -11.69
CA GLU E 226 30.05 35.24 -12.14
C GLU E 226 30.87 35.75 -10.97
N THR E 227 30.36 35.54 -9.75
CA THR E 227 31.02 35.95 -8.54
C THR E 227 31.90 34.88 -7.96
N ILE E 228 31.90 33.68 -8.52
CA ILE E 228 32.65 32.66 -7.82
C ILE E 228 34.11 32.77 -8.17
N TYR E 229 34.87 33.09 -7.13
CA TYR E 229 36.30 33.40 -7.17
C TYR E 229 36.63 34.58 -8.07
N THR E 230 35.62 35.39 -8.41
CA THR E 230 35.85 36.47 -9.34
C THR E 230 35.26 37.79 -8.91
N SER E 231 34.01 38.01 -9.34
CA SER E 231 33.39 39.29 -9.11
C SER E 231 32.76 39.40 -7.74
N GLY E 232 33.61 39.71 -6.77
CA GLY E 232 33.18 39.89 -5.40
C GLY E 232 33.12 38.55 -4.74
N LYS E 233 32.64 38.52 -3.50
CA LYS E 233 32.50 37.26 -2.77
C LYS E 233 33.87 36.62 -2.72
N ARG E 234 33.96 35.31 -2.42
CA ARG E 234 35.25 34.63 -2.42
C ARG E 234 35.98 34.87 -1.13
N SER E 235 35.44 34.40 -0.03
CA SER E 235 36.05 34.78 1.24
C SER E 235 37.52 34.39 1.37
N ASN E 236 38.22 35.25 2.09
CA ASN E 236 39.63 35.15 2.43
C ASN E 236 39.80 34.56 3.82
N THR E 237 38.76 33.90 4.31
CA THR E 237 38.65 33.40 5.66
C THR E 237 38.29 31.94 5.62
N THR E 238 38.29 31.33 6.79
CA THR E 238 37.99 29.91 6.96
C THR E 238 36.64 29.49 6.39
N GLY E 239 35.76 30.45 6.11
CA GLY E 239 34.48 30.05 5.57
C GLY E 239 33.62 31.21 5.13
N LYS E 240 32.44 30.84 4.65
CA LYS E 240 31.45 31.71 4.08
C LYS E 240 30.87 32.77 4.98
N LEU E 241 30.54 33.89 4.37
CA LEU E 241 29.86 34.97 5.04
C LEU E 241 28.54 35.07 4.30
N ILE E 242 27.44 35.39 4.96
CA ILE E 242 26.20 35.35 4.17
C ILE E 242 25.69 36.68 3.69
N TRP E 243 25.93 36.91 2.42
CA TRP E 243 25.46 38.10 1.74
C TRP E 243 23.94 38.05 1.48
N LYS E 244 23.27 39.20 1.56
CA LYS E 244 21.83 39.27 1.31
C LYS E 244 21.43 39.43 -0.16
N VAL E 245 20.46 38.68 -0.66
CA VAL E 245 20.03 38.99 -2.02
C VAL E 245 19.26 40.29 -2.07
N ASN E 246 19.52 41.13 -3.07
CA ASN E 246 18.65 42.27 -3.28
C ASN E 246 18.02 42.26 -4.67
N ARG E 267 26.71 44.36 -7.56
CA ARG E 267 27.08 44.42 -6.15
C ARG E 267 25.90 44.75 -5.25
N LYS E 268 24.93 45.54 -5.75
CA LYS E 268 23.72 45.78 -4.97
C LYS E 268 22.94 44.50 -4.71
N ILE E 269 22.86 43.63 -5.72
CA ILE E 269 22.17 42.35 -5.64
C ILE E 269 22.92 41.38 -4.80
N ARG E 270 24.22 41.36 -5.06
CA ARG E 270 25.18 40.50 -4.43
C ARG E 270 25.31 40.83 -2.98
N SER E 271 25.07 42.11 -2.67
CA SER E 271 25.22 42.65 -1.34
C SER E 271 26.59 42.33 -0.84
N GLU E 272 27.57 42.66 -1.67
CA GLU E 272 28.91 42.29 -1.32
C GLU E 272 29.28 43.00 -0.05
N GLU E 273 30.00 42.28 0.80
CA GLU E 273 30.48 42.75 2.10
C GLU E 273 29.35 43.21 3.04
N LEU E 274 28.10 42.85 2.75
CA LEU E 274 26.96 43.19 3.59
C LEU E 274 26.53 42.04 4.48
N SER E 275 27.37 41.01 4.60
CA SER E 275 27.02 39.83 5.38
C SER E 275 26.60 40.11 6.83
N PHE E 276 27.04 41.23 7.39
CA PHE E 276 26.62 41.62 8.73
C PHE E 276 27.05 43.04 9.05
N ALA F 1 -17.24 20.95 -26.03
CA ALA F 1 -17.22 22.40 -26.13
C ALA F 1 -17.11 23.05 -24.76
N ILE F 2 -15.89 23.08 -24.20
CA ILE F 2 -15.74 23.67 -22.87
C ILE F 2 -14.78 24.85 -22.87
N VAL F 3 -14.98 25.73 -21.89
CA VAL F 3 -14.19 26.95 -21.69
C VAL F 3 -12.75 26.70 -21.22
N ASN F 4 -11.83 27.48 -21.80
CA ASN F 4 -10.40 27.46 -21.50
C ASN F 4 -10.09 27.98 -20.11
N ALA F 5 -9.00 27.50 -19.50
CA ALA F 5 -8.65 27.95 -18.16
C ALA F 5 -8.47 29.44 -18.11
N GLN F 6 -8.90 30.06 -17.00
CA GLN F 6 -8.67 31.48 -16.83
C GLN F 6 -7.25 31.81 -16.32
N PRO F 7 -6.46 30.81 -15.87
CA PRO F 7 -5.03 30.97 -15.67
C PRO F 7 -4.39 31.24 -16.98
N LYS F 8 -3.27 31.94 -16.96
CA LYS F 8 -2.57 32.10 -18.21
C LYS F 8 -2.15 30.69 -18.61
N CYS F 9 -2.14 30.37 -19.89
CA CYS F 9 -1.78 29.00 -20.25
C CYS F 9 -0.56 28.95 -21.14
N ASN F 10 0.42 28.13 -20.77
CA ASN F 10 1.59 27.95 -21.62
C ASN F 10 1.30 26.90 -22.68
N PRO F 11 1.09 27.31 -23.93
CA PRO F 11 0.76 26.46 -25.07
C PRO F 11 1.85 25.47 -25.50
N ASN F 12 3.09 25.72 -25.10
CA ASN F 12 4.18 24.86 -25.54
C ASN F 12 4.44 23.71 -24.59
N LEU F 13 3.89 22.56 -24.87
CA LEU F 13 4.08 21.47 -23.94
C LEU F 13 5.29 20.67 -24.26
N HIS F 14 6.46 21.17 -23.93
CA HIS F 14 7.58 20.31 -24.17
C HIS F 14 7.21 19.16 -23.28
N TYR F 15 7.22 17.92 -23.77
CA TYR F 15 6.70 16.84 -22.96
C TYR F 15 7.47 15.59 -23.10
N TRP F 16 7.25 14.69 -22.16
CA TRP F 16 7.89 13.40 -22.21
C TRP F 16 6.91 12.29 -22.00
N THR F 17 7.17 11.15 -22.63
CA THR F 17 6.37 9.96 -22.45
C THR F 17 7.15 8.70 -22.35
N THR F 18 6.53 7.66 -21.80
CA THR F 18 7.17 6.34 -21.78
C THR F 18 6.88 5.59 -23.05
N GLN F 19 6.00 6.14 -23.88
CA GLN F 19 5.71 5.48 -25.13
C GLN F 19 6.95 5.44 -25.99
N ASP F 20 7.11 4.33 -26.66
CA ASP F 20 8.18 4.13 -27.61
C ASP F 20 7.70 3.09 -28.60
N GLU F 21 7.13 3.53 -29.71
CA GLU F 21 6.61 2.56 -30.64
C GLU F 21 7.70 1.70 -31.27
N GLY F 22 7.37 0.42 -31.47
CA GLY F 22 8.26 -0.52 -32.12
C GLY F 22 9.30 -1.11 -31.17
N ALA F 23 10.21 -1.88 -31.74
CA ALA F 23 11.36 -2.45 -31.05
C ALA F 23 12.37 -2.85 -32.09
N ALA F 24 13.26 -1.93 -32.46
CA ALA F 24 14.22 -2.22 -33.52
C ALA F 24 15.08 -3.44 -33.23
N ILE F 25 15.44 -3.63 -31.96
CA ILE F 25 16.19 -4.80 -31.56
C ILE F 25 15.59 -5.48 -30.35
N GLY F 26 15.71 -6.81 -30.31
CA GLY F 26 15.22 -7.57 -29.18
C GLY F 26 16.01 -7.27 -27.93
N LEU F 27 17.23 -6.77 -28.11
CA LEU F 27 18.03 -6.39 -26.97
C LEU F 27 17.37 -5.26 -26.22
N ALA F 28 16.68 -4.37 -26.94
CA ALA F 28 15.99 -3.29 -26.27
C ALA F 28 14.92 -3.89 -25.41
N TRP F 29 14.27 -4.90 -25.98
CA TRP F 29 13.29 -5.67 -25.26
C TRP F 29 13.77 -6.43 -24.02
N ILE F 30 15.01 -6.90 -24.05
CA ILE F 30 15.50 -7.63 -22.90
C ILE F 30 15.98 -6.69 -21.81
N PRO F 31 15.49 -6.81 -20.57
CA PRO F 31 15.81 -5.99 -19.40
C PRO F 31 17.29 -5.97 -19.13
N TYR F 32 17.94 -7.07 -19.43
CA TYR F 32 19.37 -7.15 -19.31
C TYR F 32 20.09 -6.22 -20.24
N PHE F 33 19.55 -6.06 -21.44
CA PHE F 33 20.13 -5.17 -22.42
C PHE F 33 19.34 -3.87 -22.56
N GLY F 34 18.37 -3.68 -21.67
CA GLY F 34 17.52 -2.50 -21.70
C GLY F 34 18.25 -1.21 -21.36
N PRO F 35 17.68 -0.09 -21.77
CA PRO F 35 18.11 1.28 -21.58
C PRO F 35 18.07 1.65 -20.11
N ALA F 36 18.87 2.64 -19.74
CA ALA F 36 18.84 3.17 -18.38
C ALA F 36 17.41 3.59 -18.13
N ALA F 37 16.95 3.51 -16.89
CA ALA F 37 15.53 3.73 -16.62
C ALA F 37 14.94 5.00 -17.22
N GLU F 38 15.68 6.10 -17.18
CA GLU F 38 15.18 7.34 -17.77
C GLU F 38 15.12 7.29 -19.30
N GLY F 39 15.79 6.31 -19.89
CA GLY F 39 15.83 6.14 -21.33
C GLY F 39 14.49 5.72 -21.91
N ILE F 40 13.59 5.18 -21.08
CA ILE F 40 12.26 4.88 -21.62
C ILE F 40 11.53 6.13 -22.03
N TYR F 41 11.87 7.24 -21.40
CA TYR F 41 11.19 8.44 -21.72
C TYR F 41 11.58 8.92 -23.10
N THR F 42 10.62 9.49 -23.81
CA THR F 42 10.87 10.04 -25.13
C THR F 42 10.23 11.39 -25.09
N GLU F 43 10.57 12.28 -26.01
CA GLU F 43 10.09 13.64 -25.84
C GLU F 43 9.78 14.39 -27.14
N GLY F 44 8.96 15.43 -27.02
CA GLY F 44 8.55 16.27 -28.15
C GLY F 44 7.79 17.44 -27.60
N LEU F 45 7.32 18.37 -28.42
CA LEU F 45 6.60 19.50 -27.84
C LEU F 45 5.25 19.73 -28.46
N MET F 46 4.19 19.68 -27.67
CA MET F 46 2.86 19.93 -28.20
C MET F 46 2.66 21.40 -28.50
N HIS F 47 1.85 21.67 -29.49
CA HIS F 47 1.49 23.04 -29.80
C HIS F 47 0.01 23.08 -29.59
N ASN F 48 -0.52 24.23 -29.21
CA ASN F 48 -1.92 24.27 -28.84
C ASN F 48 -2.89 24.33 -29.99
N GLN F 49 -2.91 23.28 -30.80
CA GLN F 49 -3.82 23.28 -31.88
C GLN F 49 -5.21 23.16 -31.34
N ASP F 50 -6.09 23.88 -32.01
CA ASP F 50 -7.50 24.00 -31.73
C ASP F 50 -7.78 24.48 -30.31
N GLY F 51 -6.81 25.08 -29.63
CA GLY F 51 -7.05 25.66 -28.33
C GLY F 51 -7.12 24.59 -27.23
N LEU F 52 -6.81 23.35 -27.56
CA LEU F 52 -7.04 22.28 -26.62
C LEU F 52 -6.25 22.33 -25.34
N ILE F 53 -5.04 22.87 -25.38
CA ILE F 53 -4.21 22.86 -24.19
C ILE F 53 -4.70 23.75 -23.08
N CYS F 54 -5.13 24.95 -23.38
CA CYS F 54 -5.61 25.78 -22.31
C CYS F 54 -6.87 25.20 -21.72
N GLY F 55 -7.70 24.58 -22.58
CA GLY F 55 -8.88 23.90 -22.06
C GLY F 55 -8.48 22.71 -21.23
N LEU F 56 -7.38 22.06 -21.62
CA LEU F 56 -6.86 20.93 -20.88
C LEU F 56 -6.42 21.33 -19.52
N ARG F 57 -5.82 22.51 -19.41
CA ARG F 57 -5.41 22.95 -18.11
C ARG F 57 -6.62 23.17 -17.22
N GLN F 58 -7.72 23.68 -17.79
CA GLN F 58 -8.93 23.81 -17.01
C GLN F 58 -9.53 22.48 -16.66
N LEU F 59 -9.40 21.53 -17.57
CA LEU F 59 -9.90 20.21 -17.31
C LEU F 59 -9.20 19.63 -16.12
N ALA F 60 -7.88 19.83 -16.06
CA ALA F 60 -7.11 19.37 -14.93
C ALA F 60 -7.48 20.08 -13.66
N ASN F 61 -7.77 21.37 -13.78
CA ASN F 61 -8.10 22.17 -12.62
C ASN F 61 -9.38 21.70 -12.00
N GLU F 62 -10.38 21.47 -12.85
CA GLU F 62 -11.64 20.95 -12.37
C GLU F 62 -11.46 19.54 -11.84
N THR F 63 -10.61 18.78 -12.52
CA THR F 63 -10.30 17.44 -12.15
C THR F 63 -9.59 17.33 -10.84
N THR F 64 -8.87 18.36 -10.40
CA THR F 64 -8.24 18.18 -9.11
C THR F 64 -9.28 18.04 -8.02
N GLN F 65 -10.47 18.58 -8.23
CA GLN F 65 -11.49 18.38 -7.24
C GLN F 65 -12.19 17.09 -7.43
N ALA F 66 -12.56 16.79 -8.67
CA ALA F 66 -13.27 15.55 -8.88
C ALA F 66 -12.44 14.36 -8.51
N LEU F 67 -11.18 14.40 -8.92
CA LEU F 67 -10.27 13.33 -8.62
C LEU F 67 -9.93 13.18 -7.20
N GLN F 68 -9.60 14.27 -6.53
CA GLN F 68 -9.24 14.10 -5.16
C GLN F 68 -10.38 13.68 -4.29
N LEU F 69 -11.59 14.13 -4.60
CA LEU F 69 -12.71 13.68 -3.81
C LEU F 69 -12.86 12.18 -3.95
N PHE F 70 -12.66 11.70 -5.17
CA PHE F 70 -12.65 10.29 -5.40
C PHE F 70 -11.54 9.58 -4.68
N LEU F 71 -10.37 10.19 -4.68
CA LEU F 71 -9.24 9.59 -4.03
C LEU F 71 -9.47 9.46 -2.57
N ARG F 72 -10.17 10.40 -1.97
CA ARG F 72 -10.50 10.26 -0.58
C ARG F 72 -11.40 9.06 -0.38
N ALA F 73 -12.31 8.84 -1.31
CA ALA F 73 -13.20 7.68 -1.25
C ALA F 73 -12.49 6.34 -1.53
N THR F 74 -11.32 6.36 -2.16
CA THR F 74 -10.61 5.12 -2.43
C THR F 74 -10.06 4.48 -1.18
N THR F 75 -9.85 3.17 -1.25
CA THR F 75 -9.17 2.51 -0.14
C THR F 75 -7.76 2.01 -0.56
N GLU F 76 -7.48 1.96 -1.87
CA GLU F 76 -6.14 1.59 -2.35
C GLU F 76 -5.12 2.67 -2.02
N LEU F 77 -3.91 2.27 -1.64
CA LEU F 77 -2.87 3.26 -1.38
C LEU F 77 -2.34 4.03 -2.59
N ARG F 78 -2.05 3.31 -3.67
CA ARG F 78 -1.45 3.94 -4.84
C ARG F 78 -2.36 4.12 -6.03
N THR F 79 -3.64 3.81 -5.88
CA THR F 79 -4.68 3.96 -6.90
C THR F 79 -4.15 3.84 -8.33
N PHE F 80 -3.65 2.65 -8.66
CA PHE F 80 -3.08 2.39 -9.97
C PHE F 80 -4.07 2.34 -11.13
N SER F 81 -5.36 2.29 -10.84
CA SER F 81 -6.34 2.19 -11.90
C SER F 81 -7.52 3.09 -11.65
N ILE F 82 -8.27 3.32 -12.70
CA ILE F 82 -9.36 4.27 -12.75
C ILE F 82 -9.94 4.30 -14.15
N LEU F 83 -9.12 4.67 -15.12
CA LEU F 83 -9.54 4.77 -16.51
C LEU F 83 -10.10 3.46 -17.02
N ASN F 84 -9.62 2.35 -16.50
CA ASN F 84 -10.13 1.07 -16.92
C ASN F 84 -11.56 0.97 -16.47
N ARG F 85 -11.83 1.43 -15.25
CA ARG F 85 -13.18 1.44 -14.77
C ARG F 85 -14.04 2.35 -15.60
N LYS F 86 -13.46 3.46 -16.05
CA LYS F 86 -14.23 4.36 -16.87
C LYS F 86 -14.61 3.72 -18.19
N ALA F 87 -13.73 2.88 -18.73
CA ALA F 87 -14.07 2.16 -19.93
C ALA F 87 -15.16 1.16 -19.67
N ILE F 88 -15.17 0.60 -18.46
CA ILE F 88 -16.22 -0.34 -18.11
C ILE F 88 -17.55 0.35 -18.05
N ASP F 89 -17.59 1.55 -17.49
CA ASP F 89 -18.85 2.25 -17.44
C ASP F 89 -19.25 2.81 -18.77
N PHE F 90 -18.29 3.04 -19.65
CA PHE F 90 -18.69 3.41 -20.98
C PHE F 90 -19.50 2.31 -21.57
N LEU F 91 -18.99 1.09 -21.44
CA LEU F 91 -19.70 -0.03 -21.98
C LEU F 91 -20.99 -0.32 -21.25
N LEU F 92 -21.01 -0.15 -19.93
CA LEU F 92 -22.25 -0.40 -19.22
C LEU F 92 -23.33 0.56 -19.59
N GLN F 93 -22.97 1.81 -19.85
CA GLN F 93 -23.97 2.72 -20.30
C GLN F 93 -24.33 2.51 -21.76
N ARG F 94 -23.42 1.91 -22.53
CA ARG F 94 -23.74 1.59 -23.90
C ARG F 94 -24.44 0.29 -24.11
N TRP F 95 -24.42 -0.61 -23.13
CA TRP F 95 -24.99 -1.91 -23.41
C TRP F 95 -25.95 -2.42 -22.35
N GLY F 96 -26.88 -3.26 -22.81
CA GLY F 96 -27.93 -3.87 -22.00
C GLY F 96 -29.22 -3.05 -21.96
N GLY F 97 -29.20 -1.86 -22.56
CA GLY F 97 -30.39 -1.05 -22.76
C GLY F 97 -31.21 -1.72 -23.85
N THR F 98 -32.50 -1.40 -23.96
CA THR F 98 -33.20 -2.01 -25.07
C THR F 98 -32.62 -1.42 -26.34
N CYS F 99 -32.48 -2.22 -27.39
CA CYS F 99 -31.87 -1.65 -28.59
C CYS F 99 -32.15 -2.34 -29.93
N HIS F 100 -33.26 -2.05 -30.60
CA HIS F 100 -33.40 -2.61 -31.93
C HIS F 100 -32.83 -1.62 -32.94
N ILE F 101 -33.64 -0.63 -33.29
CA ILE F 101 -33.22 0.47 -34.13
C ILE F 101 -33.58 1.80 -33.47
N LEU F 102 -34.81 1.87 -32.98
CA LEU F 102 -35.38 3.07 -32.38
C LEU F 102 -34.62 3.66 -31.21
N GLY F 103 -34.07 2.83 -30.33
CA GLY F 103 -33.32 3.40 -29.23
C GLY F 103 -32.07 4.05 -29.77
N PRO F 104 -31.57 5.09 -29.09
CA PRO F 104 -30.39 5.89 -29.42
C PRO F 104 -29.11 5.17 -29.04
N ASP F 105 -28.94 3.97 -29.57
CA ASP F 105 -27.78 3.18 -29.23
C ASP F 105 -27.45 2.19 -30.34
N CYS F 106 -26.35 1.50 -30.14
CA CYS F 106 -25.80 0.43 -30.97
C CYS F 106 -25.29 0.85 -32.34
N CYS F 107 -25.16 2.16 -32.57
CA CYS F 107 -24.59 2.69 -33.83
C CYS F 107 -25.26 2.03 -35.02
N ILE F 108 -26.58 2.06 -35.07
CA ILE F 108 -27.26 1.30 -36.09
C ILE F 108 -27.06 1.82 -37.51
N GLU F 109 -26.70 0.88 -38.38
CA GLU F 109 -26.52 1.03 -39.81
C GLU F 109 -27.85 1.25 -40.51
N PRO F 110 -27.88 1.98 -41.63
CA PRO F 110 -29.08 2.22 -42.42
C PRO F 110 -29.61 0.88 -42.90
N HIS F 111 -30.92 0.80 -43.06
CA HIS F 111 -31.54 -0.46 -43.44
C HIS F 111 -31.35 -0.81 -44.90
N ASP F 112 -31.05 -2.08 -45.14
CA ASP F 112 -30.92 -2.59 -46.49
C ASP F 112 -32.26 -2.74 -47.21
N TRP F 113 -32.34 -2.25 -48.44
CA TRP F 113 -33.52 -2.42 -49.29
C TRP F 113 -33.14 -2.87 -50.69
N GLU G 1 15.17 40.28 -20.25
CA GLU G 1 14.03 40.09 -21.14
C GLU G 1 14.46 39.93 -22.57
N VAL G 2 13.80 39.01 -23.28
CA VAL G 2 14.06 38.79 -24.69
C VAL G 2 13.65 39.95 -25.57
N GLN G 3 14.54 40.23 -26.51
CA GLN G 3 14.38 41.18 -27.58
C GLN G 3 14.92 40.47 -28.77
N LEU G 4 14.34 40.71 -29.93
CA LEU G 4 14.76 40.00 -31.12
C LEU G 4 15.57 40.91 -32.03
N GLN G 5 16.89 40.87 -31.87
CA GLN G 5 17.76 41.77 -32.61
C GLN G 5 17.82 41.46 -34.10
N GLU G 6 17.78 42.51 -34.91
CA GLU G 6 17.87 42.45 -36.37
C GLU G 6 18.48 43.72 -36.94
N SER G 7 19.12 43.57 -38.09
CA SER G 7 19.71 44.63 -38.91
C SER G 7 18.65 45.57 -39.46
N GLY G 8 19.04 46.78 -39.82
CA GLY G 8 18.11 47.78 -40.36
C GLY G 8 17.59 47.37 -41.75
N PRO G 9 16.53 48.04 -42.24
CA PRO G 9 15.83 47.79 -43.50
C PRO G 9 16.76 47.90 -44.67
N GLU G 10 16.50 47.16 -45.74
CA GLU G 10 17.42 47.23 -46.86
C GLU G 10 16.80 47.01 -48.23
N LEU G 11 17.38 47.70 -49.21
CA LEU G 11 17.06 47.55 -50.63
C LEU G 11 17.55 46.22 -51.19
N GLU G 12 16.75 45.60 -52.05
CA GLU G 12 17.17 44.36 -52.67
C GLU G 12 16.84 44.33 -54.16
N MET G 13 17.65 43.61 -54.92
CA MET G 13 17.37 43.42 -56.34
C MET G 13 16.17 42.51 -56.50
N PRO G 14 15.43 42.61 -57.60
CA PRO G 14 14.30 41.75 -57.84
C PRO G 14 14.78 40.31 -57.93
N GLY G 15 13.94 39.41 -57.46
CA GLY G 15 14.18 37.98 -57.44
C GLY G 15 15.07 37.59 -56.24
N ALA G 16 15.36 38.57 -55.37
CA ALA G 16 16.15 38.37 -54.17
C ALA G 16 15.55 37.43 -53.19
N SER G 17 16.42 36.80 -52.42
CA SER G 17 15.95 36.06 -51.30
C SER G 17 16.70 36.68 -50.15
N VAL G 18 16.10 36.69 -48.97
CA VAL G 18 16.79 37.31 -47.84
C VAL G 18 16.70 36.47 -46.62
N LYS G 19 17.83 36.13 -46.03
CA LYS G 19 17.66 35.33 -44.84
C LYS G 19 17.61 36.23 -43.64
N ILE G 20 16.38 36.44 -43.21
CA ILE G 20 16.01 37.22 -42.04
C ILE G 20 16.45 36.52 -40.78
N SER G 21 17.01 37.23 -39.82
CA SER G 21 17.29 36.52 -38.60
C SER G 21 17.07 37.38 -37.39
N CYS G 22 16.78 36.75 -36.28
CA CYS G 22 16.67 37.49 -35.06
C CYS G 22 17.33 36.83 -33.91
N LYS G 23 18.09 37.60 -33.15
CA LYS G 23 18.72 37.00 -32.01
C LYS G 23 18.04 37.42 -30.72
N ALA G 24 17.54 36.43 -29.98
CA ALA G 24 16.94 36.71 -28.70
C ALA G 24 17.95 37.29 -27.76
N SER G 25 17.50 38.25 -26.94
CA SER G 25 18.34 38.85 -25.91
C SER G 25 18.36 38.05 -24.61
N GLY G 26 17.71 36.88 -24.56
CA GLY G 26 17.84 36.05 -23.38
C GLY G 26 17.23 34.66 -23.52
N SER G 27 17.46 33.86 -22.48
CA SER G 27 17.15 32.43 -22.39
C SER G 27 15.71 31.98 -22.55
N SER G 28 14.75 32.84 -22.26
CA SER G 28 13.35 32.41 -22.35
C SER G 28 12.96 31.97 -23.75
N PHE G 29 13.70 32.42 -24.78
CA PHE G 29 13.38 32.06 -26.15
C PHE G 29 13.48 30.56 -26.35
N THR G 30 14.24 29.85 -25.51
CA THR G 30 14.47 28.45 -25.75
C THR G 30 13.21 27.61 -25.70
N GLY G 31 12.21 28.03 -24.93
CA GLY G 31 10.95 27.28 -24.94
C GLY G 31 9.86 27.96 -25.75
N PHE G 32 10.19 29.10 -26.36
CA PHE G 32 9.20 29.88 -27.07
C PHE G 32 8.60 29.37 -28.35
N SER G 33 9.36 28.61 -29.15
CA SER G 33 8.86 28.17 -30.45
C SER G 33 8.28 29.37 -31.22
N MET G 34 9.11 30.42 -31.40
CA MET G 34 8.60 31.71 -31.90
C MET G 34 7.90 31.74 -33.24
N ASN G 35 6.86 32.57 -33.23
CA ASN G 35 6.01 32.98 -34.33
C ASN G 35 6.64 34.04 -35.22
N TRP G 36 6.23 34.07 -36.47
CA TRP G 36 6.62 35.12 -37.40
C TRP G 36 5.35 35.77 -37.90
N VAL G 37 5.33 37.11 -38.01
CA VAL G 37 4.16 37.82 -38.58
C VAL G 37 4.63 38.89 -39.58
N LYS G 38 3.73 39.38 -40.43
CA LYS G 38 4.13 40.42 -41.39
C LYS G 38 3.14 41.56 -41.57
N GLN G 39 3.65 42.77 -41.81
CA GLN G 39 2.78 43.89 -42.22
C GLN G 39 3.17 44.42 -43.57
N SER G 40 2.69 43.81 -44.65
CA SER G 40 3.05 44.38 -45.92
C SER G 40 2.44 45.73 -46.02
N ASN G 41 3.23 46.68 -46.47
CA ASN G 41 2.78 48.05 -46.70
C ASN G 41 2.11 48.70 -45.48
N GLY G 42 2.44 48.27 -44.26
CA GLY G 42 1.85 48.86 -43.06
C GLY G 42 0.43 48.34 -42.78
N LYS G 43 0.01 47.33 -43.54
CA LYS G 43 -1.30 46.70 -43.47
C LYS G 43 -1.43 45.78 -42.29
N SER G 44 -2.67 45.49 -41.90
CA SER G 44 -2.89 44.65 -40.74
C SER G 44 -2.17 43.33 -40.92
N LEU G 45 -1.75 42.78 -39.79
CA LEU G 45 -0.89 41.62 -39.75
C LEU G 45 -1.37 40.36 -40.38
N GLU G 46 -0.42 39.66 -40.98
CA GLU G 46 -0.63 38.34 -41.50
C GLU G 46 0.22 37.41 -40.68
N TRP G 47 -0.36 36.33 -40.16
CA TRP G 47 0.52 35.41 -39.47
C TRP G 47 1.40 34.79 -40.52
N ILE G 48 2.66 34.58 -40.21
CA ILE G 48 3.53 33.96 -41.19
C ILE G 48 3.88 32.53 -40.87
N GLY G 49 4.32 32.28 -39.66
CA GLY G 49 4.70 30.93 -39.32
C GLY G 49 5.26 30.81 -37.93
N ASN G 50 5.73 29.63 -37.59
CA ASN G 50 6.45 29.51 -36.33
C ASN G 50 7.51 28.45 -36.45
N ILE G 51 8.50 28.52 -35.57
CA ILE G 51 9.57 27.56 -35.58
C ILE G 51 9.76 26.99 -34.20
N ASP G 52 9.77 25.68 -34.06
CA ASP G 52 9.98 25.10 -32.76
C ASP G 52 11.38 25.45 -32.30
N THR G 53 11.52 25.92 -31.07
CA THR G 53 12.86 26.29 -30.64
C THR G 53 13.71 25.15 -30.13
N TYR G 54 13.16 23.94 -30.03
CA TYR G 54 14.00 22.82 -29.69
C TYR G 54 14.32 22.00 -30.92
N TYR G 55 13.32 21.80 -31.77
CA TYR G 55 13.55 20.92 -32.91
C TYR G 55 13.71 21.61 -34.23
N GLY G 56 13.28 22.87 -34.30
CA GLY G 56 13.34 23.59 -35.54
C GLY G 56 12.20 23.21 -36.47
N GLY G 57 11.20 22.44 -35.98
CA GLY G 57 10.08 22.08 -36.84
C GLY G 57 9.29 23.34 -37.14
N THR G 58 8.65 23.41 -38.30
CA THR G 58 7.95 24.65 -38.57
C THR G 58 6.56 24.49 -39.11
N THR G 59 5.80 25.56 -39.01
CA THR G 59 4.51 25.65 -39.68
C THR G 59 4.47 27.01 -40.34
N TYR G 60 3.58 27.19 -41.30
CA TYR G 60 3.47 28.51 -41.89
C TYR G 60 2.05 28.75 -42.35
N ASN G 61 1.71 30.01 -42.57
CA ASN G 61 0.39 30.36 -43.03
C ASN G 61 0.27 29.84 -44.44
N GLN G 62 -0.80 29.16 -44.74
CA GLN G 62 -0.87 28.59 -46.07
C GLN G 62 -1.24 29.61 -47.13
N LYS G 63 -1.62 30.81 -46.69
CA LYS G 63 -1.86 31.92 -47.60
C LYS G 63 -0.56 32.67 -47.88
N PHE G 64 0.50 32.31 -47.17
CA PHE G 64 1.80 32.90 -47.40
C PHE G 64 2.48 32.05 -48.41
N LYS G 65 2.09 32.27 -49.66
CA LYS G 65 2.56 31.42 -50.71
C LYS G 65 4.05 31.55 -50.92
N GLY G 66 4.65 30.41 -51.17
CA GLY G 66 6.08 30.26 -51.38
C GLY G 66 6.80 30.25 -50.03
N LYS G 67 6.03 30.24 -48.93
CA LYS G 67 6.49 30.25 -47.56
C LYS G 67 7.76 31.10 -47.38
N ALA G 68 8.62 30.63 -46.51
CA ALA G 68 9.93 31.21 -46.29
C ALA G 68 10.79 30.09 -45.77
N THR G 69 12.10 30.18 -45.92
CA THR G 69 12.87 29.12 -45.31
C THR G 69 12.73 29.38 -43.84
N LEU G 70 12.51 28.37 -43.03
CA LEU G 70 12.46 28.65 -41.62
C LEU G 70 13.42 27.74 -40.87
N THR G 71 14.37 28.32 -40.14
CA THR G 71 15.33 27.54 -39.34
C THR G 71 15.53 28.14 -37.97
N VAL G 72 16.12 27.38 -37.05
CA VAL G 72 16.45 27.94 -35.75
C VAL G 72 17.86 27.55 -35.37
N ASP G 73 18.51 28.39 -34.59
CA ASP G 73 19.81 28.08 -34.06
C ASP G 73 19.84 28.45 -32.61
N LYS G 74 19.35 27.54 -31.78
CA LYS G 74 19.28 27.75 -30.36
C LYS G 74 20.63 28.08 -29.74
N SER G 75 21.71 27.49 -30.24
CA SER G 75 23.03 27.81 -29.69
C SER G 75 23.44 29.27 -29.91
N SER G 76 22.92 29.89 -30.99
CA SER G 76 23.18 31.29 -31.28
C SER G 76 22.11 32.21 -30.73
N SER G 77 21.15 31.67 -29.98
CA SER G 77 20.01 32.44 -29.54
C SER G 77 19.31 33.08 -30.72
N THR G 78 19.27 32.38 -31.86
CA THR G 78 18.75 33.01 -33.05
C THR G 78 17.76 32.14 -33.82
N ALA G 79 16.93 32.78 -34.62
CA ALA G 79 15.98 32.08 -35.47
C ALA G 79 15.95 32.76 -36.82
N TYR G 80 15.58 32.02 -37.85
CA TYR G 80 15.70 32.55 -39.18
C TYR G 80 14.50 32.36 -40.06
N MET G 81 14.36 33.26 -41.02
CA MET G 81 13.33 33.19 -42.02
C MET G 81 13.95 33.60 -43.34
N GLN G 82 13.58 32.97 -44.45
CA GLN G 82 14.14 33.49 -45.69
C GLN G 82 13.10 33.87 -46.70
N LEU G 83 13.17 35.12 -47.12
CA LEU G 83 12.30 35.67 -48.14
C LEU G 83 12.63 35.07 -49.47
N LYS G 84 11.65 34.88 -50.33
CA LYS G 84 11.97 34.30 -51.63
C LYS G 84 11.37 35.08 -52.78
N SER G 85 12.07 35.06 -53.93
CA SER G 85 11.59 35.65 -55.19
C SER G 85 11.02 37.05 -55.02
N LEU G 86 11.74 37.91 -54.32
CA LEU G 86 11.21 39.21 -53.97
C LEU G 86 10.94 40.20 -55.11
N THR G 87 9.88 40.97 -54.93
CA THR G 87 9.49 42.06 -55.81
C THR G 87 9.11 43.25 -54.96
N SER G 88 9.03 44.44 -55.55
CA SER G 88 8.76 45.65 -54.76
C SER G 88 7.43 45.59 -54.01
N GLU G 89 6.47 44.82 -54.53
CA GLU G 89 5.18 44.62 -53.92
C GLU G 89 5.25 43.84 -52.62
N ASP G 90 6.40 43.20 -52.38
CA ASP G 90 6.63 42.45 -51.18
C ASP G 90 7.23 43.31 -50.09
N SER G 91 7.33 44.63 -50.31
CA SER G 91 7.96 45.37 -49.25
C SER G 91 7.10 45.21 -48.01
N ALA G 92 7.74 44.90 -46.90
CA ALA G 92 6.97 44.70 -45.70
C ALA G 92 7.77 44.81 -44.47
N VAL G 93 7.10 45.10 -43.37
CA VAL G 93 7.83 44.98 -42.15
C VAL G 93 7.80 43.50 -41.83
N TYR G 94 8.95 42.92 -41.55
CA TYR G 94 8.94 41.49 -41.28
C TYR G 94 9.25 41.23 -39.83
N TYR G 95 8.30 40.64 -39.13
CA TYR G 95 8.42 40.44 -37.70
C TYR G 95 8.88 39.08 -37.25
N CYS G 96 9.89 39.08 -36.40
CA CYS G 96 10.29 37.89 -35.67
C CYS G 96 9.46 37.78 -34.40
N ALA G 97 8.55 38.76 -34.18
CA ALA G 97 7.76 38.87 -32.98
C ALA G 97 6.96 37.64 -32.71
N ARG G 98 6.81 37.31 -31.44
CA ARG G 98 6.10 36.12 -31.09
C ARG G 98 4.74 36.37 -30.51
N SER G 99 3.76 35.87 -31.23
CA SER G 99 2.40 35.97 -30.82
C SER G 99 2.02 34.70 -30.07
N ALA G 100 2.12 34.76 -28.75
CA ALA G 100 1.79 33.63 -27.88
C ALA G 100 0.33 33.24 -27.99
N TYR G 101 0.02 31.95 -27.84
CA TYR G 101 -1.39 31.57 -27.82
C TYR G 101 -2.11 32.27 -26.66
N TYR G 102 -1.38 32.43 -25.55
CA TYR G 102 -1.83 33.17 -24.37
C TYR G 102 -0.71 33.92 -23.68
N GLY G 103 -1.12 34.87 -22.85
CA GLY G 103 -0.22 35.78 -22.12
C GLY G 103 0.78 35.12 -21.17
N SER G 104 0.69 33.81 -20.92
CA SER G 104 1.67 33.15 -20.06
C SER G 104 3.09 33.32 -20.56
N THR G 105 3.22 33.47 -21.88
CA THR G 105 4.50 33.74 -22.48
C THR G 105 4.32 34.84 -23.50
N PHE G 106 5.40 35.51 -23.89
CA PHE G 106 5.32 36.45 -25.02
C PHE G 106 6.70 36.88 -25.46
N ALA G 107 6.84 37.26 -26.72
CA ALA G 107 8.06 37.90 -27.13
C ALA G 107 7.75 38.77 -28.29
N TYR G 108 8.54 39.79 -28.49
CA TYR G 108 8.25 40.59 -29.66
C TYR G 108 9.49 41.19 -30.22
N TRP G 109 9.36 41.63 -31.44
CA TRP G 109 10.42 42.21 -32.20
C TRP G 109 10.11 43.66 -32.51
N GLY G 110 10.91 44.56 -31.96
CA GLY G 110 10.77 46.00 -32.17
C GLY G 110 11.73 46.59 -33.20
N GLN G 111 12.48 45.78 -33.92
CA GLN G 111 13.54 46.35 -34.74
C GLN G 111 13.08 47.22 -35.92
N GLY G 112 11.87 46.98 -36.41
CA GLY G 112 11.29 47.83 -37.46
C GLY G 112 11.83 47.53 -38.87
N THR G 113 12.59 46.45 -39.03
CA THR G 113 13.19 46.16 -40.32
C THR G 113 12.16 45.90 -41.39
N LEU G 114 12.43 46.47 -42.55
CA LEU G 114 11.62 46.27 -43.72
C LEU G 114 12.49 45.92 -44.89
N VAL G 115 12.08 44.91 -45.62
CA VAL G 115 12.80 44.55 -46.82
C VAL G 115 12.11 45.17 -47.99
N THR G 116 12.87 45.81 -48.88
CA THR G 116 12.24 46.40 -50.06
C THR G 116 13.04 46.07 -51.31
N VAL G 117 12.41 46.25 -52.47
CA VAL G 117 13.04 45.90 -53.74
C VAL G 117 12.98 46.98 -54.83
N SER G 118 14.08 47.08 -55.59
CA SER G 118 14.22 48.00 -56.73
C SER G 118 15.63 47.93 -57.31
N ASP H 1 -9.60 28.59 -43.25
CA ASP H 1 -9.05 29.41 -42.17
C ASP H 1 -10.11 30.33 -41.61
N ILE H 2 -10.04 30.60 -40.31
CA ILE H 2 -10.98 31.51 -39.71
C ILE H 2 -10.77 32.89 -40.28
N GLN H 3 -11.87 33.56 -40.56
CA GLN H 3 -11.80 34.92 -41.09
C GLN H 3 -12.09 35.91 -39.98
N MET H 4 -11.45 37.06 -40.02
CA MET H 4 -11.72 38.04 -38.97
C MET H 4 -11.82 39.46 -39.52
N THR H 5 -12.64 40.28 -38.87
CA THR H 5 -12.82 41.67 -39.26
C THR H 5 -12.87 42.62 -38.08
N GLN H 6 -12.68 43.91 -38.33
CA GLN H 6 -12.82 44.92 -37.28
C GLN H 6 -13.50 46.17 -37.77
N SER H 7 -14.20 46.85 -36.85
CA SER H 7 -14.81 48.12 -37.18
C SER H 7 -14.91 49.01 -35.92
N PRO H 8 -15.12 50.32 -36.10
CA PRO H 8 -15.11 51.14 -37.31
C PRO H 8 -13.70 51.15 -37.85
N ALA H 9 -13.51 51.37 -39.15
CA ALA H 9 -12.15 51.37 -39.70
C ALA H 9 -11.25 52.36 -38.96
N SER H 10 -11.82 53.44 -38.46
CA SER H 10 -11.09 54.32 -37.60
C SER H 10 -12.07 54.92 -36.62
N LEU H 11 -11.56 55.44 -35.52
CA LEU H 11 -12.45 56.03 -34.54
C LEU H 11 -11.89 57.30 -33.95
N SER H 12 -12.33 58.45 -34.43
CA SER H 12 -11.86 59.67 -33.82
C SER H 12 -12.44 59.84 -32.42
N ALA H 13 -11.65 60.39 -31.50
CA ALA H 13 -12.16 60.69 -30.17
C ALA H 13 -11.37 61.80 -29.51
N SER H 14 -12.04 62.55 -28.66
CA SER H 14 -11.38 63.54 -27.84
C SER H 14 -10.64 62.83 -26.74
N VAL H 15 -9.62 63.45 -26.21
CA VAL H 15 -8.94 62.84 -25.10
C VAL H 15 -9.88 62.83 -23.89
N GLY H 16 -9.87 61.72 -23.18
CA GLY H 16 -10.74 61.47 -22.04
C GLY H 16 -12.11 60.98 -22.46
N GLU H 17 -12.30 60.72 -23.76
CA GLU H 17 -13.55 60.16 -24.23
C GLU H 17 -13.49 58.65 -24.25
N THR H 18 -14.51 57.97 -23.72
CA THR H 18 -14.54 56.53 -23.79
C THR H 18 -14.82 56.08 -25.20
N VAL H 19 -14.10 55.06 -25.65
CA VAL H 19 -14.33 54.54 -27.00
C VAL H 19 -14.47 53.03 -26.99
N THR H 20 -15.08 52.48 -28.04
CA THR H 20 -15.11 51.04 -28.17
C THR H 20 -14.74 50.64 -29.59
N ILE H 21 -14.20 49.45 -29.73
CA ILE H 21 -13.83 48.88 -31.00
C ILE H 21 -14.45 47.51 -31.05
N THR H 22 -14.96 47.09 -32.20
CA THR H 22 -15.55 45.77 -32.16
C THR H 22 -14.98 44.92 -33.25
N CYS H 23 -15.11 43.62 -33.08
CA CYS H 23 -14.50 42.74 -34.02
C CYS H 23 -15.28 41.45 -34.16
N ARG H 24 -15.01 40.73 -35.22
CA ARG H 24 -15.69 39.46 -35.41
C ARG H 24 -14.82 38.38 -35.99
N ALA H 25 -15.23 37.15 -35.70
CA ALA H 25 -14.57 35.98 -36.23
C ALA H 25 -15.60 35.11 -36.96
N SER H 26 -15.21 34.46 -38.05
CA SER H 26 -16.13 33.60 -38.81
C SER H 26 -16.72 32.41 -38.05
N GLU H 27 -16.07 31.98 -36.97
CA GLU H 27 -16.59 30.85 -36.20
C GLU H 27 -16.34 31.02 -34.72
N ASN H 28 -17.16 30.36 -33.91
CA ASN H 28 -17.01 30.47 -32.48
C ASN H 28 -15.85 29.62 -32.04
N ILE H 29 -14.84 30.28 -31.50
CA ILE H 29 -13.65 29.61 -31.06
C ILE H 29 -13.51 29.60 -29.55
N TYR H 30 -14.61 29.78 -28.85
CA TYR H 30 -14.63 29.64 -27.40
C TYR H 30 -13.67 30.57 -26.66
N SER H 31 -13.60 31.81 -27.14
CA SER H 31 -12.80 32.89 -26.57
C SER H 31 -11.30 32.78 -26.69
N TYR H 32 -10.79 32.16 -27.74
CA TYR H 32 -9.34 32.24 -27.98
C TYR H 32 -9.08 33.48 -28.79
N LEU H 33 -9.19 34.61 -28.09
CA LEU H 33 -9.16 35.91 -28.69
C LEU H 33 -8.11 36.83 -28.08
N ALA H 34 -7.57 37.73 -28.90
CA ALA H 34 -6.61 38.69 -28.38
C ALA H 34 -6.64 40.00 -29.13
N TRP H 35 -6.12 41.04 -28.49
CA TRP H 35 -6.04 42.36 -29.10
C TRP H 35 -4.65 42.94 -29.00
N TYR H 36 -4.30 43.80 -29.95
CA TYR H 36 -2.99 44.46 -29.95
C TYR H 36 -3.09 45.94 -30.26
N GLN H 37 -2.05 46.68 -29.89
CA GLN H 37 -1.97 48.12 -30.20
C GLN H 37 -0.60 48.58 -30.62
N GLN H 38 -0.55 49.51 -31.57
CA GLN H 38 0.74 50.13 -31.86
C GLN H 38 0.65 51.57 -32.29
N LYS H 39 1.71 52.29 -31.97
CA LYS H 39 1.93 53.63 -32.44
C LYS H 39 2.46 53.54 -33.84
N GLN H 40 2.28 54.56 -34.66
CA GLN H 40 2.88 54.42 -35.97
C GLN H 40 4.38 54.32 -35.77
N GLY H 41 5.02 53.49 -36.59
CA GLY H 41 6.46 53.28 -36.49
C GLY H 41 6.81 52.32 -35.34
N LYS H 42 5.80 51.69 -34.73
CA LYS H 42 6.03 50.79 -33.62
C LYS H 42 5.40 49.41 -33.78
N SER H 43 6.06 48.40 -33.26
CA SER H 43 5.55 47.03 -33.25
C SER H 43 4.31 46.91 -32.34
N PRO H 44 3.37 46.02 -32.64
CA PRO H 44 2.16 45.79 -31.88
C PRO H 44 2.48 45.25 -30.53
N GLN H 45 1.67 45.60 -29.56
CA GLN H 45 1.87 45.08 -28.24
C GLN H 45 0.61 44.39 -27.83
N LEU H 46 0.74 43.23 -27.20
CA LEU H 46 -0.47 42.53 -26.84
C LEU H 46 -1.17 43.34 -25.76
N LEU H 47 -2.46 43.52 -25.94
CA LEU H 47 -3.30 44.23 -24.98
C LEU H 47 -4.17 43.31 -24.20
N VAL H 48 -4.74 42.39 -24.95
CA VAL H 48 -5.76 41.49 -24.45
C VAL H 48 -5.47 40.09 -24.81
N TYR H 49 -5.84 39.20 -23.93
CA TYR H 49 -5.75 37.81 -24.29
C TYR H 49 -6.96 37.12 -23.70
N ASN H 50 -7.28 36.00 -24.29
CA ASN H 50 -8.40 35.18 -23.88
C ASN H 50 -9.68 35.96 -23.86
N ALA H 51 -9.91 36.78 -24.89
CA ALA H 51 -11.16 37.53 -25.04
C ALA H 51 -11.22 38.71 -24.09
N LYS H 52 -11.61 38.39 -22.86
CA LYS H 52 -11.93 39.33 -21.82
C LYS H 52 -10.83 39.76 -20.84
N THR H 53 -9.55 39.43 -21.05
CA THR H 53 -8.59 39.80 -20.01
C THR H 53 -7.39 40.57 -20.55
N LEU H 54 -6.69 41.24 -19.64
CA LEU H 54 -5.61 42.13 -20.07
C LEU H 54 -4.22 41.69 -19.72
N ILE H 55 -3.31 42.02 -20.61
CA ILE H 55 -1.90 41.84 -20.40
C ILE H 55 -1.44 42.74 -19.29
N GLU H 56 -0.57 42.24 -18.44
CA GLU H 56 -0.15 43.08 -17.33
C GLU H 56 0.55 44.30 -17.84
N GLY H 57 0.30 45.39 -17.15
CA GLY H 57 0.84 46.71 -17.47
C GLY H 57 -0.11 47.46 -18.41
N VAL H 58 -1.18 46.82 -18.88
CA VAL H 58 -2.18 47.52 -19.64
C VAL H 58 -3.03 48.26 -18.61
N PRO H 59 -3.32 49.55 -18.80
CA PRO H 59 -4.09 50.38 -17.91
C PRO H 59 -5.53 49.90 -17.85
N SER H 60 -6.15 50.16 -16.71
CA SER H 60 -7.53 49.79 -16.40
C SER H 60 -8.56 50.31 -17.40
N ARG H 61 -8.18 51.32 -18.18
CA ARG H 61 -9.08 51.89 -19.16
C ARG H 61 -9.57 50.84 -20.12
N PHE H 62 -8.69 49.91 -20.48
CA PHE H 62 -9.00 48.85 -21.40
C PHE H 62 -9.96 47.82 -20.86
N SER H 63 -10.84 47.31 -21.71
CA SER H 63 -11.66 46.18 -21.30
C SER H 63 -11.94 45.24 -22.46
N GLY H 64 -11.50 44.00 -22.34
CA GLY H 64 -11.86 43.00 -23.34
C GLY H 64 -13.32 42.63 -23.18
N SER H 65 -13.97 42.21 -24.25
CA SER H 65 -15.31 41.69 -24.09
C SER H 65 -15.68 40.69 -25.16
N GLY H 66 -16.73 39.93 -24.91
CA GLY H 66 -17.31 39.00 -25.87
C GLY H 66 -16.62 37.65 -25.91
N SER H 67 -17.10 36.81 -26.82
CA SER H 67 -16.53 35.49 -27.05
C SER H 67 -16.84 35.00 -28.44
N GLY H 68 -16.11 33.98 -28.89
CA GLY H 68 -16.47 33.36 -30.13
C GLY H 68 -16.39 34.32 -31.30
N THR H 69 -17.47 34.33 -32.08
CA THR H 69 -17.61 35.18 -33.26
C THR H 69 -17.76 36.66 -32.97
N GLN H 70 -18.14 37.06 -31.75
CA GLN H 70 -18.29 38.49 -31.50
C GLN H 70 -17.60 38.93 -30.26
N PHE H 71 -16.76 39.95 -30.42
CA PHE H 71 -16.01 40.45 -29.31
C PHE H 71 -15.66 41.92 -29.49
N SER H 72 -15.29 42.58 -28.41
CA SER H 72 -14.98 43.99 -28.51
C SER H 72 -13.94 44.45 -27.49
N LEU H 73 -13.43 45.64 -27.73
CA LEU H 73 -12.47 46.26 -26.84
C LEU H 73 -12.95 47.64 -26.47
N LYS H 74 -12.96 47.94 -25.19
CA LYS H 74 -13.37 49.27 -24.80
C LYS H 74 -12.28 49.98 -24.07
N ILE H 75 -12.10 51.25 -24.34
CA ILE H 75 -11.15 52.02 -23.59
C ILE H 75 -11.86 53.17 -22.92
N ASN H 76 -11.95 53.11 -21.62
CA ASN H 76 -12.59 54.17 -20.87
C ASN H 76 -11.69 55.37 -20.85
N SER H 77 -12.25 56.57 -21.04
CA SER H 77 -11.44 57.77 -20.89
C SER H 77 -10.13 57.74 -21.69
N LEU H 78 -10.22 57.59 -23.01
CA LEU H 78 -9.04 57.38 -23.85
C LEU H 78 -7.95 58.45 -23.73
N GLN H 79 -6.69 58.02 -23.70
CA GLN H 79 -5.59 58.97 -23.51
C GLN H 79 -4.70 59.04 -24.74
N PRO H 80 -3.97 60.16 -24.96
CA PRO H 80 -3.17 60.47 -26.15
C PRO H 80 -2.16 59.38 -26.49
N GLU H 81 -1.64 58.69 -25.48
CA GLU H 81 -0.72 57.60 -25.77
C GLU H 81 -1.42 56.39 -26.35
N ASP H 82 -2.74 56.34 -26.26
CA ASP H 82 -3.46 55.22 -26.78
C ASP H 82 -3.93 55.38 -28.19
N PHE H 83 -3.61 56.47 -28.86
CA PHE H 83 -4.12 56.55 -30.21
C PHE H 83 -3.20 55.75 -31.11
N GLY H 84 -3.75 54.76 -31.78
CA GLY H 84 -2.93 53.93 -32.63
C GLY H 84 -3.72 52.83 -33.33
N SER H 85 -2.99 51.99 -34.06
CA SER H 85 -3.58 50.86 -34.75
C SER H 85 -4.01 49.78 -33.78
N TYR H 86 -5.06 49.06 -34.12
CA TYR H 86 -5.51 47.94 -33.30
C TYR H 86 -5.74 46.70 -34.10
N PHE H 87 -5.58 45.57 -33.42
CA PHE H 87 -5.70 44.28 -34.06
C PHE H 87 -6.49 43.33 -33.19
N CYS H 88 -6.98 42.27 -33.82
CA CYS H 88 -7.63 41.19 -33.08
C CYS H 88 -6.89 39.94 -33.47
N GLN H 89 -6.96 38.89 -32.67
CA GLN H 89 -6.32 37.68 -33.13
C GLN H 89 -6.99 36.40 -32.68
N HIS H 90 -6.87 35.39 -33.52
CA HIS H 90 -7.31 34.02 -33.31
C HIS H 90 -6.25 33.15 -32.65
N HIS H 91 -6.58 32.58 -31.48
CA HIS H 91 -5.67 31.64 -30.83
C HIS H 91 -6.10 30.18 -30.81
N PHE H 92 -7.12 29.83 -31.57
CA PHE H 92 -7.63 28.47 -31.49
C PHE H 92 -6.83 27.64 -32.48
N GLY H 93 -5.61 27.31 -32.11
CA GLY H 93 -4.70 26.66 -33.03
C GLY H 93 -4.13 27.68 -33.97
N THR H 94 -3.60 27.22 -35.09
CA THR H 94 -3.02 28.13 -36.08
C THR H 94 -3.59 27.84 -37.47
N PRO H 95 -3.44 28.78 -38.41
CA PRO H 95 -2.81 30.11 -38.38
C PRO H 95 -3.51 31.08 -37.47
N PHE H 96 -2.76 32.04 -36.95
CA PHE H 96 -3.35 33.01 -36.07
C PHE H 96 -3.87 34.21 -36.84
N THR H 97 -5.07 34.06 -37.37
CA THR H 97 -5.71 35.12 -38.16
C THR H 97 -5.87 36.40 -37.36
N PHE H 98 -5.69 37.51 -38.04
CA PHE H 98 -5.84 38.81 -37.41
C PHE H 98 -7.04 39.56 -37.94
N GLY H 99 -7.54 40.48 -37.12
CA GLY H 99 -8.64 41.36 -37.51
C GLY H 99 -8.18 42.33 -38.61
N SER H 100 -9.14 42.87 -39.37
CA SER H 100 -8.86 43.81 -40.47
C SER H 100 -8.09 45.07 -40.05
N GLY H 101 -8.18 45.42 -38.78
CA GLY H 101 -7.48 46.54 -38.14
C GLY H 101 -8.34 47.78 -38.03
N THR H 102 -8.09 48.56 -36.98
CA THR H 102 -8.72 49.87 -36.81
C THR H 102 -7.70 50.90 -36.37
N GLU H 103 -8.01 52.18 -36.49
CA GLU H 103 -7.10 53.14 -35.86
C GLU H 103 -7.82 54.31 -35.23
N LEU H 104 -7.38 54.68 -34.03
CA LEU H 104 -7.90 55.85 -33.33
C LEU H 104 -7.44 57.17 -33.95
N GLU H 105 -8.29 58.19 -33.88
CA GLU H 105 -7.92 59.51 -34.39
C GLU H 105 -8.22 60.57 -33.31
N ILE H 106 -7.43 61.62 -33.22
CA ILE H 106 -7.69 62.65 -32.19
C ILE H 106 -8.68 63.74 -32.62
N LYS H 107 -9.70 64.00 -31.79
CA LYS H 107 -10.63 65.11 -32.04
C LYS H 107 -10.03 66.44 -31.61
N ASP I 1 48.01 23.92 12.75
CA ASP I 1 48.92 23.42 11.70
C ASP I 1 49.87 24.52 11.24
N ILE I 2 49.31 25.63 10.79
CA ILE I 2 50.11 26.76 10.35
C ILE I 2 50.83 27.38 11.52
N VAL I 3 52.10 27.66 11.35
CA VAL I 3 52.87 28.21 12.45
C VAL I 3 52.48 29.62 12.78
N MET I 4 52.31 29.86 14.07
CA MET I 4 52.03 31.18 14.56
C MET I 4 53.03 31.52 15.65
N THR I 5 53.58 32.73 15.63
CA THR I 5 54.47 33.11 16.71
C THR I 5 54.12 34.49 17.18
N GLN I 6 54.61 34.85 18.36
CA GLN I 6 54.41 36.19 18.85
C GLN I 6 55.61 36.69 19.60
N SER I 7 55.80 38.01 19.59
CA SER I 7 56.89 38.54 20.38
C SER I 7 56.63 39.97 20.87
N PRO I 8 57.39 40.40 21.89
CA PRO I 8 58.31 39.68 22.76
C PRO I 8 57.50 38.70 23.58
N LEU I 9 58.09 37.59 23.98
CA LEU I 9 57.35 36.63 24.80
C LEU I 9 56.95 37.24 26.13
N SER I 10 57.77 38.16 26.61
CA SER I 10 57.43 38.92 27.79
C SER I 10 57.97 40.31 27.65
N LEU I 11 57.27 41.28 28.21
CA LEU I 11 57.76 42.64 28.18
C LEU I 11 57.69 43.28 29.56
N SER I 12 58.79 43.84 30.05
CA SER I 12 58.72 44.58 31.30
C SER I 12 57.92 45.85 31.02
N THR I 13 57.11 46.29 31.96
CA THR I 13 56.34 47.50 31.70
C THR I 13 56.31 48.52 32.83
N SER I 14 55.89 49.72 32.48
CA SER I 14 55.61 50.78 33.43
C SER I 14 54.50 51.64 32.84
N VAL I 15 53.88 52.47 33.66
CA VAL I 15 52.78 53.26 33.15
C VAL I 15 53.25 54.32 32.15
N GLY I 16 52.48 54.44 31.08
CA GLY I 16 52.72 55.37 29.98
C GLY I 16 53.55 54.74 28.87
N ASP I 17 54.02 53.52 29.08
CA ASP I 17 54.78 52.79 28.06
C ASP I 17 54.00 52.47 26.82
N ARG I 18 54.66 52.60 25.67
CA ARG I 18 53.99 52.15 24.48
C ARG I 18 54.28 50.68 24.33
N VAL I 19 53.27 49.85 24.54
CA VAL I 19 53.46 48.42 24.39
C VAL I 19 53.51 48.06 22.95
N SER I 20 54.45 47.22 22.56
CA SER I 20 54.37 46.73 21.20
C SER I 20 54.49 45.22 21.19
N LEU I 21 53.54 44.58 20.54
CA LEU I 21 53.48 43.14 20.39
C LEU I 21 53.31 42.77 18.93
N THR I 22 53.82 41.63 18.51
CA THR I 22 53.57 41.23 17.13
C THR I 22 53.16 39.79 17.02
N CYS I 23 52.56 39.47 15.90
CA CYS I 23 52.10 38.15 15.57
C CYS I 23 52.54 37.79 14.16
N LYS I 24 53.10 36.59 14.02
CA LYS I 24 53.57 36.17 12.72
C LYS I 24 52.97 34.86 12.30
N ALA I 25 52.56 34.78 11.04
CA ALA I 25 52.04 33.52 10.53
C ALA I 25 52.88 32.98 9.40
N SER I 26 53.04 31.66 9.35
CA SER I 26 53.71 31.04 8.22
C SER I 26 53.03 31.32 6.89
N GLN I 27 51.71 31.44 6.94
CA GLN I 27 50.89 31.65 5.76
C GLN I 27 50.36 33.06 5.67
N ASN I 28 50.11 33.51 4.45
CA ASN I 28 49.66 34.87 4.27
C ASN I 28 48.20 35.01 4.65
N VAL I 29 48.02 35.49 5.88
CA VAL I 29 46.73 35.72 6.48
C VAL I 29 45.88 36.75 5.74
N GLY I 30 46.52 37.78 5.20
CA GLY I 30 45.78 38.71 4.36
C GLY I 30 44.94 39.72 5.13
N THR I 31 45.14 39.78 6.46
CA THR I 31 44.46 40.61 7.47
C THR I 31 43.28 39.91 8.13
N ALA I 32 43.00 38.65 7.80
CA ALA I 32 41.95 37.93 8.52
C ALA I 32 42.52 37.40 9.83
N VAL I 33 42.83 38.31 10.75
CA VAL I 33 43.49 38.00 12.01
C VAL I 33 42.81 38.71 13.16
N ALA I 34 42.98 38.17 14.35
CA ALA I 34 42.44 38.83 15.51
C ALA I 34 43.37 38.69 16.69
N TRP I 35 43.28 39.65 17.61
CA TRP I 35 44.09 39.64 18.84
C TRP I 35 43.22 39.51 20.05
N TYR I 36 43.76 38.89 21.09
CA TYR I 36 43.03 38.66 22.32
C TYR I 36 43.83 39.00 23.58
N GLN I 37 43.11 39.36 24.65
CA GLN I 37 43.67 39.72 25.96
C GLN I 37 43.18 38.77 27.01
N GLN I 38 44.06 38.27 27.88
CA GLN I 38 43.55 37.37 28.89
C GLN I 38 44.21 37.53 30.24
N LYS I 39 43.44 37.27 31.27
CA LYS I 39 43.92 37.31 32.62
C LYS I 39 43.47 36.02 33.25
N PRO I 40 44.12 35.54 34.31
CA PRO I 40 43.77 34.29 34.92
C PRO I 40 42.35 34.41 35.42
N GLY I 41 41.62 33.31 35.34
CA GLY I 41 40.25 33.29 35.80
C GLY I 41 39.32 33.96 34.77
N GLN I 42 39.84 34.28 33.56
CA GLN I 42 39.03 35.01 32.60
C GLN I 42 39.18 34.55 31.18
N SER I 43 38.14 34.77 30.39
CA SER I 43 38.18 34.51 28.97
C SER I 43 39.14 35.49 28.29
N PRO I 44 39.74 35.11 27.18
CA PRO I 44 40.68 35.86 26.37
C PRO I 44 39.99 36.88 25.50
N LYS I 45 39.50 37.98 26.08
CA LYS I 45 38.72 38.98 25.34
C LYS I 45 39.32 39.52 24.05
N LEU I 46 38.47 39.69 23.04
CA LEU I 46 38.92 40.16 21.75
C LEU I 46 39.41 41.59 21.82
N LEU I 47 40.56 41.81 21.20
CA LEU I 47 41.16 43.13 21.09
C LEU I 47 41.17 43.74 19.73
N ILE I 48 41.56 42.93 18.74
CA ILE I 48 41.74 43.43 17.38
C ILE I 48 40.94 42.66 16.39
N TYR I 49 40.35 43.39 15.47
CA TYR I 49 39.50 42.87 14.46
C TYR I 49 39.99 43.28 13.07
N SER I 50 40.13 42.27 12.20
CA SER I 50 40.54 42.47 10.81
C SER I 50 41.91 43.14 10.71
N ALA I 51 42.81 42.71 11.58
CA ALA I 51 44.18 43.23 11.70
C ALA I 51 44.28 44.71 12.01
N SER I 52 43.23 45.37 12.47
CA SER I 52 43.43 46.78 12.76
C SER I 52 42.45 47.38 13.75
N ASN I 53 41.17 47.12 13.55
CA ASN I 53 40.18 47.79 14.36
C ASN I 53 40.15 47.25 15.74
N ARG I 54 40.15 48.11 16.74
CA ARG I 54 39.97 47.53 18.04
C ARG I 54 38.54 47.02 18.12
N TYR I 55 38.36 45.95 18.84
CA TYR I 55 37.02 45.43 19.11
C TYR I 55 36.24 46.45 19.93
N THR I 56 34.94 46.57 19.70
CA THR I 56 34.20 47.52 20.49
C THR I 56 34.28 47.16 21.96
N GLY I 57 34.38 48.18 22.79
CA GLY I 57 34.52 48.04 24.23
C GLY I 57 35.98 47.77 24.64
N VAL I 58 36.90 47.80 23.69
CA VAL I 58 38.34 47.78 23.93
C VAL I 58 38.77 49.23 24.18
N PRO I 59 39.62 49.51 25.16
CA PRO I 59 40.12 50.83 25.49
C PRO I 59 40.83 51.36 24.27
N ASP I 60 40.84 52.68 24.10
CA ASP I 60 41.42 53.22 22.89
C ASP I 60 42.92 53.32 22.91
N ARG I 61 43.53 52.85 24.00
CA ARG I 61 44.95 52.72 24.05
C ARG I 61 45.39 51.66 23.05
N PHE I 62 44.54 50.66 22.86
CA PHE I 62 44.85 49.55 21.99
C PHE I 62 44.76 49.91 20.53
N THR I 63 45.77 49.50 19.77
CA THR I 63 45.79 49.67 18.32
C THR I 63 46.28 48.39 17.68
N GLY I 64 46.10 48.23 16.38
CA GLY I 64 46.70 47.06 15.76
C GLY I 64 46.99 47.34 14.30
N SER I 65 47.79 46.46 13.70
CA SER I 65 48.23 46.74 12.33
C SER I 65 48.66 45.53 11.54
N GLY I 66 48.94 45.79 10.27
CA GLY I 66 49.56 44.87 9.35
C GLY I 66 48.66 44.11 8.39
N SER I 67 49.33 43.38 7.51
CA SER I 67 48.75 42.60 6.44
C SER I 67 49.66 41.44 6.09
N GLY I 68 49.18 40.52 5.28
CA GLY I 68 50.01 39.41 4.92
C GLY I 68 50.25 38.53 6.10
N THR I 69 51.51 38.22 6.36
CA THR I 69 51.90 37.40 7.50
C THR I 69 52.24 38.19 8.76
N ASP I 70 52.32 39.52 8.67
CA ASP I 70 52.77 40.31 9.83
C ASP I 70 51.67 41.13 10.48
N PHE I 71 51.52 41.04 11.81
CA PHE I 71 50.53 41.86 12.48
C PHE I 71 51.02 42.40 13.81
N THR I 72 50.44 43.51 14.28
CA THR I 72 50.84 43.98 15.60
C THR I 72 49.66 44.39 16.46
N LEU I 73 49.96 44.49 17.74
CA LEU I 73 49.08 45.03 18.76
C LEU I 73 49.88 46.01 19.57
N THR I 74 49.39 47.21 19.78
CA THR I 74 50.15 48.08 20.63
C THR I 74 49.25 48.76 21.65
N ILE I 75 49.85 49.26 22.72
CA ILE I 75 49.06 50.00 23.70
C ILE I 75 49.67 51.35 23.96
N SER I 76 49.00 52.41 23.53
CA SER I 76 49.49 53.75 23.84
C SER I 76 49.28 54.03 25.29
N ASN I 77 50.19 54.76 25.92
CA ASN I 77 49.93 55.20 27.29
C ASN I 77 49.55 54.06 28.22
N MET I 78 50.34 53.00 28.28
CA MET I 78 49.90 51.84 29.02
C MET I 78 49.56 52.09 30.47
N GLN I 79 48.54 51.40 30.93
CA GLN I 79 48.12 51.47 32.30
C GLN I 79 48.39 50.13 32.94
N SER I 80 48.66 50.10 34.24
CA SER I 80 48.95 48.84 34.92
C SER I 80 47.83 47.79 34.76
N GLU I 81 46.60 48.25 34.54
CA GLU I 81 45.46 47.38 34.30
C GLU I 81 45.57 46.59 32.99
N ASP I 82 46.51 46.99 32.13
CA ASP I 82 46.71 46.33 30.86
C ASP I 82 47.65 45.14 30.96
N LEU I 83 48.11 44.76 32.17
CA LEU I 83 48.95 43.59 32.13
C LEU I 83 48.07 42.43 31.77
N ALA I 84 48.47 41.66 30.77
CA ALA I 84 47.67 40.50 30.41
C ALA I 84 48.46 39.56 29.55
N ASP I 85 47.97 38.34 29.47
CA ASP I 85 48.44 37.41 28.49
C ASP I 85 47.89 37.90 27.14
N TYR I 86 48.68 37.88 26.07
CA TYR I 86 48.10 38.29 24.80
C TYR I 86 48.28 37.24 23.75
N PHE I 87 47.30 37.16 22.87
CA PHE I 87 47.22 36.16 21.82
C PHE I 87 46.73 36.71 20.52
N CYS I 88 46.88 35.92 19.48
CA CYS I 88 46.34 36.29 18.20
C CYS I 88 45.85 35.03 17.54
N GLN I 89 45.05 35.15 16.49
CA GLN I 89 44.57 33.99 15.77
C GLN I 89 44.46 34.19 14.30
N GLN I 90 44.59 33.10 13.57
CA GLN I 90 44.46 33.16 12.14
C GLN I 90 43.11 32.72 11.68
N TYR I 91 42.40 33.66 11.08
CA TYR I 91 41.13 33.35 10.50
C TYR I 91 41.14 33.24 8.99
N SER I 92 42.30 33.32 8.35
CA SER I 92 42.26 33.23 6.89
C SER I 92 42.14 31.80 6.39
N SER I 93 42.47 30.87 7.25
CA SER I 93 42.43 29.47 6.90
C SER I 93 42.26 28.65 8.14
N TYR I 94 41.98 27.38 7.97
CA TYR I 94 41.86 26.56 9.14
C TYR I 94 42.51 25.20 8.82
N PRO I 95 42.80 24.37 9.83
CA PRO I 95 42.46 24.45 11.24
C PRO I 95 42.94 25.71 11.87
N LEU I 96 42.19 26.19 12.84
CA LEU I 96 42.50 27.45 13.46
C LEU I 96 43.78 27.38 14.22
N THR I 97 44.49 28.49 14.19
CA THR I 97 45.76 28.59 14.86
C THR I 97 45.80 29.84 15.68
N PHE I 98 46.74 29.89 16.59
CA PHE I 98 46.87 31.01 17.47
C PHE I 98 48.32 31.26 17.82
N GLY I 99 48.61 32.48 18.24
CA GLY I 99 49.97 32.88 18.56
C GLY I 99 50.52 32.19 19.79
N ALA I 100 51.85 32.14 19.89
CA ALA I 100 52.51 31.48 21.03
C ALA I 100 52.20 32.15 22.38
N GLY I 101 51.72 33.38 22.34
CA GLY I 101 51.31 34.16 23.48
C GLY I 101 52.40 35.10 23.94
N THR I 102 52.00 36.16 24.64
CA THR I 102 52.96 37.05 25.27
C THR I 102 52.45 37.39 26.67
N LYS I 103 53.32 37.92 27.52
CA LYS I 103 52.87 38.42 28.82
C LYS I 103 53.51 39.73 29.14
N LEU I 104 52.89 40.51 30.02
CA LEU I 104 53.53 41.74 30.43
C LEU I 104 53.88 41.64 31.92
N GLU I 105 55.04 42.18 32.28
CA GLU I 105 55.48 42.20 33.68
C GLU I 105 55.78 43.62 34.13
N LEU I 106 54.82 44.29 34.75
CA LEU I 106 55.13 45.63 35.22
C LEU I 106 56.15 45.55 36.35
N ARG I 107 57.10 46.48 36.33
CA ARG I 107 58.17 46.58 37.33
C ARG I 107 59.27 47.54 36.86
N ASP J 1 25.60 40.15 23.88
CA ASP J 1 25.09 39.73 25.17
C ASP J 1 24.33 38.42 25.07
N VAL J 2 25.05 37.31 25.22
CA VAL J 2 24.43 36.01 25.17
C VAL J 2 24.87 35.21 26.35
N LYS J 3 23.94 34.58 27.04
CA LYS J 3 24.36 33.79 28.17
C LYS J 3 24.72 32.41 27.68
N LEU J 4 25.90 32.33 27.09
CA LEU J 4 26.39 31.07 26.64
C LEU J 4 26.68 30.29 27.92
N LEU J 5 26.30 29.02 27.97
CA LEU J 5 26.43 28.24 29.19
C LEU J 5 27.28 27.03 28.97
N GLU J 6 27.96 26.59 30.00
CA GLU J 6 28.76 25.38 29.86
C GLU J 6 28.20 24.24 30.69
N SER J 7 28.33 23.03 30.17
CA SER J 7 27.99 21.83 30.90
C SER J 7 28.86 20.69 30.41
N GLY J 8 28.93 19.61 31.18
CA GLY J 8 29.68 18.47 30.68
C GLY J 8 29.71 17.32 31.66
N GLY J 9 30.40 16.28 31.25
CA GLY J 9 30.65 15.12 32.08
C GLY J 9 31.61 15.47 33.22
N GLY J 10 31.56 14.65 34.26
CA GLY J 10 32.41 14.80 35.44
C GLY J 10 33.78 14.12 35.24
N LEU J 11 34.45 13.85 36.35
CA LEU J 11 35.74 13.18 36.33
C LEU J 11 35.64 11.81 35.68
N VAL J 12 36.60 11.45 34.83
CA VAL J 12 36.55 10.13 34.21
C VAL J 12 37.86 9.39 34.31
N GLN J 13 37.82 8.07 34.24
CA GLN J 13 39.04 7.30 34.15
C GLN J 13 39.67 7.61 32.81
N PRO J 14 41.01 7.64 32.70
CA PRO J 14 41.71 7.81 31.45
C PRO J 14 41.42 6.59 30.58
N GLY J 15 41.42 6.78 29.28
CA GLY J 15 41.04 5.74 28.33
C GLY J 15 39.49 5.62 28.25
N GLY J 16 38.80 6.58 28.85
CA GLY J 16 37.34 6.62 28.95
C GLY J 16 36.73 7.42 27.82
N SER J 17 35.52 7.92 28.03
CA SER J 17 34.94 8.82 27.04
C SER J 17 34.21 9.94 27.75
N LEU J 18 34.16 11.10 27.11
CA LEU J 18 33.56 12.28 27.72
C LEU J 18 32.63 13.05 26.80
N LYS J 19 31.52 13.53 27.33
CA LYS J 19 30.71 14.41 26.52
C LYS J 19 30.63 15.78 27.17
N LEU J 20 30.76 16.83 26.35
CA LEU J 20 30.69 18.22 26.80
C LEU J 20 29.61 18.96 26.07
N SER J 21 29.04 19.97 26.70
CA SER J 21 28.01 20.71 26.02
C SER J 21 27.95 22.18 26.39
N CYS J 22 27.24 22.92 25.56
CA CYS J 22 27.01 24.31 25.87
C CYS J 22 25.68 24.79 25.33
N ALA J 23 25.25 25.96 25.75
CA ALA J 23 23.97 26.46 25.26
C ALA J 23 23.92 27.96 25.22
N ALA J 24 23.12 28.52 24.31
CA ALA J 24 23.04 29.97 24.21
C ALA J 24 21.76 30.51 24.81
N SER J 25 21.70 30.62 26.13
CA SER J 25 20.46 31.11 26.72
C SER J 25 20.05 32.52 26.26
N GLY J 26 21.02 33.37 25.94
CA GLY J 26 20.69 34.71 25.47
C GLY J 26 20.42 34.82 23.98
N PHE J 27 20.56 33.73 23.22
CA PHE J 27 20.34 33.83 21.80
C PHE J 27 19.77 32.57 21.17
N SER J 28 18.76 32.74 20.32
CA SER J 28 18.12 31.64 19.62
C SER J 28 19.05 30.83 18.74
N LEU J 29 20.14 31.45 18.29
CA LEU J 29 21.09 30.87 17.36
C LEU J 29 20.41 30.59 16.01
N SER J 30 19.27 31.24 15.76
CA SER J 30 18.53 30.99 14.54
C SER J 30 18.97 31.84 13.37
N THR J 31 19.89 32.76 13.59
CA THR J 31 20.35 33.53 12.46
C THR J 31 21.13 32.61 11.56
N SER J 32 20.92 32.69 10.26
CA SER J 32 21.70 31.82 9.43
C SER J 32 23.14 32.22 9.55
N GLY J 33 24.01 31.25 9.43
CA GLY J 33 25.42 31.54 9.55
C GLY J 33 25.92 31.68 10.97
N VAL J 34 25.10 31.35 11.99
CA VAL J 34 25.71 31.43 13.31
C VAL J 34 26.82 30.44 13.41
N GLY J 35 27.94 30.89 13.95
CA GLY J 35 29.03 29.97 14.15
C GLY J 35 29.36 29.93 15.62
N VAL J 36 29.55 28.71 16.10
CA VAL J 36 29.96 28.45 17.45
C VAL J 36 31.08 27.43 17.41
N GLY J 37 31.80 27.27 18.50
CA GLY J 37 32.88 26.31 18.46
C GLY J 37 33.56 26.16 19.79
N TRP J 38 34.57 25.33 19.81
CA TRP J 38 35.28 25.08 21.03
C TRP J 38 36.76 25.19 20.88
N PHE J 39 37.41 25.57 21.97
CA PHE J 39 38.86 25.60 22.04
C PHE J 39 39.24 25.26 23.47
N ARG J 40 40.51 24.90 23.69
CA ARG J 40 40.91 24.62 25.05
C ARG J 40 42.29 25.13 25.37
N GLN J 41 42.51 25.34 26.65
CA GLN J 41 43.75 25.84 27.19
C GLN J 41 44.21 24.97 28.34
N PRO J 42 44.89 23.85 28.08
CA PRO J 42 45.45 22.99 29.10
C PRO J 42 46.50 23.78 29.83
N SER J 43 46.69 23.56 31.12
CA SER J 43 47.83 24.15 31.84
C SER J 43 48.11 25.65 31.62
N GLY J 44 47.11 26.47 31.32
CA GLY J 44 47.37 27.90 31.07
C GLY J 44 47.90 28.20 29.64
N LYS J 45 47.87 27.18 28.79
CA LYS J 45 48.30 27.21 27.38
C LYS J 45 47.38 28.02 26.50
N GLY J 46 47.87 28.39 25.33
CA GLY J 46 47.13 29.20 24.39
C GLY J 46 45.91 28.46 23.81
N LEU J 47 45.17 29.17 22.98
CA LEU J 47 43.84 28.80 22.50
C LEU J 47 43.81 27.63 21.53
N GLU J 48 44.04 26.40 22.00
CA GLU J 48 44.03 25.28 21.08
C GLU J 48 42.66 25.12 20.45
N TRP J 49 42.61 24.99 19.14
CA TRP J 49 41.33 24.79 18.49
C TRP J 49 40.76 23.41 18.73
N LEU J 50 39.45 23.30 18.95
CA LEU J 50 38.87 21.97 19.00
C LEU J 50 37.86 21.69 17.90
N ALA J 51 36.84 22.56 17.77
CA ALA J 51 35.80 22.31 16.78
C ALA J 51 35.00 23.54 16.36
N LEU J 52 34.36 23.48 15.20
CA LEU J 52 33.41 24.53 14.78
C LEU J 52 32.09 23.94 14.37
N ILE J 53 31.02 24.63 14.74
CA ILE J 53 29.67 24.22 14.41
C ILE J 53 28.89 25.38 13.79
N TRP J 54 28.23 25.15 12.68
CA TRP J 54 27.41 26.21 12.10
C TRP J 54 25.95 25.89 12.11
N TRP J 55 25.14 26.93 12.30
CA TRP J 55 23.68 26.84 12.21
C TRP J 55 23.24 26.38 10.82
N ASP J 56 24.12 26.56 9.85
CA ASP J 56 23.93 26.14 8.48
C ASP J 56 24.29 24.65 8.29
N ASP J 57 24.50 23.92 9.39
CA ASP J 57 24.88 22.51 9.42
C ASP J 57 26.26 22.26 8.88
N ASP J 58 27.22 23.02 9.37
CA ASP J 58 28.60 22.79 8.96
C ASP J 58 29.40 22.38 10.17
N LYS J 59 30.25 21.38 10.01
CA LYS J 59 31.05 20.95 11.15
C LYS J 59 32.52 20.92 10.81
N TYR J 60 33.37 21.33 11.77
CA TYR J 60 34.81 21.28 11.56
C TYR J 60 35.48 20.78 12.81
N TYR J 61 36.65 20.17 12.65
CA TYR J 61 37.36 19.64 13.79
C TYR J 61 38.83 19.90 13.72
N ASN J 62 39.49 19.92 14.87
CA ASN J 62 40.92 19.98 14.84
C ASN J 62 41.33 18.57 14.52
N PRO J 63 41.94 18.36 13.35
CA PRO J 63 42.25 17.06 12.79
C PRO J 63 43.15 16.23 13.67
N SER J 64 43.95 16.87 14.53
CA SER J 64 44.75 16.08 15.44
C SER J 64 43.92 15.37 16.48
N LEU J 65 42.78 15.97 16.84
CA LEU J 65 41.86 15.39 17.78
C LEU J 65 40.64 14.81 17.14
N LYS J 66 40.47 15.10 15.85
CA LYS J 66 39.29 14.68 15.13
C LYS J 66 39.04 13.21 15.15
N SER J 67 40.09 12.40 15.17
CA SER J 67 39.89 10.97 15.22
C SER J 67 39.13 10.50 16.45
N GLN J 68 39.22 11.26 17.55
CA GLN J 68 38.48 10.92 18.74
C GLN J 68 37.39 11.92 19.07
N LEU J 69 37.02 12.78 18.15
CA LEU J 69 36.08 13.85 18.50
C LEU J 69 34.86 13.95 17.59
N SER J 70 33.67 14.11 18.18
CA SER J 70 32.48 14.30 17.38
C SER J 70 31.58 15.45 17.85
N ILE J 71 31.05 16.18 16.87
CA ILE J 71 30.10 17.28 17.05
C ILE J 71 28.65 16.85 16.97
N SER J 72 27.85 17.32 17.93
CA SER J 72 26.43 17.08 17.89
C SER J 72 25.71 18.33 18.36
N LYS J 73 24.48 18.50 17.96
CA LYS J 73 23.73 19.66 18.41
C LYS J 73 22.26 19.36 18.64
N ASP J 74 21.62 20.20 19.44
CA ASP J 74 20.19 20.13 19.63
C ASP J 74 19.67 21.52 19.60
N PHE J 75 19.45 21.99 18.39
CA PHE J 75 19.00 23.33 18.17
C PHE J 75 17.71 23.68 18.82
N SER J 76 16.80 22.73 18.99
CA SER J 76 15.54 23.05 19.63
C SER J 76 15.74 23.61 21.05
N ARG J 77 16.86 23.26 21.69
CA ARG J 77 17.21 23.76 22.99
C ARG J 77 18.41 24.71 22.97
N ASN J 78 18.84 25.11 21.77
CA ASN J 78 20.04 25.92 21.56
C ASN J 78 21.27 25.23 22.17
N GLN J 79 21.39 23.92 21.94
CA GLN J 79 22.48 23.14 22.52
C GLN J 79 23.55 22.73 21.54
N VAL J 80 24.78 22.67 22.02
CA VAL J 80 25.90 22.17 21.24
C VAL J 80 26.63 21.14 22.06
N PHE J 81 27.10 20.08 21.42
CA PHE J 81 27.77 19.03 22.17
C PHE J 81 29.04 18.53 21.49
N LEU J 82 29.96 18.05 22.30
CA LEU J 82 31.11 17.34 21.78
C LEU J 82 31.26 16.02 22.48
N LYS J 83 31.65 14.99 21.74
CA LYS J 83 31.93 13.73 22.40
C LYS J 83 33.35 13.31 22.10
N ILE J 84 34.05 12.83 23.11
CA ILE J 84 35.42 12.41 22.87
C ILE J 84 35.67 10.97 23.28
N SER J 85 36.07 10.15 22.31
CA SER J 85 36.47 8.77 22.61
C SER J 85 37.84 8.74 23.25
N ASN J 86 38.12 7.73 24.06
CA ASN J 86 39.47 7.53 24.61
C ASN J 86 40.03 8.74 25.33
N VAL J 87 39.24 9.36 26.19
CA VAL J 87 39.71 10.51 26.93
C VAL J 87 40.76 10.10 27.92
N ASP J 88 41.82 10.88 28.00
CA ASP J 88 42.86 10.55 28.97
C ASP J 88 43.46 11.81 29.50
N ILE J 89 44.44 11.67 30.38
CA ILE J 89 45.00 12.83 31.05
C ILE J 89 45.58 13.91 30.14
N ALA J 90 45.97 13.54 28.91
CA ALA J 90 46.47 14.56 28.00
C ALA J 90 45.35 15.50 27.55
N ASP J 91 44.10 15.08 27.74
CA ASP J 91 42.96 15.89 27.41
C ASP J 91 42.46 16.75 28.57
N THR J 92 43.18 16.77 29.70
CA THR J 92 42.66 17.63 30.76
C THR J 92 42.98 19.06 30.37
N ALA J 93 41.98 19.94 30.48
CA ALA J 93 42.21 21.32 30.07
C ALA J 93 41.16 22.29 30.54
N THR J 94 41.48 23.58 30.44
CA THR J 94 40.42 24.58 30.53
C THR J 94 39.73 24.56 29.16
N TYR J 95 38.41 24.65 29.12
CA TYR J 95 37.70 24.64 27.84
C TYR J 95 36.69 25.77 27.71
N TYR J 96 36.48 26.24 26.49
CA TYR J 96 35.41 27.20 26.29
C TYR J 96 34.57 26.93 25.07
N CYS J 97 33.27 27.09 25.26
CA CYS J 97 32.31 27.14 24.18
C CYS J 97 32.48 28.53 23.59
N ALA J 98 32.32 28.69 22.29
CA ALA J 98 32.55 30.01 21.74
C ALA J 98 31.59 30.32 20.61
N ARG J 99 31.43 31.59 20.33
CA ARG J 99 30.53 32.09 19.29
C ARG J 99 31.14 33.26 18.56
N ARG J 100 30.74 33.50 17.32
CA ARG J 100 31.26 34.66 16.63
C ARG J 100 30.87 35.91 17.42
N ASP J 101 31.78 36.88 17.50
CA ASP J 101 31.51 38.08 18.28
C ASP J 101 31.13 39.29 17.38
N PRO J 102 31.97 39.67 16.40
CA PRO J 102 31.56 40.59 15.33
C PRO J 102 30.48 39.96 14.47
N PHE J 103 30.42 38.63 14.50
CA PHE J 103 29.34 37.87 13.90
C PHE J 103 29.05 38.00 12.41
N GLY J 104 29.99 37.66 11.54
CA GLY J 104 29.66 37.73 10.11
C GLY J 104 30.75 38.28 9.20
N TYR J 105 31.82 38.81 9.77
CA TYR J 105 32.94 39.17 8.91
C TYR J 105 34.26 38.78 9.61
N ASP J 106 35.13 38.08 8.88
CA ASP J 106 36.43 37.62 9.37
C ASP J 106 36.35 36.75 10.63
N ASN J 107 35.28 35.96 10.74
CA ASN J 107 35.13 35.04 11.87
C ASN J 107 35.02 35.76 13.19
N ALA J 108 36.18 35.99 13.83
CA ALA J 108 36.24 36.73 15.10
C ALA J 108 35.40 36.07 16.17
N MET J 109 35.70 34.79 16.45
CA MET J 109 34.95 33.94 17.36
C MET J 109 35.90 33.37 18.41
N GLY J 110 36.48 34.34 19.14
CA GLY J 110 35.66 35.44 19.63
C GLY J 110 34.80 35.01 20.82
N TYR J 111 33.51 35.32 20.82
CA TYR J 111 32.69 35.28 22.04
C TYR J 111 32.78 34.00 22.85
N TRP J 112 32.78 34.14 24.19
CA TRP J 112 33.03 33.01 25.09
C TRP J 112 31.92 32.57 26.01
N GLY J 113 31.93 31.27 26.28
CA GLY J 113 31.05 30.64 27.24
C GLY J 113 31.59 30.88 28.64
N GLN J 114 30.95 30.28 29.62
CA GLN J 114 31.33 30.45 31.01
C GLN J 114 32.70 29.84 31.36
N GLY J 115 33.15 28.91 30.54
CA GLY J 115 34.37 28.14 30.71
C GLY J 115 34.04 26.85 31.46
N THR J 116 34.68 25.76 31.09
CA THR J 116 34.53 24.47 31.75
C THR J 116 35.88 23.81 31.86
N SER J 117 35.96 22.72 32.59
CA SER J 117 37.24 22.04 32.63
C SER J 117 37.08 20.55 32.68
N VAL J 118 38.14 19.84 32.31
CA VAL J 118 38.12 18.40 32.31
C VAL J 118 39.30 17.80 33.03
N THR J 119 39.03 16.80 33.86
CA THR J 119 40.05 16.06 34.59
C THR J 119 39.80 14.55 34.49
N VAL J 120 40.85 13.77 34.79
CA VAL J 120 40.73 12.31 34.76
C VAL J 120 41.29 11.68 36.04
N SER J 121 40.93 10.42 36.28
CA SER J 121 41.42 9.68 37.44
C SER J 121 41.27 8.17 37.28
N ILE K 1 -18.80 -16.75 -7.40
CA ILE K 1 -19.26 -16.07 -6.20
C ILE K 1 -20.57 -15.35 -6.47
N PRO K 2 -21.67 -15.77 -5.84
CA PRO K 2 -22.98 -15.20 -6.01
C PRO K 2 -23.07 -13.77 -5.50
N LEU K 3 -23.92 -13.00 -6.15
CA LEU K 3 -24.26 -11.65 -5.76
C LEU K 3 -25.77 -11.60 -5.67
N GLY K 4 -26.33 -10.74 -4.84
CA GLY K 4 -27.78 -10.71 -4.81
C GLY K 4 -28.32 -9.51 -5.55
N VAL K 5 -29.22 -9.76 -6.47
CA VAL K 5 -29.91 -8.73 -7.21
C VAL K 5 -31.09 -8.28 -6.41
N ILE K 6 -31.29 -6.98 -6.25
CA ILE K 6 -32.52 -6.65 -5.55
C ILE K 6 -33.63 -6.54 -6.59
N HIS K 7 -34.63 -7.40 -6.50
CA HIS K 7 -35.73 -7.28 -7.44
C HIS K 7 -37.03 -7.80 -6.82
N ASN K 8 -38.15 -7.16 -7.14
CA ASN K 8 -39.46 -7.59 -6.62
C ASN K 8 -39.43 -7.73 -5.10
N SER K 9 -38.83 -6.74 -4.44
CA SER K 9 -38.66 -6.71 -2.99
C SER K 9 -37.87 -7.87 -2.37
N THR K 10 -37.12 -8.63 -3.16
CA THR K 10 -36.30 -9.66 -2.55
C THR K 10 -34.92 -9.77 -3.20
N LEU K 11 -33.96 -10.34 -2.50
CA LEU K 11 -32.68 -10.61 -3.10
C LEU K 11 -32.75 -11.81 -4.03
N GLN K 12 -31.99 -11.79 -5.12
CA GLN K 12 -31.89 -12.95 -6.00
C GLN K 12 -30.45 -13.31 -6.32
N VAL K 13 -30.08 -14.59 -6.17
CA VAL K 13 -28.72 -14.99 -6.47
C VAL K 13 -28.39 -14.84 -7.95
N SER K 14 -27.22 -14.26 -8.22
CA SER K 14 -26.74 -13.97 -9.58
C SER K 14 -26.09 -15.13 -10.31
N ASP K 15 -25.77 -16.22 -9.62
CA ASP K 15 -25.13 -17.34 -10.31
C ASP K 15 -26.17 -18.21 -10.99
N VAL K 16 -26.65 -17.69 -12.11
CA VAL K 16 -27.62 -18.35 -12.97
C VAL K 16 -27.12 -18.29 -14.38
N ASP K 17 -27.65 -19.15 -15.24
CA ASP K 17 -27.21 -19.13 -16.63
C ASP K 17 -27.99 -18.17 -17.51
N LYS K 18 -28.90 -17.38 -16.94
CA LYS K 18 -29.61 -16.40 -17.74
C LYS K 18 -29.53 -15.02 -17.12
N LEU K 19 -29.18 -14.04 -17.94
CA LEU K 19 -29.09 -12.67 -17.47
C LEU K 19 -30.30 -11.90 -17.97
N VAL K 20 -31.34 -11.85 -17.14
CA VAL K 20 -32.56 -11.16 -17.52
C VAL K 20 -32.34 -9.64 -17.45
N CYS K 21 -32.74 -8.92 -18.50
CA CYS K 21 -32.48 -7.48 -18.54
C CYS K 21 -33.51 -6.59 -17.86
N ARG K 22 -34.45 -7.21 -17.16
CA ARG K 22 -35.36 -6.49 -16.30
C ARG K 22 -34.54 -5.65 -15.32
N ASP K 23 -33.36 -6.16 -14.96
CA ASP K 23 -32.42 -5.41 -14.15
C ASP K 23 -31.26 -5.03 -15.04
N LYS K 24 -30.85 -3.76 -15.02
CA LYS K 24 -29.72 -3.36 -15.83
C LYS K 24 -28.58 -2.81 -15.02
N LEU K 25 -27.37 -3.26 -15.33
CA LEU K 25 -26.20 -2.71 -14.66
C LEU K 25 -25.75 -1.47 -15.40
N SER K 26 -26.49 -0.39 -15.23
CA SER K 26 -26.17 0.86 -15.91
C SER K 26 -24.82 1.42 -15.53
N SER K 27 -24.36 1.12 -14.31
CA SER K 27 -23.03 1.54 -13.91
C SER K 27 -22.43 0.61 -12.89
N THR K 28 -21.13 0.77 -12.68
CA THR K 28 -20.41 0.01 -11.68
C THR K 28 -20.78 0.41 -10.27
N ASN K 29 -21.54 1.50 -10.10
CA ASN K 29 -21.85 1.89 -8.74
C ASN K 29 -23.11 1.22 -8.25
N GLN K 30 -23.67 0.31 -9.05
CA GLN K 30 -24.74 -0.50 -8.52
C GLN K 30 -24.17 -1.71 -7.80
N LEU K 31 -22.88 -1.96 -7.98
CA LEU K 31 -22.29 -3.09 -7.33
C LEU K 31 -21.98 -2.83 -5.87
N ARG K 32 -22.16 -3.84 -5.03
CA ARG K 32 -21.77 -3.74 -3.63
C ARG K 32 -21.16 -5.01 -3.11
N SER K 33 -20.32 -4.84 -2.11
CA SER K 33 -19.61 -5.89 -1.40
C SER K 33 -19.77 -5.69 0.08
N VAL K 34 -20.97 -5.36 0.53
CA VAL K 34 -21.10 -4.89 1.90
C VAL K 34 -20.77 -5.86 3.00
N GLY K 35 -20.08 -5.33 4.01
CA GLY K 35 -19.82 -6.09 5.23
C GLY K 35 -21.08 -6.22 6.05
N LEU K 36 -21.17 -7.29 6.83
CA LEU K 36 -22.25 -7.50 7.77
C LEU K 36 -21.69 -7.85 9.12
N ASN K 37 -22.34 -7.40 10.17
CA ASN K 37 -21.91 -7.74 11.51
C ASN K 37 -22.28 -9.18 11.83
N LEU K 38 -21.30 -9.98 12.23
CA LEU K 38 -21.54 -11.39 12.60
C LEU K 38 -22.56 -11.51 13.72
N GLU K 39 -22.54 -10.52 14.62
CA GLU K 39 -23.42 -10.40 15.77
C GLU K 39 -24.88 -10.31 15.37
N GLY K 40 -25.14 -9.88 14.13
CA GLY K 40 -26.49 -9.75 13.62
C GLY K 40 -27.10 -11.11 13.32
N ASN K 41 -26.33 -12.18 13.46
CA ASN K 41 -26.83 -13.52 13.32
C ASN K 41 -27.17 -14.11 14.68
N GLY K 42 -27.20 -13.27 15.73
CA GLY K 42 -27.48 -13.75 17.06
C GLY K 42 -26.24 -14.35 17.71
N VAL K 43 -25.08 -14.18 17.07
CA VAL K 43 -23.85 -14.75 17.58
C VAL K 43 -23.41 -14.11 18.88
N ALA K 44 -22.99 -14.95 19.83
CA ALA K 44 -22.57 -14.50 21.16
C ALA K 44 -21.40 -13.53 21.09
N THR K 45 -21.40 -12.56 22.00
CA THR K 45 -20.31 -11.60 22.08
C THR K 45 -19.39 -11.80 23.27
N ASP K 46 -19.62 -12.86 24.04
CA ASP K 46 -18.78 -13.07 25.22
C ASP K 46 -17.38 -13.21 24.80
N VAL K 47 -16.49 -12.58 25.54
CA VAL K 47 -15.11 -12.64 25.15
C VAL K 47 -14.59 -14.07 25.09
N PRO K 48 -14.99 -14.96 26.01
CA PRO K 48 -14.65 -16.35 25.89
C PRO K 48 -15.26 -16.99 24.66
N SER K 49 -16.47 -16.57 24.27
CA SER K 49 -17.05 -17.16 23.08
C SER K 49 -16.31 -16.70 21.86
N ALA K 50 -15.75 -15.51 21.93
CA ALA K 50 -14.98 -15.01 20.83
C ALA K 50 -13.76 -15.85 20.65
N THR K 51 -13.15 -16.23 21.76
CA THR K 51 -12.00 -17.10 21.70
C THR K 51 -12.40 -18.45 21.15
N LYS K 52 -13.60 -18.90 21.53
CA LYS K 52 -14.14 -20.15 21.03
C LYS K 52 -14.38 -20.13 19.55
N ARG K 53 -14.60 -18.95 18.98
CA ARG K 53 -14.81 -18.83 17.55
C ARG K 53 -13.55 -18.70 16.72
N TRP K 54 -12.37 -18.72 17.32
CA TRP K 54 -11.16 -18.56 16.53
C TRP K 54 -10.31 -19.81 16.57
N GLY K 55 -9.73 -20.14 15.42
CA GLY K 55 -8.97 -21.36 15.25
C GLY K 55 -7.63 -21.51 15.94
N PHE K 56 -6.95 -20.40 16.21
CA PHE K 56 -5.63 -20.46 16.86
C PHE K 56 -4.62 -21.35 16.14
N ARG K 57 -4.60 -21.24 14.82
CA ARG K 57 -3.76 -22.03 13.94
C ARG K 57 -2.69 -21.32 13.09
N SER K 58 -1.48 -21.90 13.06
CA SER K 58 -0.42 -21.49 12.11
C SER K 58 -0.87 -21.96 10.75
N GLY K 59 -0.51 -21.33 9.67
CA GLY K 59 -1.15 -21.78 8.45
C GLY K 59 -0.77 -21.01 7.22
N VAL K 60 -1.54 -21.25 6.17
CA VAL K 60 -1.33 -20.56 4.91
C VAL K 60 -1.52 -19.10 5.22
N PRO K 61 -0.75 -18.23 4.59
CA PRO K 61 -0.69 -16.83 4.92
C PRO K 61 -2.03 -16.17 4.68
N PRO K 62 -2.29 -15.14 5.48
CA PRO K 62 -3.49 -14.34 5.57
C PRO K 62 -3.76 -13.50 4.35
N LYS K 63 -5.04 -13.24 4.13
CA LYS K 63 -5.46 -12.35 3.08
C LYS K 63 -6.54 -11.41 3.58
N VAL K 64 -6.67 -10.26 2.94
CA VAL K 64 -7.76 -9.36 3.28
C VAL K 64 -8.47 -8.97 2.01
N VAL K 65 -9.71 -8.50 2.12
CA VAL K 65 -10.42 -8.07 0.94
C VAL K 65 -11.17 -6.76 1.15
N ASN K 66 -11.18 -5.96 0.12
CA ASN K 66 -11.85 -4.67 0.15
C ASN K 66 -13.35 -4.90 0.23
N TYR K 67 -14.03 -4.15 1.10
CA TYR K 67 -15.47 -4.37 1.16
C TYR K 67 -16.21 -3.06 1.38
N GLU K 68 -17.50 -3.08 1.05
CA GLU K 68 -18.43 -1.96 1.14
C GLU K 68 -19.03 -1.62 2.49
N ALA K 69 -19.60 -0.42 2.47
CA ALA K 69 -20.28 0.21 3.59
C ALA K 69 -21.35 -0.68 4.18
N GLY K 70 -21.60 -0.54 5.47
CA GLY K 70 -22.52 -1.49 6.09
C GLY K 70 -22.85 -1.19 7.53
N GLU K 71 -23.62 -2.09 8.14
CA GLU K 71 -24.14 -1.91 9.49
C GLU K 71 -23.07 -1.79 10.57
N TRP K 72 -23.41 -1.02 11.60
CA TRP K 72 -22.58 -0.81 12.78
C TRP K 72 -22.37 -2.10 13.54
N ALA K 73 -21.20 -2.26 14.13
CA ALA K 73 -21.04 -3.43 14.95
C ALA K 73 -21.13 -3.03 16.41
N GLU K 74 -22.01 -3.68 17.15
CA GLU K 74 -22.11 -3.33 18.56
C GLU K 74 -20.90 -3.77 19.35
N ASN K 75 -20.45 -5.00 19.10
CA ASN K 75 -19.27 -5.51 19.80
C ASN K 75 -18.14 -5.88 18.86
N CYS K 76 -16.95 -5.45 19.22
CA CYS K 76 -15.75 -5.72 18.42
C CYS K 76 -14.59 -5.90 19.37
N TYR K 77 -13.40 -6.31 18.89
CA TYR K 77 -12.34 -6.54 19.87
C TYR K 77 -10.94 -5.97 19.46
N ASN K 78 -10.10 -5.60 20.44
CA ASN K 78 -8.69 -5.19 20.22
C ASN K 78 -7.76 -6.16 20.91
N LEU K 79 -6.60 -6.48 20.33
CA LEU K 79 -5.73 -7.41 21.03
C LEU K 79 -4.25 -7.05 21.20
N GLU K 80 -3.78 -7.15 22.45
CA GLU K 80 -2.37 -7.03 22.83
C GLU K 80 -1.69 -8.34 23.25
N ILE K 81 -2.37 -9.47 23.09
CA ILE K 81 -1.88 -10.74 23.61
C ILE K 81 -0.56 -11.24 23.06
N LYS K 82 0.25 -11.76 23.97
CA LYS K 82 1.54 -12.32 23.61
C LYS K 82 1.75 -13.70 24.18
N LYS K 83 2.64 -14.45 23.54
CA LYS K 83 3.03 -15.80 23.93
C LYS K 83 3.78 -15.71 25.26
N PRO K 84 3.75 -16.77 26.09
CA PRO K 84 4.27 -16.86 27.46
C PRO K 84 5.73 -16.43 27.63
N ASP K 85 6.51 -16.45 26.55
CA ASP K 85 7.87 -15.96 26.60
C ASP K 85 7.96 -14.46 26.29
N GLY K 86 6.80 -13.82 26.18
CA GLY K 86 6.64 -12.41 25.88
C GLY K 86 6.77 -12.11 24.39
N SER K 87 6.88 -13.14 23.55
CA SER K 87 6.94 -12.90 22.11
C SER K 87 5.60 -12.46 21.54
N GLU K 88 5.65 -11.70 20.46
CA GLU K 88 4.44 -11.23 19.81
C GLU K 88 3.58 -12.38 19.31
N CYS K 89 2.27 -12.23 19.41
CA CYS K 89 1.39 -13.25 18.90
C CYS K 89 0.35 -12.62 18.02
N LEU K 90 0.16 -13.21 16.83
CA LEU K 90 -0.76 -12.72 15.81
C LEU K 90 -0.06 -11.55 15.15
N PRO K 91 -0.09 -11.45 13.84
CA PRO K 91 0.59 -10.40 13.14
C PRO K 91 0.01 -9.05 13.48
N ALA K 92 0.88 -8.04 13.49
CA ALA K 92 0.45 -6.66 13.64
C ALA K 92 -0.40 -6.27 12.47
N ALA K 93 -1.36 -5.39 12.66
CA ALA K 93 -2.11 -4.96 11.50
C ALA K 93 -1.19 -4.31 10.45
N PRO K 94 -1.47 -4.52 9.15
CA PRO K 94 -0.84 -3.98 7.96
C PRO K 94 -1.09 -2.48 7.85
N ASP K 95 -0.21 -1.80 7.15
CA ASP K 95 -0.30 -0.35 7.03
C ASP K 95 -1.60 0.11 6.41
N GLY K 96 -2.16 1.13 7.05
CA GLY K 96 -3.41 1.76 6.67
C GLY K 96 -4.61 1.13 7.40
N ILE K 97 -4.36 0.07 8.16
CA ILE K 97 -5.42 -0.52 8.96
C ILE K 97 -5.78 0.32 10.16
N ARG K 98 -7.06 0.45 10.37
CA ARG K 98 -7.60 1.16 11.50
C ARG K 98 -8.85 0.43 11.93
N GLY K 99 -9.31 0.68 13.14
CA GLY K 99 -10.45 -0.04 13.65
C GLY K 99 -11.70 0.28 12.85
N PHE K 100 -12.66 -0.63 12.91
CA PHE K 100 -13.90 -0.50 12.19
C PHE K 100 -14.59 0.81 12.57
N PRO K 101 -15.15 1.53 11.58
CA PRO K 101 -15.69 2.89 11.69
C PRO K 101 -16.76 3.11 12.72
N ARG K 102 -17.52 2.07 13.06
CA ARG K 102 -18.59 2.25 14.01
C ARG K 102 -18.70 1.26 15.14
N CYS K 103 -17.62 0.63 15.59
CA CYS K 103 -17.93 -0.31 16.65
C CYS K 103 -18.36 0.42 17.91
N ARG K 104 -19.47 -0.02 18.50
CA ARG K 104 -19.97 0.62 19.71
C ARG K 104 -19.28 0.23 20.98
N TYR K 105 -18.84 -1.02 21.05
CA TYR K 105 -18.18 -1.55 22.22
C TYR K 105 -16.96 -2.36 21.86
N VAL K 106 -15.83 -1.71 21.64
CA VAL K 106 -14.68 -2.52 21.33
C VAL K 106 -14.12 -3.05 22.63
N HIS K 107 -13.91 -4.35 22.67
CA HIS K 107 -13.40 -5.02 23.83
C HIS K 107 -11.92 -5.21 23.69
N LYS K 108 -11.14 -4.74 24.63
CA LYS K 108 -9.72 -4.87 24.46
C LYS K 108 -9.10 -5.85 25.40
N VAL K 109 -8.17 -6.65 24.89
CA VAL K 109 -7.54 -7.64 25.74
C VAL K 109 -6.03 -7.42 25.81
N SER K 110 -5.47 -7.80 26.93
CA SER K 110 -4.06 -7.67 27.26
C SER K 110 -3.64 -8.84 28.11
N GLY K 111 -2.35 -9.00 28.34
CA GLY K 111 -1.83 -10.17 29.06
C GLY K 111 -1.29 -11.25 28.11
N THR K 112 -0.84 -12.36 28.69
CA THR K 112 -0.22 -13.41 27.89
C THR K 112 -0.73 -14.80 28.17
N GLY K 113 -0.39 -15.68 27.25
CA GLY K 113 -0.68 -17.09 27.31
C GLY K 113 -0.13 -17.72 26.07
N PRO K 114 -0.31 -19.02 25.88
CA PRO K 114 0.24 -19.80 24.78
C PRO K 114 -0.14 -19.21 23.43
N CYS K 115 -1.35 -18.62 23.34
CA CYS K 115 -1.77 -17.89 22.16
C CYS K 115 -1.48 -18.69 20.92
N ALA K 116 -2.00 -19.91 20.88
CA ALA K 116 -1.65 -20.85 19.84
C ALA K 116 -1.91 -20.35 18.43
N GLY K 117 -1.02 -20.78 17.55
CA GLY K 117 -1.09 -20.53 16.13
C GLY K 117 -0.43 -19.23 15.76
N ASP K 118 -0.42 -18.93 14.48
CA ASP K 118 0.08 -17.65 14.04
C ASP K 118 -1.01 -16.80 13.44
N PHE K 119 -1.93 -17.44 12.71
CA PHE K 119 -2.99 -16.70 12.06
C PHE K 119 -4.36 -16.86 12.68
N ALA K 120 -4.44 -17.40 13.89
CA ALA K 120 -5.75 -17.67 14.47
C ALA K 120 -6.58 -18.40 13.41
N PHE K 121 -7.67 -17.77 12.96
CA PHE K 121 -8.53 -18.16 11.84
C PHE K 121 -9.96 -18.09 12.26
N HIS K 122 -10.81 -17.37 11.60
CA HIS K 122 -12.14 -17.43 12.14
C HIS K 122 -12.70 -18.82 11.85
N LYS K 123 -13.27 -19.46 12.85
CA LYS K 123 -13.81 -20.80 12.63
C LYS K 123 -14.96 -20.87 11.65
N GLU K 124 -15.74 -19.79 11.52
CA GLU K 124 -16.83 -19.77 10.56
C GLU K 124 -16.36 -19.39 9.18
N GLY K 125 -15.10 -18.96 9.07
CA GLY K 125 -14.57 -18.40 7.85
C GLY K 125 -15.00 -16.93 7.77
N ALA K 126 -15.61 -16.42 8.85
CA ALA K 126 -16.06 -15.04 8.95
C ALA K 126 -14.87 -14.11 8.85
N PHE K 127 -15.10 -12.93 8.31
CA PHE K 127 -14.01 -12.01 8.15
C PHE K 127 -14.00 -10.95 9.21
N PHE K 128 -12.82 -10.72 9.75
CA PHE K 128 -12.70 -9.64 10.68
C PHE K 128 -12.88 -8.40 9.82
N LEU K 129 -13.52 -7.37 10.29
CA LEU K 129 -13.69 -6.23 9.40
C LEU K 129 -12.87 -5.04 9.87
N TYR K 130 -11.68 -4.86 9.35
CA TYR K 130 -10.92 -3.71 9.82
C TYR K 130 -11.14 -2.59 8.86
N ASP K 131 -11.73 -1.51 9.34
CA ASP K 131 -12.01 -0.40 8.45
C ASP K 131 -12.66 -0.95 7.16
N ARG K 132 -12.06 -0.71 5.98
CA ARG K 132 -12.60 -1.19 4.73
C ARG K 132 -12.01 -2.52 4.24
N LEU K 133 -11.20 -3.18 5.05
CA LEU K 133 -10.66 -4.47 4.63
C LEU K 133 -11.04 -5.63 5.57
N ALA K 134 -11.81 -6.55 5.02
CA ALA K 134 -12.21 -7.79 5.64
C ALA K 134 -10.98 -8.66 5.83
N SER K 135 -10.91 -9.49 6.87
CA SER K 135 -9.70 -10.30 7.00
C SER K 135 -9.92 -11.73 7.42
N THR K 136 -9.00 -12.57 6.98
CA THR K 136 -9.00 -13.98 7.34
C THR K 136 -8.22 -14.23 8.63
N VAL K 137 -7.53 -13.20 9.10
CA VAL K 137 -6.67 -13.29 10.26
C VAL K 137 -6.86 -12.15 11.20
N ILE K 138 -6.64 -12.44 12.48
CA ILE K 138 -6.64 -11.41 13.48
C ILE K 138 -5.37 -10.58 13.45
N TYR K 139 -5.55 -9.29 13.42
CA TYR K 139 -4.43 -8.39 13.51
C TYR K 139 -4.35 -7.73 14.87
N ARG K 140 -3.14 -7.55 15.35
CA ARG K 140 -2.91 -6.89 16.63
C ARG K 140 -3.31 -5.44 16.61
N GLY K 141 -3.73 -4.92 17.76
CA GLY K 141 -4.02 -3.51 17.81
C GLY K 141 -5.45 -3.17 17.49
N THR K 142 -5.69 -2.94 16.21
CA THR K 142 -6.96 -2.46 15.68
C THR K 142 -8.13 -3.42 15.85
N THR K 143 -9.33 -2.84 15.79
CA THR K 143 -10.58 -3.52 16.08
C THR K 143 -11.01 -4.62 15.10
N PHE K 144 -11.34 -5.80 15.64
CA PHE K 144 -11.69 -6.98 14.86
C PHE K 144 -12.96 -6.94 14.06
N ALA K 145 -14.01 -6.35 14.63
CA ALA K 145 -15.29 -6.23 13.94
C ALA K 145 -15.69 -7.50 13.21
N GLU K 146 -15.89 -8.62 13.91
CA GLU K 146 -16.18 -9.85 13.19
C GLU K 146 -17.41 -9.70 12.31
N GLY K 147 -17.38 -10.32 11.14
CA GLY K 147 -18.49 -10.20 10.23
C GLY K 147 -18.39 -11.04 8.97
N VAL K 148 -19.38 -10.89 8.11
CA VAL K 148 -19.46 -11.63 6.87
C VAL K 148 -19.72 -10.67 5.73
N VAL K 149 -19.49 -11.10 4.50
CA VAL K 149 -19.66 -10.17 3.38
C VAL K 149 -20.55 -10.73 2.30
N ALA K 150 -21.40 -9.86 1.75
CA ALA K 150 -22.27 -10.25 0.66
C ALA K 150 -22.11 -9.28 -0.48
N PHE K 151 -22.31 -9.77 -1.68
CA PHE K 151 -22.21 -8.89 -2.81
C PHE K 151 -23.60 -8.62 -3.36
N LEU K 152 -23.85 -7.39 -3.79
CA LEU K 152 -25.16 -7.01 -4.29
C LEU K 152 -25.20 -6.27 -5.62
N ILE K 153 -26.30 -6.44 -6.35
CA ILE K 153 -26.56 -5.59 -7.51
C ILE K 153 -27.75 -4.72 -7.23
N LEU K 154 -27.46 -3.46 -7.01
CA LEU K 154 -28.45 -2.44 -6.77
C LEU K 154 -29.23 -2.08 -8.01
N PRO K 155 -30.50 -1.74 -7.86
CA PRO K 155 -31.33 -1.10 -8.85
C PRO K 155 -30.71 0.26 -9.11
N PRO K 177 -23.92 12.55 18.18
CA PRO K 177 -23.30 11.94 17.00
C PRO K 177 -21.82 11.62 17.13
N SER K 178 -21.11 12.26 18.06
CA SER K 178 -19.71 11.94 18.23
C SER K 178 -19.52 10.54 18.76
N SER K 179 -20.57 10.00 19.40
CA SER K 179 -20.57 8.65 19.95
C SER K 179 -20.54 7.61 18.87
N GLY K 180 -20.81 8.01 17.62
CA GLY K 180 -20.74 7.06 16.53
C GLY K 180 -19.36 6.46 16.44
N TYR K 181 -18.34 7.23 16.83
CA TYR K 181 -17.00 6.70 16.92
C TYR K 181 -16.53 6.66 18.36
N TYR K 182 -16.97 7.62 19.18
CA TYR K 182 -16.51 7.70 20.56
C TYR K 182 -17.06 6.62 21.48
N SER K 183 -18.16 5.96 21.12
CA SER K 183 -18.61 4.89 21.98
C SER K 183 -17.62 3.76 21.90
N THR K 184 -17.41 3.09 23.03
CA THR K 184 -16.56 1.90 23.16
C THR K 184 -16.24 1.67 24.60
N THR K 185 -16.52 0.48 25.08
CA THR K 185 -16.20 0.17 26.46
C THR K 185 -15.57 -1.20 26.60
N ILE K 186 -14.97 -1.43 27.75
CA ILE K 186 -14.46 -2.71 28.25
C ILE K 186 -13.06 -3.12 27.82
N ARG K 187 -12.14 -3.08 28.78
CA ARG K 187 -10.80 -3.60 28.59
C ARG K 187 -10.49 -4.58 29.70
N TYR K 188 -9.80 -5.67 29.36
CA TYR K 188 -9.50 -6.72 30.32
C TYR K 188 -8.21 -7.51 30.10
N GLN K 189 -7.72 -8.09 31.19
CA GLN K 189 -6.57 -8.97 31.21
C GLN K 189 -6.92 -10.36 30.71
N ALA K 190 -5.96 -11.07 30.14
CA ALA K 190 -6.20 -12.46 29.81
C ALA K 190 -5.21 -13.34 30.54
N THR K 191 -5.67 -14.52 30.96
CA THR K 191 -4.77 -15.48 31.56
C THR K 191 -4.79 -16.71 30.71
N GLY K 192 -3.73 -16.90 29.98
CA GLY K 192 -3.61 -17.97 29.04
C GLY K 192 -4.16 -17.38 27.76
N PHE K 193 -4.05 -18.07 26.66
CA PHE K 193 -4.72 -17.57 25.48
C PHE K 193 -4.89 -18.63 24.44
N GLY K 194 -5.98 -18.52 23.70
CA GLY K 194 -6.22 -19.40 22.59
C GLY K 194 -6.78 -20.75 23.01
N THR K 195 -7.15 -20.90 24.27
CA THR K 195 -7.69 -22.16 24.72
C THR K 195 -8.88 -21.83 25.60
N ASN K 196 -9.75 -22.80 25.87
CA ASN K 196 -10.95 -22.41 26.60
C ASN K 196 -10.76 -22.44 28.11
N GLU K 197 -9.53 -22.72 28.55
CA GLU K 197 -9.13 -22.54 29.92
C GLU K 197 -8.78 -21.07 30.19
N THR K 198 -8.73 -20.25 29.12
CA THR K 198 -8.34 -18.86 29.23
C THR K 198 -9.32 -18.04 30.06
N GLU K 199 -8.78 -17.16 30.89
CA GLU K 199 -9.57 -16.30 31.78
C GLU K 199 -9.49 -14.85 31.37
N TYR K 200 -10.57 -14.11 31.52
CA TYR K 200 -10.52 -12.69 31.17
C TYR K 200 -10.98 -11.83 32.32
N LEU K 201 -10.22 -10.78 32.68
CA LEU K 201 -10.62 -9.97 33.82
C LEU K 201 -10.81 -8.50 33.52
N PHE K 202 -12.01 -8.01 33.77
CA PHE K 202 -12.33 -6.61 33.51
C PHE K 202 -11.47 -5.66 34.33
N GLU K 203 -10.99 -4.58 33.74
CA GLU K 203 -10.19 -3.68 34.55
C GLU K 203 -10.60 -2.22 34.47
N VAL K 204 -10.83 -1.62 35.63
CA VAL K 204 -11.15 -0.19 35.78
C VAL K 204 -10.42 0.40 36.96
N ASP K 205 -9.97 1.65 36.84
CA ASP K 205 -9.34 2.37 37.96
C ASP K 205 -8.14 1.63 38.51
N ASN K 206 -7.37 1.04 37.62
CA ASN K 206 -6.22 0.23 37.97
C ASN K 206 -6.62 -0.90 38.90
N LEU K 207 -7.80 -1.49 38.68
CA LEU K 207 -8.21 -2.64 39.45
C LEU K 207 -8.58 -3.72 38.47
N THR K 208 -7.97 -4.88 38.61
CA THR K 208 -8.34 -5.97 37.75
C THR K 208 -9.38 -6.79 38.48
N TYR K 209 -10.50 -7.07 37.84
CA TYR K 209 -11.55 -7.84 38.49
C TYR K 209 -12.48 -8.56 37.55
N VAL K 210 -13.23 -9.54 38.06
CA VAL K 210 -14.33 -10.12 37.27
C VAL K 210 -14.02 -10.89 35.99
N GLN K 211 -14.07 -12.23 36.13
CA GLN K 211 -13.86 -13.22 35.06
C GLN K 211 -14.85 -13.16 33.88
N LEU K 212 -15.89 -12.33 34.04
CA LEU K 212 -16.94 -12.03 33.07
C LEU K 212 -17.95 -13.14 32.86
N GLU K 213 -17.89 -14.21 33.67
CA GLU K 213 -18.83 -15.31 33.61
C GLU K 213 -19.25 -15.60 32.18
N SER K 214 -20.52 -15.33 31.90
CA SER K 214 -21.10 -15.40 30.59
C SER K 214 -22.27 -14.45 30.56
N ARG K 215 -22.73 -14.14 29.36
CA ARG K 215 -23.91 -13.31 29.16
C ARG K 215 -23.80 -11.91 29.71
N PHE K 216 -22.60 -11.36 29.76
CA PHE K 216 -22.49 -10.01 30.27
C PHE K 216 -22.34 -9.04 29.15
N THR K 217 -23.31 -8.15 29.01
CA THR K 217 -23.25 -7.11 28.01
C THR K 217 -22.19 -6.14 28.46
N PRO K 218 -21.65 -5.31 27.57
CA PRO K 218 -20.70 -4.28 27.87
C PRO K 218 -21.32 -3.33 28.88
N GLN K 219 -22.64 -3.20 28.79
CA GLN K 219 -23.42 -2.40 29.70
C GLN K 219 -23.55 -3.04 31.07
N PHE K 220 -23.62 -4.38 31.12
CA PHE K 220 -23.60 -5.06 32.40
C PHE K 220 -22.31 -4.76 33.09
N LEU K 221 -21.24 -4.83 32.31
CA LEU K 221 -19.94 -4.55 32.83
C LEU K 221 -19.79 -3.09 33.16
N LEU K 222 -20.44 -2.23 32.38
CA LEU K 222 -20.45 -0.80 32.64
C LEU K 222 -21.09 -0.51 33.98
N GLN K 223 -22.13 -1.28 34.30
CA GLN K 223 -22.82 -1.14 35.56
C GLN K 223 -21.93 -1.48 36.73
N LEU K 224 -20.86 -2.25 36.50
CA LEU K 224 -19.94 -2.61 37.56
C LEU K 224 -19.14 -1.40 37.99
N ASN K 225 -19.21 -0.31 37.22
CA ASN K 225 -18.48 0.87 37.59
C ASN K 225 -19.27 1.67 38.59
N GLU K 226 -20.41 1.12 39.04
CA GLU K 226 -21.12 1.65 40.17
C GLU K 226 -20.29 1.47 41.43
N THR K 227 -19.24 0.63 41.35
CA THR K 227 -18.34 0.38 42.44
C THR K 227 -17.09 1.24 42.37
N ILE K 228 -16.94 2.04 41.33
CA ILE K 228 -15.71 2.79 41.23
C ILE K 228 -15.86 4.10 41.96
N TYR K 229 -15.07 4.20 43.04
CA TYR K 229 -15.05 5.28 44.01
C TYR K 229 -16.39 5.45 44.72
N THR K 230 -17.25 4.43 44.64
CA THR K 230 -18.56 4.51 45.26
C THR K 230 -18.91 3.26 46.04
N SER K 231 -19.54 2.30 45.35
CA SER K 231 -20.05 1.14 46.03
C SER K 231 -19.06 0.02 46.18
N GLY K 232 -18.30 0.10 47.26
CA GLY K 232 -17.37 -0.96 47.59
C GLY K 232 -16.13 -0.90 46.72
N LYS K 233 -15.44 -2.04 46.65
CA LYS K 233 -14.22 -2.20 45.87
C LYS K 233 -13.20 -1.16 46.27
N ARG K 234 -12.46 -0.60 45.30
CA ARG K 234 -11.48 0.43 45.64
C ARG K 234 -10.43 -0.06 46.59
N SER K 235 -9.52 -0.91 46.11
CA SER K 235 -8.55 -1.51 47.03
C SER K 235 -7.79 -0.42 47.81
N ASN K 236 -7.53 -0.78 49.06
CA ASN K 236 -6.88 0.03 50.09
C ASN K 236 -5.41 -0.30 50.26
N THR K 237 -4.81 -0.86 49.21
CA THR K 237 -3.48 -1.44 49.29
C THR K 237 -2.66 -0.84 48.20
N THR K 238 -1.37 -1.21 48.17
CA THR K 238 -0.40 -0.76 47.18
C THR K 238 -0.88 -1.02 45.74
N GLY K 239 -1.88 -1.88 45.58
CA GLY K 239 -2.40 -2.17 44.29
C GLY K 239 -3.68 -2.97 44.40
N LYS K 240 -4.20 -3.29 43.25
CA LYS K 240 -5.44 -3.99 43.09
C LYS K 240 -5.52 -5.38 43.66
N LEU K 241 -6.69 -5.70 44.17
CA LEU K 241 -6.96 -7.05 44.59
C LEU K 241 -7.94 -7.56 43.53
N ILE K 242 -7.85 -8.81 43.11
CA ILE K 242 -8.76 -9.23 42.05
C ILE K 242 -9.91 -10.07 42.51
N TRP K 243 -11.07 -9.46 42.57
CA TRP K 243 -12.27 -10.15 43.01
C TRP K 243 -12.73 -11.21 42.02
N LYS K 244 -13.25 -12.33 42.52
CA LYS K 244 -13.71 -13.37 41.62
C LYS K 244 -15.22 -13.26 41.42
N VAL K 245 -15.64 -12.98 40.19
CA VAL K 245 -17.07 -12.72 39.88
C VAL K 245 -18.03 -13.87 40.05
N ASN K 246 -19.23 -13.55 40.53
CA ASN K 246 -20.29 -14.55 40.57
C ASN K 246 -21.46 -14.17 39.66
N ARG K 267 -23.21 -7.14 45.54
CA ARG K 267 -22.01 -7.63 46.18
C ARG K 267 -21.69 -9.08 45.85
N LYS K 268 -22.71 -9.91 45.62
CA LYS K 268 -22.43 -11.28 45.20
C LYS K 268 -21.70 -11.32 43.86
N ILE K 269 -22.11 -10.45 42.93
CA ILE K 269 -21.46 -10.38 41.63
C ILE K 269 -20.14 -9.73 41.70
N ARG K 270 -20.13 -8.62 42.45
CA ARG K 270 -18.98 -7.80 42.66
C ARG K 270 -17.94 -8.63 43.31
N SER K 271 -18.44 -9.57 44.13
CA SER K 271 -17.61 -10.51 44.80
C SER K 271 -16.67 -9.79 45.69
N GLU K 272 -17.22 -8.82 46.41
CA GLU K 272 -16.38 -8.00 47.24
C GLU K 272 -15.72 -8.91 48.26
N GLU K 273 -14.46 -8.64 48.52
CA GLU K 273 -13.62 -9.41 49.45
C GLU K 273 -13.47 -10.90 49.07
N LEU K 274 -13.79 -11.25 47.82
CA LEU K 274 -13.67 -12.61 47.31
C LEU K 274 -12.51 -12.76 46.34
N SER K 275 -11.45 -11.99 46.54
CA SER K 275 -10.30 -12.03 45.63
C SER K 275 -9.43 -13.29 45.76
N PHE K 276 -9.77 -14.21 46.66
CA PHE K 276 -9.00 -15.42 46.81
C PHE K 276 -9.80 -16.52 47.49
N ALA L 1 -35.24 -14.08 -5.27
CA ALA L 1 -36.03 -15.00 -4.49
C ALA L 1 -35.14 -15.97 -3.73
N ILE L 2 -34.62 -15.54 -2.58
CA ILE L 2 -33.75 -16.42 -1.81
C ILE L 2 -34.23 -16.62 -0.39
N VAL L 3 -33.81 -17.74 0.18
CA VAL L 3 -34.15 -18.09 1.54
C VAL L 3 -33.40 -17.25 2.59
N ASN L 4 -34.14 -16.78 3.59
CA ASN L 4 -33.57 -16.03 4.70
C ASN L 4 -32.71 -16.91 5.59
N ALA L 5 -31.66 -16.33 6.16
CA ALA L 5 -30.77 -17.08 7.04
C ALA L 5 -31.52 -17.70 8.21
N GLN L 6 -31.09 -18.89 8.61
CA GLN L 6 -31.68 -19.53 9.77
C GLN L 6 -31.13 -19.00 11.12
N PRO L 7 -30.05 -18.18 11.13
CA PRO L 7 -29.64 -17.40 12.29
C PRO L 7 -30.68 -16.39 12.65
N LYS L 8 -30.73 -16.00 13.91
CA LYS L 8 -31.71 -14.99 14.23
C LYS L 8 -31.15 -13.70 13.71
N CYS L 9 -31.68 -13.26 12.60
CA CYS L 9 -31.20 -12.06 11.97
C CYS L 9 -31.60 -10.81 12.74
N ASN L 10 -30.69 -9.87 12.92
CA ASN L 10 -31.10 -8.63 13.55
C ASN L 10 -31.91 -7.83 12.54
N PRO L 11 -33.09 -7.33 12.90
CA PRO L 11 -34.00 -6.50 12.13
C PRO L 11 -33.44 -5.13 11.70
N ASN L 12 -32.32 -4.71 12.26
CA ASN L 12 -31.78 -3.38 11.97
C ASN L 12 -30.44 -3.36 11.22
N LEU L 13 -30.35 -2.41 10.28
CA LEU L 13 -29.14 -2.08 9.52
C LEU L 13 -28.63 -0.70 9.81
N HIS L 14 -28.61 -0.27 11.08
CA HIS L 14 -28.04 1.05 11.32
C HIS L 14 -26.67 0.96 10.66
N TYR L 15 -26.31 1.91 9.80
CA TYR L 15 -25.11 1.72 8.97
C TYR L 15 -24.24 2.94 8.77
N TRP L 16 -23.03 2.68 8.30
CA TRP L 16 -22.10 3.72 7.97
C TRP L 16 -21.47 3.49 6.61
N THR L 17 -21.12 4.58 5.96
CA THR L 17 -20.45 4.57 4.68
C THR L 17 -19.36 5.60 4.57
N THR L 18 -18.45 5.43 3.62
CA THR L 18 -17.49 6.49 3.37
C THR L 18 -18.06 7.49 2.39
N GLN L 19 -19.22 7.16 1.82
CA GLN L 19 -19.80 8.07 0.88
C GLN L 19 -20.22 9.37 1.51
N ASP L 20 -19.99 10.42 0.76
CA ASP L 20 -20.43 11.76 1.09
C ASP L 20 -20.53 12.49 -0.23
N GLU L 21 -21.67 12.41 -0.90
CA GLU L 21 -21.73 13.03 -2.21
C GLU L 21 -21.60 14.54 -2.18
N GLY L 22 -20.91 15.06 -3.20
CA GLY L 22 -20.73 16.49 -3.42
C GLY L 22 -19.56 17.07 -2.63
N ALA L 23 -19.38 18.37 -2.77
CA ALA L 23 -18.40 19.14 -2.02
C ALA L 23 -18.93 20.55 -1.90
N ALA L 24 -19.61 20.87 -0.80
CA ALA L 24 -20.20 22.21 -0.67
C ALA L 24 -19.16 23.30 -0.83
N ILE L 25 -17.96 23.05 -0.34
CA ILE L 25 -16.86 23.97 -0.53
C ILE L 25 -15.63 23.22 -1.04
N GLY L 26 -14.83 23.91 -1.85
CA GLY L 26 -13.62 23.30 -2.37
C GLY L 26 -12.63 22.94 -1.27
N LEU L 27 -12.72 23.64 -0.14
CA LEU L 27 -11.85 23.32 0.96
C LEU L 27 -12.13 21.93 1.47
N ALA L 28 -13.39 21.47 1.38
CA ALA L 28 -13.68 20.13 1.83
C ALA L 28 -12.93 19.17 0.95
N TRP L 29 -12.91 19.50 -0.34
CA TRP L 29 -12.12 18.78 -1.30
C TRP L 29 -10.63 18.78 -1.13
N ILE L 30 -10.06 19.87 -0.64
CA ILE L 30 -8.63 19.92 -0.54
C ILE L 30 -8.14 19.11 0.66
N PRO L 31 -7.17 18.19 0.48
CA PRO L 31 -6.59 17.32 1.50
C PRO L 31 -6.03 18.10 2.67
N TYR L 32 -5.51 19.28 2.37
CA TYR L 32 -5.04 20.18 3.38
C TYR L 32 -6.11 20.60 4.35
N PHE L 33 -7.31 20.76 3.83
CA PHE L 33 -8.45 21.16 4.60
C PHE L 33 -9.40 20.00 4.87
N GLY L 34 -8.93 18.77 4.65
CA GLY L 34 -9.78 17.61 4.78
C GLY L 34 -10.22 17.32 6.22
N PRO L 35 -11.32 16.60 6.35
CA PRO L 35 -11.98 16.11 7.55
C PRO L 35 -11.09 15.12 8.27
N ALA L 36 -11.30 14.97 9.58
CA ALA L 36 -10.58 13.98 10.35
C ALA L 36 -10.83 12.64 9.69
N ALA L 37 -9.90 11.73 9.79
CA ALA L 37 -10.02 10.49 9.02
C ALA L 37 -11.35 9.76 9.23
N GLU L 38 -11.89 9.75 10.44
CA GLU L 38 -13.21 9.17 10.65
C GLU L 38 -14.36 10.06 10.15
N GLY L 39 -14.07 11.34 9.90
CA GLY L 39 -15.05 12.31 9.45
C GLY L 39 -15.54 12.07 8.05
N ILE L 40 -14.80 11.28 7.27
CA ILE L 40 -15.24 10.99 5.93
C ILE L 40 -16.50 10.14 5.96
N TYR L 41 -16.68 9.41 7.06
CA TYR L 41 -17.80 8.53 7.19
C TYR L 41 -19.09 9.28 7.39
N THR L 42 -20.16 8.71 6.85
CA THR L 42 -21.48 9.25 7.06
C THR L 42 -22.33 8.08 7.48
N GLU L 43 -23.46 8.35 8.08
CA GLU L 43 -24.25 7.25 8.60
C GLU L 43 -25.74 7.54 8.55
N GLY L 44 -26.51 6.48 8.65
CA GLY L 44 -27.97 6.55 8.60
C GLY L 44 -28.44 5.16 8.92
N LEU L 45 -29.74 4.93 8.91
CA LEU L 45 -30.19 3.60 9.28
C LEU L 45 -31.11 2.93 8.29
N MET L 46 -30.89 1.65 8.11
CA MET L 46 -31.80 0.87 7.29
C MET L 46 -32.34 -0.21 8.20
N HIS L 47 -33.43 -0.84 7.81
CA HIS L 47 -34.12 -1.82 8.62
C HIS L 47 -34.60 -2.87 7.68
N ASN L 48 -35.07 -4.00 8.20
CA ASN L 48 -35.43 -5.14 7.34
C ASN L 48 -36.68 -4.96 6.52
N GLN L 49 -36.64 -4.00 5.61
CA GLN L 49 -37.75 -3.78 4.76
C GLN L 49 -37.79 -4.95 3.81
N ASP L 50 -38.98 -5.43 3.59
CA ASP L 50 -39.30 -6.53 2.72
C ASP L 50 -38.47 -7.79 2.99
N GLY L 51 -38.00 -7.99 4.21
CA GLY L 51 -37.33 -9.23 4.53
C GLY L 51 -35.88 -9.30 4.02
N LEU L 52 -35.38 -8.18 3.50
CA LEU L 52 -34.09 -8.16 2.85
C LEU L 52 -32.88 -8.45 3.70
N ILE L 53 -32.90 -8.09 4.98
CA ILE L 53 -31.70 -8.29 5.76
C ILE L 53 -31.36 -9.71 5.99
N CYS L 54 -32.35 -10.49 6.39
CA CYS L 54 -32.01 -11.85 6.69
C CYS L 54 -31.65 -12.62 5.46
N GLY L 55 -32.26 -12.28 4.33
CA GLY L 55 -31.84 -12.93 3.10
C GLY L 55 -30.41 -12.53 2.79
N LEU L 56 -30.09 -11.28 3.10
CA LEU L 56 -28.74 -10.78 2.93
C LEU L 56 -27.76 -11.47 3.82
N ARG L 57 -28.16 -11.77 5.06
CA ARG L 57 -27.24 -12.42 5.94
C ARG L 57 -26.94 -13.81 5.42
N GLN L 58 -27.95 -14.47 4.86
CA GLN L 58 -27.71 -15.76 4.25
C GLN L 58 -26.88 -15.66 3.03
N LEU L 59 -27.08 -14.60 2.27
CA LEU L 59 -26.28 -14.39 1.09
C LEU L 59 -24.84 -14.27 1.48
N ALA L 60 -24.59 -13.52 2.56
CA ALA L 60 -23.25 -13.37 3.06
C ALA L 60 -22.69 -14.66 3.55
N ASN L 61 -23.54 -15.47 4.17
CA ASN L 61 -23.09 -16.74 4.72
C ASN L 61 -22.67 -17.67 3.61
N GLU L 62 -23.48 -17.74 2.57
CA GLU L 62 -23.14 -18.53 1.42
C GLU L 62 -21.91 -17.97 0.72
N THR L 63 -21.87 -16.64 0.69
CA THR L 63 -20.77 -15.92 0.09
C THR L 63 -19.49 -16.13 0.82
N THR L 64 -19.53 -16.41 2.13
CA THR L 64 -18.23 -16.62 2.76
C THR L 64 -17.58 -17.87 2.22
N GLN L 65 -18.36 -18.81 1.70
CA GLN L 65 -17.71 -19.96 1.15
C GLN L 65 -17.23 -19.71 -0.22
N ALA L 66 -18.08 -19.12 -1.05
CA ALA L 66 -17.64 -18.88 -2.40
C ALA L 66 -16.50 -17.89 -2.46
N LEU L 67 -16.62 -16.84 -1.67
CA LEU L 67 -15.61 -15.82 -1.63
C LEU L 67 -14.32 -16.29 -1.08
N GLN L 68 -14.35 -17.00 0.04
CA GLN L 68 -13.11 -17.44 0.57
C GLN L 68 -12.41 -18.45 -0.28
N LEU L 69 -13.17 -19.30 -0.96
CA LEU L 69 -12.52 -20.24 -1.86
C LEU L 69 -11.80 -19.49 -2.94
N PHE L 70 -12.45 -18.44 -3.43
CA PHE L 70 -11.82 -17.56 -4.36
C PHE L 70 -10.62 -16.84 -3.80
N LEU L 71 -10.74 -16.39 -2.56
CA LEU L 71 -9.63 -15.70 -1.95
C LEU L 71 -8.45 -16.59 -1.82
N ARG L 72 -8.67 -17.87 -1.58
CA ARG L 72 -7.56 -18.79 -1.55
C ARG L 72 -6.90 -18.83 -2.93
N ALA L 73 -7.72 -18.78 -3.98
CA ALA L 73 -7.21 -18.75 -5.34
C ALA L 73 -6.54 -17.42 -5.76
N THR L 74 -6.80 -16.32 -5.04
CA THR L 74 -6.18 -15.04 -5.41
C THR L 74 -4.70 -14.99 -5.16
N THR L 75 -4.01 -14.12 -5.88
CA THR L 75 -2.61 -13.91 -5.60
C THR L 75 -2.33 -12.51 -5.02
N GLU L 76 -3.29 -11.58 -5.18
CA GLU L 76 -3.15 -10.25 -4.56
C GLU L 76 -3.23 -10.35 -3.05
N LEU L 77 -2.41 -9.58 -2.34
CA LEU L 77 -2.51 -9.59 -0.89
C LEU L 77 -3.78 -8.97 -0.30
N ARG L 78 -4.16 -7.79 -0.82
CA ARG L 78 -5.30 -7.09 -0.27
C ARG L 78 -6.57 -7.12 -1.09
N THR L 79 -6.55 -7.90 -2.17
CA THR L 79 -7.69 -8.10 -3.07
C THR L 79 -8.63 -6.89 -3.13
N PHE L 80 -8.11 -5.76 -3.62
CA PHE L 80 -8.86 -4.53 -3.72
C PHE L 80 -9.97 -4.54 -4.76
N SER L 81 -9.95 -5.54 -5.66
CA SER L 81 -10.91 -5.59 -6.73
C SER L 81 -11.54 -6.96 -6.85
N ILE L 82 -12.68 -6.98 -7.53
CA ILE L 82 -13.54 -8.15 -7.66
C ILE L 82 -14.78 -7.78 -8.45
N LEU L 83 -15.57 -6.86 -7.93
CA LEU L 83 -16.80 -6.43 -8.56
C LEU L 83 -16.57 -5.89 -9.95
N ASN L 84 -15.38 -5.35 -10.22
CA ASN L 84 -15.09 -4.86 -11.53
C ASN L 84 -15.06 -6.02 -12.49
N ARG L 85 -14.46 -7.11 -12.05
CA ARG L 85 -14.42 -8.31 -12.85
C ARG L 85 -15.81 -8.87 -13.01
N LYS L 86 -16.64 -8.73 -11.98
CA LYS L 86 -17.99 -9.18 -12.10
C LYS L 86 -18.74 -8.38 -13.15
N ALA L 87 -18.44 -7.08 -13.24
CA ALA L 87 -19.04 -6.26 -14.26
C ALA L 87 -18.58 -6.70 -15.62
N ILE L 88 -17.32 -7.13 -15.70
CA ILE L 88 -16.81 -7.61 -16.95
C ILE L 88 -17.53 -8.86 -17.36
N ASP L 89 -17.79 -9.74 -16.40
CA ASP L 89 -18.50 -10.94 -16.73
C ASP L 89 -19.97 -10.72 -16.93
N PHE L 90 -20.50 -9.62 -16.42
CA PHE L 90 -21.86 -9.32 -16.80
C PHE L 90 -21.91 -9.15 -18.28
N LEU L 91 -20.99 -8.35 -18.78
CA LEU L 91 -20.95 -8.11 -20.19
C LEU L 91 -20.55 -9.33 -21.00
N LEU L 92 -19.61 -10.11 -20.50
CA LEU L 92 -19.21 -11.27 -21.26
C LEU L 92 -20.31 -12.29 -21.34
N GLN L 93 -21.12 -12.38 -20.30
CA GLN L 93 -22.26 -13.26 -20.37
C GLN L 93 -23.36 -12.68 -21.24
N ARG L 94 -23.39 -11.36 -21.38
CA ARG L 94 -24.35 -10.73 -22.26
C ARG L 94 -23.92 -10.62 -23.70
N TRP L 95 -22.65 -10.84 -23.99
CA TRP L 95 -22.22 -10.59 -25.35
C TRP L 95 -21.42 -11.71 -26.01
N GLY L 96 -21.50 -11.70 -27.34
CA GLY L 96 -20.85 -12.66 -28.25
C GLY L 96 -21.74 -13.85 -28.64
N GLY L 97 -22.93 -13.95 -28.04
CA GLY L 97 -23.92 -14.92 -28.51
C GLY L 97 -24.44 -14.39 -29.84
N THR L 98 -25.01 -15.24 -30.70
CA THR L 98 -25.56 -14.65 -31.91
C THR L 98 -26.76 -13.81 -31.49
N CYS L 99 -26.97 -12.68 -32.14
CA CYS L 99 -28.08 -11.85 -31.70
C CYS L 99 -28.64 -10.85 -32.71
N HIS L 100 -29.54 -11.24 -33.62
CA HIS L 100 -30.15 -10.20 -34.43
C HIS L 100 -31.38 -9.72 -33.67
N ILE L 101 -32.45 -10.50 -33.79
CA ILE L 101 -33.67 -10.30 -33.02
C ILE L 101 -34.06 -11.60 -32.36
N LEU L 102 -34.01 -12.67 -33.15
CA LEU L 102 -34.41 -14.02 -32.75
C LEU L 102 -33.72 -14.58 -31.52
N GLY L 103 -32.42 -14.31 -31.37
CA GLY L 103 -31.74 -14.83 -30.19
C GLY L 103 -32.27 -14.14 -28.96
N PRO L 104 -32.22 -14.81 -27.81
CA PRO L 104 -32.70 -14.37 -26.50
C PRO L 104 -31.73 -13.41 -25.83
N ASP L 105 -31.39 -12.34 -26.53
CA ASP L 105 -30.44 -11.39 -26.00
C ASP L 105 -30.66 -10.01 -26.62
N CYS L 106 -29.87 -9.08 -26.14
CA CYS L 106 -29.77 -7.69 -26.57
C CYS L 106 -31.00 -6.83 -26.31
N CYS L 107 -31.95 -7.33 -25.50
CA CYS L 107 -33.12 -6.57 -25.07
C CYS L 107 -33.78 -5.90 -26.27
N ILE L 108 -34.09 -6.66 -27.30
CA ILE L 108 -34.57 -6.03 -28.51
C ILE L 108 -35.93 -5.37 -28.39
N GLU L 109 -35.97 -4.13 -28.87
CA GLU L 109 -37.13 -3.26 -28.98
C GLU L 109 -38.13 -3.78 -30.01
N PRO L 110 -39.43 -3.52 -29.88
CA PRO L 110 -40.49 -3.91 -30.81
C PRO L 110 -40.19 -3.28 -32.16
N HIS L 111 -40.63 -3.95 -33.24
CA HIS L 111 -40.27 -3.47 -34.56
C HIS L 111 -41.27 -2.56 -35.22
N ASP L 112 -40.78 -1.39 -35.61
CA ASP L 112 -41.52 -0.37 -36.34
C ASP L 112 -41.55 -0.66 -37.83
N TRP L 113 -42.35 0.12 -38.56
CA TRP L 113 -42.48 -0.01 -40.01
C TRP L 113 -43.57 0.92 -40.54
N GLU M 1 -35.75 -6.74 33.27
CA GLU M 1 -35.73 -6.57 31.83
C GLU M 1 -36.31 -5.25 31.35
N VAL M 2 -36.14 -4.99 30.06
CA VAL M 2 -36.69 -3.81 29.44
C VAL M 2 -38.20 -3.92 29.28
N GLN M 3 -38.90 -2.85 29.62
CA GLN M 3 -40.36 -2.77 29.57
C GLN M 3 -40.79 -1.40 29.11
N LEU M 4 -41.93 -1.32 28.45
CA LEU M 4 -42.45 -0.05 27.93
C LEU M 4 -43.49 0.54 28.88
N GLN M 5 -43.04 1.37 29.80
CA GLN M 5 -43.96 1.90 30.80
C GLN M 5 -44.95 2.89 30.23
N GLU M 6 -46.18 2.81 30.70
CA GLU M 6 -47.28 3.69 30.34
C GLU M 6 -48.29 3.78 31.47
N SER M 7 -49.01 4.90 31.49
CA SER M 7 -50.14 5.23 32.34
C SER M 7 -51.31 4.30 32.04
N GLY M 8 -52.29 4.24 32.93
CA GLY M 8 -53.45 3.37 32.75
C GLY M 8 -54.41 3.94 31.68
N PRO M 9 -55.61 3.39 31.58
CA PRO M 9 -56.70 3.74 30.66
C PRO M 9 -57.17 5.16 30.85
N GLU M 10 -57.71 5.73 29.78
CA GLU M 10 -58.15 7.11 29.82
C GLU M 10 -59.41 7.34 29.01
N LEU M 11 -60.19 8.33 29.43
CA LEU M 11 -61.42 8.66 28.74
C LEU M 11 -61.38 10.13 28.35
N GLU M 12 -61.80 10.43 27.14
CA GLU M 12 -61.74 11.79 26.65
C GLU M 12 -63.00 12.22 25.91
N MET M 13 -63.23 13.52 25.87
CA MET M 13 -64.32 14.08 25.10
C MET M 13 -64.02 13.89 23.62
N PRO M 14 -65.03 13.82 22.75
CA PRO M 14 -64.86 13.60 21.33
C PRO M 14 -64.04 14.71 20.69
N GLY M 15 -63.29 14.32 19.67
CA GLY M 15 -62.38 15.17 18.91
C GLY M 15 -61.04 15.33 19.65
N ALA M 16 -60.88 14.60 20.75
CA ALA M 16 -59.66 14.55 21.55
C ALA M 16 -58.46 14.04 20.82
N SER M 17 -57.31 14.49 21.28
CA SER M 17 -56.11 13.89 20.82
C SER M 17 -55.40 13.45 22.08
N VAL M 18 -54.63 12.37 22.01
CA VAL M 18 -53.96 11.89 23.21
C VAL M 18 -52.53 11.55 22.98
N LYS M 19 -51.62 12.12 23.74
CA LYS M 19 -50.24 11.78 23.46
C LYS M 19 -49.83 10.57 24.27
N ILE M 20 -49.91 9.44 23.60
CA ILE M 20 -49.54 8.13 24.11
C ILE M 20 -48.03 8.05 24.25
N SER M 21 -47.51 7.51 25.35
CA SER M 21 -46.07 7.39 25.36
C SER M 21 -45.58 6.19 26.10
N CYS M 22 -44.38 5.75 25.77
CA CYS M 22 -43.81 4.67 26.53
C CYS M 22 -42.38 4.87 26.86
N LYS M 23 -42.02 4.56 28.11
CA LYS M 23 -40.63 4.68 28.48
C LYS M 23 -40.01 3.33 28.76
N ALA M 24 -38.87 3.08 28.13
CA ALA M 24 -38.17 1.84 28.33
C ALA M 24 -37.70 1.69 29.78
N SER M 25 -37.71 0.46 30.28
CA SER M 25 -37.10 0.19 31.58
C SER M 25 -35.59 -0.11 31.42
N GLY M 26 -35.06 0.00 30.19
CA GLY M 26 -33.61 -0.14 29.98
C GLY M 26 -33.16 0.15 28.54
N SER M 27 -31.83 0.11 28.39
CA SER M 27 -31.06 0.50 27.20
C SER M 27 -31.34 -0.15 25.86
N SER M 28 -31.90 -1.34 25.84
CA SER M 28 -32.11 -2.04 24.57
C SER M 28 -32.98 -1.26 23.60
N PHE M 29 -33.79 -0.34 24.14
CA PHE M 29 -34.70 0.43 23.32
C PHE M 29 -33.98 1.26 22.26
N THR M 30 -32.70 1.57 22.46
CA THR M 30 -32.06 2.48 21.50
C THR M 30 -31.99 1.93 20.11
N GLY M 31 -31.96 0.61 19.95
CA GLY M 31 -31.99 0.05 18.62
C GLY M 31 -33.34 -0.51 18.24
N PHE M 32 -34.30 -0.41 19.14
CA PHE M 32 -35.58 -1.04 18.86
C PHE M 32 -36.44 -0.46 17.77
N SER M 33 -36.42 0.86 17.59
CA SER M 33 -37.28 1.47 16.57
C SER M 33 -38.69 0.89 16.64
N MET M 34 -39.34 1.01 17.81
CA MET M 34 -40.60 0.32 18.07
C MET M 34 -41.81 0.62 17.22
N ASN M 35 -42.55 -0.45 17.01
CA ASN M 35 -43.86 -0.53 16.38
C ASN M 35 -44.98 -0.04 17.26
N TRP M 36 -46.03 0.45 16.67
CA TRP M 36 -47.22 0.76 17.42
C TRP M 36 -48.33 -0.10 16.84
N VAL M 37 -49.16 -0.71 17.69
CA VAL M 37 -50.29 -1.51 17.21
C VAL M 37 -51.58 -1.18 17.99
N LYS M 38 -52.74 -1.54 17.44
CA LYS M 38 -54.02 -1.22 18.09
C LYS M 38 -55.03 -2.37 18.17
N GLN M 39 -55.81 -2.43 19.26
CA GLN M 39 -56.93 -3.38 19.33
C GLN M 39 -58.25 -2.67 19.47
N SER M 40 -58.85 -2.22 18.36
CA SER M 40 -60.11 -1.55 18.57
C SER M 40 -61.08 -2.53 19.11
N ASN M 41 -61.73 -2.14 20.19
CA ASN M 41 -62.78 -2.94 20.81
C ASN M 41 -62.37 -4.41 21.06
N GLY M 42 -61.11 -4.65 21.43
CA GLY M 42 -60.66 -6.01 21.75
C GLY M 42 -60.36 -6.88 20.50
N LYS M 43 -60.39 -6.27 19.32
CA LYS M 43 -60.13 -6.91 18.03
C LYS M 43 -58.69 -7.27 17.81
N SER M 44 -58.46 -8.21 16.89
CA SER M 44 -57.10 -8.62 16.56
C SER M 44 -56.33 -7.37 16.14
N LEU M 45 -55.04 -7.37 16.42
CA LEU M 45 -54.23 -6.17 16.24
C LEU M 45 -54.14 -5.58 14.85
N GLU M 46 -54.10 -4.26 14.85
CA GLU M 46 -53.89 -3.47 13.67
C GLU M 46 -52.53 -2.84 13.75
N TRP M 47 -51.70 -2.99 12.73
CA TRP M 47 -50.46 -2.27 12.83
C TRP M 47 -50.75 -0.79 12.72
N ILE M 48 -50.10 0.02 13.52
CA ILE M 48 -50.32 1.45 13.46
C ILE M 48 -49.17 2.24 12.89
N GLY M 49 -47.97 1.95 13.35
CA GLY M 49 -46.83 2.72 12.86
C GLY M 49 -45.52 2.31 13.48
N ASN M 50 -44.46 3.03 13.12
CA ASN M 50 -43.17 2.78 13.73
C ASN M 50 -42.39 4.08 13.93
N ILE M 51 -41.59 4.13 14.99
CA ILE M 51 -40.73 5.29 15.20
C ILE M 51 -39.30 4.83 15.43
N ASP M 52 -38.36 5.36 14.65
CA ASP M 52 -36.98 4.99 14.83
C ASP M 52 -36.47 5.49 16.16
N THR M 53 -35.78 4.63 16.90
CA THR M 53 -35.29 5.06 18.19
C THR M 53 -33.96 5.78 18.16
N TYR M 54 -33.31 5.88 17.01
CA TYR M 54 -32.12 6.69 16.98
C TYR M 54 -32.40 8.05 16.41
N TYR M 55 -33.11 8.08 15.27
CA TYR M 55 -33.37 9.35 14.62
C TYR M 55 -34.80 9.82 14.62
N GLY M 56 -35.72 9.01 15.12
CA GLY M 56 -37.09 9.46 15.16
C GLY M 56 -37.82 9.37 13.82
N GLY M 57 -37.23 8.72 12.80
CA GLY M 57 -37.92 8.64 11.52
C GLY M 57 -39.16 7.78 11.71
N THR M 58 -40.21 8.03 10.93
CA THR M 58 -41.39 7.24 11.17
C THR M 58 -42.08 6.71 9.94
N THR M 59 -42.92 5.72 10.19
CA THR M 59 -43.83 5.20 9.20
C THR M 59 -45.17 4.98 9.86
N TYR M 60 -46.21 4.84 9.07
CA TYR M 60 -47.54 4.66 9.63
C TYR M 60 -48.41 3.80 8.74
N ASN M 61 -49.48 3.28 9.30
CA ASN M 61 -50.46 2.55 8.53
C ASN M 61 -51.26 3.58 7.79
N GLN M 62 -51.27 3.52 6.47
CA GLN M 62 -51.95 4.55 5.68
C GLN M 62 -53.46 4.54 5.85
N LYS M 63 -54.01 3.47 6.41
CA LYS M 63 -55.42 3.37 6.68
C LYS M 63 -55.77 3.94 8.04
N PHE M 64 -54.75 4.29 8.81
CA PHE M 64 -54.97 4.87 10.11
C PHE M 64 -55.08 6.34 9.87
N LYS M 65 -56.29 6.78 9.55
CA LYS M 65 -56.46 8.15 9.15
C LYS M 65 -56.21 9.13 10.26
N GLY M 66 -55.58 10.23 9.85
CA GLY M 66 -55.12 11.31 10.70
C GLY M 66 -53.79 10.90 11.33
N LYS M 67 -53.28 9.73 10.91
CA LYS M 67 -52.05 9.14 11.37
C LYS M 67 -52.02 9.20 12.89
N ALA M 68 -50.90 9.63 13.42
CA ALA M 68 -50.73 9.94 14.80
C ALA M 68 -49.56 10.87 14.87
N THR M 69 -49.44 11.67 15.91
CA THR M 69 -48.19 12.41 15.96
C THR M 69 -47.18 11.38 16.33
N LEU M 70 -46.05 11.35 15.66
CA LEU M 70 -45.07 10.37 16.09
C LEU M 70 -43.77 11.05 16.42
N THR M 71 -43.33 10.94 17.67
CA THR M 71 -42.07 11.54 18.09
C THR M 71 -41.26 10.60 18.94
N VAL M 72 -40.00 10.92 19.12
CA VAL M 72 -39.17 10.13 20.01
C VAL M 72 -38.36 11.04 20.90
N ASP M 73 -38.06 10.57 22.08
CA ASP M 73 -37.17 11.28 22.97
C ASP M 73 -36.22 10.29 23.53
N LYS M 74 -35.18 9.99 22.74
CA LYS M 74 -34.20 9.00 23.12
C LYS M 74 -33.52 9.34 24.44
N SER M 75 -33.31 10.62 24.73
CA SER M 75 -32.70 10.98 26.01
C SER M 75 -33.58 10.61 27.21
N SER M 76 -34.89 10.56 27.00
CA SER M 76 -35.84 10.15 28.02
C SER M 76 -36.19 8.68 27.95
N SER M 77 -35.53 7.94 27.06
CA SER M 77 -35.84 6.54 26.80
C SER M 77 -37.31 6.38 26.48
N THR M 78 -37.88 7.37 25.78
CA THR M 78 -39.31 7.37 25.56
C THR M 78 -39.69 7.64 24.11
N ALA M 79 -40.88 7.21 23.72
CA ALA M 79 -41.38 7.47 22.38
C ALA M 79 -42.85 7.78 22.47
N TYR M 80 -43.36 8.52 21.48
CA TYR M 80 -44.71 9.01 21.60
C TYR M 80 -45.55 8.82 20.35
N MET M 81 -46.83 8.59 20.58
CA MET M 81 -47.81 8.52 19.53
C MET M 81 -48.96 9.41 19.92
N GLN M 82 -49.46 10.26 19.04
CA GLN M 82 -50.61 11.02 19.51
C GLN M 82 -51.83 10.66 18.72
N LEU M 83 -52.85 10.24 19.44
CA LEU M 83 -54.12 9.88 18.87
C LEU M 83 -54.76 11.13 18.39
N LYS M 84 -55.52 11.09 17.30
CA LYS M 84 -56.16 12.32 16.86
C LYS M 84 -57.63 12.15 16.49
N SER M 85 -58.40 13.23 16.64
CA SER M 85 -59.82 13.28 16.27
C SER M 85 -60.60 12.10 16.81
N LEU M 86 -60.41 11.79 18.09
CA LEU M 86 -61.01 10.61 18.66
C LEU M 86 -62.53 10.59 18.74
N THR M 87 -63.07 9.39 18.54
CA THR M 87 -64.49 9.13 18.64
C THR M 87 -64.67 7.88 19.46
N SER M 88 -65.88 7.61 19.95
CA SER M 88 -66.10 6.40 20.75
C SER M 88 -65.75 5.12 20.00
N GLU M 89 -65.85 5.17 18.67
CA GLU M 89 -65.52 4.04 17.82
C GLU M 89 -64.03 3.73 17.79
N ASP M 90 -63.23 4.68 18.27
CA ASP M 90 -61.81 4.52 18.35
C ASP M 90 -61.38 3.93 19.66
N SER M 91 -62.32 3.49 20.51
CA SER M 91 -61.82 2.98 21.75
C SER M 91 -60.96 1.78 21.42
N ALA M 92 -59.79 1.72 22.02
CA ALA M 92 -58.91 0.61 21.73
C ALA M 92 -57.87 0.40 22.75
N VAL M 93 -57.33 -0.81 22.80
CA VAL M 93 -56.18 -0.95 23.64
C VAL M 93 -55.05 -0.38 22.79
N TYR M 94 -54.23 0.49 23.35
CA TYR M 94 -53.16 1.08 22.54
C TYR M 94 -51.79 0.59 22.93
N TYR M 95 -51.11 -0.01 21.97
CA TYR M 95 -49.81 -0.62 22.18
C TYR M 95 -48.59 0.10 21.66
N CYS M 96 -47.60 0.21 22.53
CA CYS M 96 -46.25 0.63 22.14
C CYS M 96 -45.42 -0.62 21.79
N ALA M 97 -46.08 -1.80 21.78
CA ALA M 97 -45.43 -3.08 21.61
C ALA M 97 -44.63 -3.17 20.35
N ARG M 98 -43.53 -3.89 20.43
CA ARG M 98 -42.68 -3.99 19.28
C ARG M 98 -42.73 -5.33 18.63
N SER M 99 -43.21 -5.32 17.42
CA SER M 99 -43.32 -6.53 16.67
C SER M 99 -42.04 -6.69 15.86
N ALA M 100 -41.07 -7.34 16.48
CA ALA M 100 -39.78 -7.56 15.83
C ALA M 100 -39.91 -8.36 14.56
N TYR M 101 -39.09 -8.05 13.58
CA TYR M 101 -39.05 -8.88 12.38
C TYR M 101 -38.54 -10.27 12.70
N TYR M 102 -37.68 -10.37 13.73
CA TYR M 102 -37.06 -11.63 14.10
C TYR M 102 -36.98 -11.84 15.57
N GLY M 103 -36.83 -13.09 15.95
CA GLY M 103 -36.69 -13.49 17.34
C GLY M 103 -35.41 -12.97 18.00
N SER M 104 -34.45 -12.46 17.18
CA SER M 104 -33.23 -11.90 17.75
C SER M 104 -33.51 -10.75 18.70
N THR M 105 -34.61 -10.03 18.47
CA THR M 105 -34.99 -8.94 19.35
C THR M 105 -36.48 -8.99 19.65
N PHE M 106 -36.94 -8.34 20.72
CA PHE M 106 -38.38 -8.20 20.92
C PHE M 106 -38.72 -7.18 21.98
N ALA M 107 -39.88 -6.56 21.89
CA ALA M 107 -40.34 -5.78 23.01
C ALA M 107 -41.83 -5.77 22.97
N TYR M 108 -42.47 -5.57 24.09
CA TYR M 108 -43.90 -5.53 24.05
C TYR M 108 -44.45 -4.63 25.11
N TRP M 109 -45.70 -4.29 24.94
CA TRP M 109 -46.42 -3.43 25.82
C TRP M 109 -47.58 -4.15 26.44
N GLY M 110 -47.79 -3.91 27.74
CA GLY M 110 -48.90 -4.51 28.45
C GLY M 110 -49.28 -3.68 29.64
N GLN M 111 -49.31 -2.36 29.46
CA GLN M 111 -49.63 -1.47 30.56
C GLN M 111 -51.14 -1.33 30.78
N GLY M 112 -51.91 -1.89 29.86
CA GLY M 112 -53.36 -1.97 29.96
C GLY M 112 -54.12 -0.70 29.57
N THR M 113 -53.46 0.31 29.03
CA THR M 113 -54.21 1.49 28.63
C THR M 113 -55.14 1.21 27.48
N LEU M 114 -56.34 1.70 27.65
CA LEU M 114 -57.31 1.76 26.61
C LEU M 114 -57.82 3.16 26.60
N VAL M 115 -57.83 3.78 25.45
CA VAL M 115 -58.37 5.11 25.37
C VAL M 115 -59.78 4.99 24.89
N THR M 116 -60.68 5.69 25.54
CA THR M 116 -62.07 5.67 25.16
C THR M 116 -62.62 7.07 25.14
N VAL M 117 -63.79 7.23 24.55
CA VAL M 117 -64.37 8.55 24.39
C VAL M 117 -65.82 8.64 24.88
N SER M 118 -66.16 9.77 25.49
CA SER M 118 -67.50 10.02 25.99
C SER M 118 -67.70 11.48 26.38
N ASP N 1 -52.04 -3.85 0.68
CA ASP N 1 -51.64 -4.47 1.93
C ASP N 1 -51.85 -5.97 1.87
N ILE N 2 -50.94 -6.76 2.43
CA ILE N 2 -51.19 -8.18 2.42
C ILE N 2 -52.38 -8.42 3.33
N GLN N 3 -53.28 -9.28 2.87
CA GLN N 3 -54.44 -9.62 3.67
C GLN N 3 -54.15 -10.87 4.43
N MET N 4 -54.68 -10.99 5.65
CA MET N 4 -54.45 -12.22 6.38
C MET N 4 -55.69 -12.70 7.11
N THR N 5 -55.83 -14.02 7.21
CA THR N 5 -56.95 -14.62 7.92
C THR N 5 -56.54 -15.80 8.77
N GLN N 6 -57.40 -16.18 9.71
CA GLN N 6 -57.15 -17.37 10.52
C GLN N 6 -58.38 -18.20 10.74
N SER N 7 -58.16 -19.50 10.90
CA SER N 7 -59.25 -20.39 11.24
C SER N 7 -58.76 -21.60 12.04
N PRO N 8 -59.67 -22.30 12.73
CA PRO N 8 -61.08 -22.03 13.00
C PRO N 8 -61.15 -20.81 13.88
N ALA N 9 -62.27 -20.07 13.84
CA ALA N 9 -62.36 -18.85 14.67
C ALA N 9 -62.12 -19.16 16.15
N SER N 10 -62.45 -20.38 16.57
CA SER N 10 -62.09 -20.82 17.88
C SER N 10 -61.85 -22.30 17.80
N LEU N 11 -61.13 -22.85 18.76
CA LEU N 11 -60.86 -24.27 18.74
C LEU N 11 -61.00 -24.88 20.10
N SER N 12 -62.15 -25.48 20.37
CA SER N 12 -62.28 -26.14 21.65
C SER N 12 -61.39 -27.37 21.70
N ALA N 13 -60.80 -27.65 22.85
CA ALA N 13 -60.02 -28.86 23.01
C ALA N 13 -59.96 -29.32 24.44
N SER N 14 -59.85 -30.62 24.63
CA SER N 14 -59.63 -31.18 25.94
C SER N 14 -58.18 -30.91 26.29
N VAL N 15 -57.86 -30.85 27.56
CA VAL N 15 -56.47 -30.66 27.89
C VAL N 15 -55.68 -31.91 27.54
N GLY N 16 -54.53 -31.71 26.92
CA GLY N 16 -53.63 -32.75 26.46
C GLY N 16 -53.94 -33.18 25.03
N GLU N 17 -55.00 -32.62 24.45
CA GLU N 17 -55.32 -32.86 23.06
C GLU N 17 -54.30 -32.15 22.15
N THR N 18 -53.90 -32.77 21.06
CA THR N 18 -53.06 -32.05 20.12
C THR N 18 -53.93 -31.23 19.21
N VAL N 19 -53.58 -29.96 19.03
CA VAL N 19 -54.40 -29.10 18.21
C VAL N 19 -53.59 -28.36 17.16
N THR N 20 -54.27 -27.90 16.11
CA THR N 20 -53.58 -27.03 15.19
C THR N 20 -54.46 -25.87 14.77
N ILE N 21 -53.81 -24.83 14.29
CA ILE N 21 -54.46 -23.62 13.82
C ILE N 21 -53.90 -23.31 12.46
N THR N 22 -54.72 -22.81 11.54
CA THR N 22 -54.11 -22.52 10.26
C THR N 22 -54.42 -21.11 9.89
N CYS N 23 -53.64 -20.58 8.98
CA CYS N 23 -53.81 -19.20 8.62
C CYS N 23 -53.45 -19.03 7.17
N ARG N 24 -53.86 -17.93 6.58
CA ARG N 24 -53.56 -17.68 5.19
C ARG N 24 -53.26 -16.23 4.94
N ALA N 25 -52.59 -15.97 3.82
CA ALA N 25 -52.32 -14.60 3.46
C ALA N 25 -52.42 -14.40 1.96
N SER N 26 -52.76 -13.18 1.54
CA SER N 26 -52.94 -12.86 0.12
C SER N 26 -51.69 -13.00 -0.76
N GLU N 27 -50.50 -13.02 -0.18
CA GLU N 27 -49.30 -13.11 -1.01
C GLU N 27 -48.20 -13.95 -0.39
N ASN N 28 -47.41 -14.58 -1.25
CA ASN N 28 -46.29 -15.37 -0.81
C ASN N 28 -45.15 -14.43 -0.52
N ILE N 29 -44.74 -14.41 0.73
CA ILE N 29 -43.69 -13.51 1.16
C ILE N 29 -42.40 -14.20 1.51
N TYR N 30 -42.22 -15.42 1.01
CA TYR N 30 -41.01 -16.18 1.29
C TYR N 30 -40.84 -16.55 2.77
N SER N 31 -41.96 -16.80 3.43
CA SER N 31 -42.05 -17.29 4.81
C SER N 31 -41.65 -16.34 5.96
N TYR N 32 -41.90 -15.05 5.83
CA TYR N 32 -41.64 -14.16 6.96
C TYR N 32 -42.92 -14.08 7.74
N LEU N 33 -43.16 -15.12 8.51
CA LEU N 33 -44.41 -15.32 9.20
C LEU N 33 -44.27 -15.47 10.70
N ALA N 34 -45.29 -15.05 11.45
CA ALA N 34 -45.20 -15.19 12.89
C ALA N 34 -46.52 -15.47 13.54
N TRP N 35 -46.45 -16.00 14.75
CA TRP N 35 -47.63 -16.31 15.55
C TRP N 35 -47.51 -15.77 16.95
N TYR N 36 -48.66 -15.46 17.56
CA TYR N 36 -48.68 -14.96 18.94
C TYR N 36 -49.76 -15.62 19.78
N GLN N 37 -49.58 -15.56 21.11
CA GLN N 37 -50.57 -16.08 22.07
C GLN N 37 -50.81 -15.19 23.25
N GLN N 38 -52.06 -15.07 23.71
CA GLN N 38 -52.29 -14.39 24.97
C GLN N 38 -53.46 -14.91 25.79
N LYS N 39 -53.32 -14.74 27.09
CA LYS N 39 -54.40 -14.97 28.01
C LYS N 39 -55.27 -13.73 27.93
N GLN N 40 -56.56 -13.85 28.21
CA GLN N 40 -57.34 -12.64 28.14
C GLN N 40 -56.82 -11.67 29.19
N GLY N 41 -56.80 -10.40 28.83
CA GLY N 41 -56.29 -9.37 29.70
C GLY N 41 -54.76 -9.29 29.67
N LYS N 42 -54.13 -10.04 28.76
CA LYS N 42 -52.68 -10.04 28.68
C LYS N 42 -52.18 -9.75 27.28
N SER N 43 -50.97 -9.20 27.21
CA SER N 43 -50.30 -8.90 25.95
C SER N 43 -50.00 -10.19 25.20
N PRO N 44 -49.99 -10.16 23.86
CA PRO N 44 -49.65 -11.27 23.01
C PRO N 44 -48.20 -11.59 23.22
N GLN N 45 -47.86 -12.85 23.09
CA GLN N 45 -46.48 -13.23 23.23
C GLN N 45 -46.06 -13.80 21.94
N LEU N 46 -44.92 -13.40 21.43
CA LEU N 46 -44.53 -13.98 20.18
C LEU N 46 -44.22 -15.44 20.42
N LEU N 47 -44.77 -16.29 19.58
CA LEU N 47 -44.53 -17.70 19.66
C LEU N 47 -43.61 -18.19 18.60
N VAL N 48 -43.91 -17.69 17.41
CA VAL N 48 -43.27 -18.14 16.20
C VAL N 48 -42.78 -17.00 15.39
N TYR N 49 -41.68 -17.20 14.71
CA TYR N 49 -41.23 -16.21 13.76
C TYR N 49 -40.62 -16.95 12.59
N ASN N 50 -40.56 -16.27 11.46
CA ASN N 50 -39.99 -16.82 10.26
C ASN N 50 -40.67 -18.14 9.87
N ALA N 51 -42.00 -18.19 9.99
CA ALA N 51 -42.79 -19.35 9.61
C ALA N 51 -42.65 -20.49 10.60
N LYS N 52 -41.56 -21.22 10.43
CA LYS N 52 -41.30 -22.46 11.13
C LYS N 52 -40.46 -22.43 12.42
N THR N 53 -40.18 -21.27 13.02
CA THR N 53 -39.28 -21.34 14.19
C THR N 53 -39.86 -20.66 15.42
N LEU N 54 -39.29 -20.99 16.58
CA LEU N 54 -39.87 -20.52 17.84
C LEU N 54 -39.03 -19.58 18.66
N ILE N 55 -39.73 -18.68 19.33
CA ILE N 55 -39.18 -17.77 20.32
C ILE N 55 -38.69 -18.54 21.51
N GLU N 56 -37.54 -18.14 22.06
CA GLU N 56 -37.07 -18.87 23.20
C GLU N 56 -38.06 -18.76 24.35
N GLY N 57 -38.18 -19.86 25.05
CA GLY N 57 -39.08 -20.01 26.19
C GLY N 57 -40.44 -20.53 25.74
N VAL N 58 -40.64 -20.64 24.41
CA VAL N 58 -41.86 -21.25 23.91
C VAL N 58 -41.70 -22.75 24.10
N PRO N 59 -42.72 -23.45 24.60
CA PRO N 59 -42.71 -24.87 24.85
C PRO N 59 -42.51 -25.64 23.57
N SER N 60 -41.90 -26.81 23.72
CA SER N 60 -41.66 -27.75 22.63
C SER N 60 -42.96 -28.19 21.95
N ARG N 61 -44.07 -28.05 22.66
CA ARG N 61 -45.37 -28.42 22.15
C ARG N 61 -45.70 -27.68 20.87
N PHE N 62 -45.28 -26.42 20.83
CA PHE N 62 -45.53 -25.55 19.71
C PHE N 62 -44.73 -25.92 18.48
N SER N 63 -45.32 -25.76 17.31
CA SER N 63 -44.49 -25.87 16.12
C SER N 63 -44.96 -24.93 15.03
N GLY N 64 -44.00 -24.21 14.43
CA GLY N 64 -44.31 -23.38 13.27
C GLY N 64 -44.54 -24.27 12.06
N SER N 65 -45.31 -23.80 11.09
CA SER N 65 -45.46 -24.58 9.87
C SER N 65 -45.83 -23.77 8.65
N GLY N 66 -45.56 -24.32 7.48
CA GLY N 66 -45.99 -23.76 6.21
C GLY N 66 -45.06 -22.70 5.65
N SER N 67 -45.48 -22.14 4.52
CA SER N 67 -44.74 -21.07 3.86
C SER N 67 -45.64 -20.21 3.00
N GLY N 68 -45.17 -19.03 2.64
CA GLY N 68 -45.91 -18.23 1.68
C GLY N 68 -47.29 -17.86 2.19
N THR N 69 -48.29 -18.11 1.33
CA THR N 69 -49.68 -17.81 1.64
C THR N 69 -50.32 -18.81 2.58
N GLN N 70 -49.69 -19.95 2.83
CA GLN N 70 -50.34 -20.90 3.72
C GLN N 70 -49.46 -21.36 4.84
N PHE N 71 -49.98 -21.26 6.04
CA PHE N 71 -49.20 -21.64 7.18
C PHE N 71 -50.01 -22.10 8.37
N SER N 72 -49.36 -22.76 9.31
CA SER N 72 -50.09 -23.27 10.45
C SER N 72 -49.25 -23.35 11.73
N LEU N 73 -49.95 -23.50 12.84
CA LEU N 73 -49.36 -23.64 14.14
C LEU N 73 -49.87 -24.87 14.82
N LYS N 74 -49.01 -25.67 15.39
CA LYS N 74 -49.51 -26.82 16.09
C LYS N 74 -49.04 -26.86 17.50
N ILE N 75 -49.91 -27.28 18.41
CA ILE N 75 -49.51 -27.46 19.77
C ILE N 75 -49.77 -28.90 20.16
N ASN N 76 -48.70 -29.63 20.37
CA ASN N 76 -48.81 -31.01 20.78
C ASN N 76 -49.23 -31.04 22.23
N SER N 77 -50.16 -31.92 22.58
CA SER N 77 -50.55 -32.06 23.99
C SER N 77 -50.83 -30.73 24.69
N LEU N 78 -51.89 -30.03 24.27
CA LEU N 78 -52.19 -28.69 24.76
C LEU N 78 -52.40 -28.60 26.28
N GLN N 79 -51.85 -27.55 26.89
CA GLN N 79 -51.97 -27.40 28.34
C GLN N 79 -52.91 -26.25 28.69
N PRO N 80 -53.57 -26.28 29.86
CA PRO N 80 -54.59 -25.32 30.31
C PRO N 80 -54.11 -23.88 30.27
N GLU N 81 -52.82 -23.66 30.51
CA GLU N 81 -52.28 -22.32 30.41
C GLU N 81 -52.15 -21.84 28.97
N ASP N 82 -52.27 -22.74 28.01
CA ASP N 82 -52.15 -22.33 26.65
C ASP N 82 -53.45 -21.95 26.02
N PHE N 83 -54.56 -21.99 26.76
CA PHE N 83 -55.77 -21.59 26.08
C PHE N 83 -55.76 -20.09 25.97
N GLY N 84 -55.96 -19.57 24.77
CA GLY N 84 -55.95 -18.13 24.62
C GLY N 84 -56.15 -17.68 23.19
N SER N 85 -56.06 -16.37 23.00
CA SER N 85 -56.16 -15.76 21.67
C SER N 85 -54.89 -16.03 20.88
N TYR N 86 -55.03 -16.15 19.56
CA TYR N 86 -53.87 -16.33 18.71
C TYR N 86 -53.87 -15.42 17.54
N PHE N 87 -52.68 -15.13 17.05
CA PHE N 87 -52.50 -14.19 15.96
C PHE N 87 -51.49 -14.70 14.97
N CYS N 88 -51.53 -14.13 13.77
CA CYS N 88 -50.51 -14.43 12.76
C CYS N 88 -49.92 -13.10 12.36
N GLN N 89 -48.72 -13.06 11.82
CA GLN N 89 -48.26 -11.77 11.36
C GLN N 89 -47.33 -11.79 10.13
N HIS N 90 -47.40 -10.70 9.37
CA HIS N 90 -46.57 -10.42 8.23
C HIS N 90 -45.26 -9.72 8.59
N HIS N 91 -44.14 -10.39 8.36
CA HIS N 91 -42.81 -9.84 8.58
C HIS N 91 -42.03 -9.46 7.35
N PHE N 92 -42.69 -9.33 6.22
CA PHE N 92 -41.97 -9.01 5.02
C PHE N 92 -42.23 -7.57 4.71
N GLY N 93 -41.50 -6.68 5.38
CA GLY N 93 -41.75 -5.27 5.23
C GLY N 93 -42.97 -4.88 6.02
N THR N 94 -43.61 -3.79 5.59
CA THR N 94 -44.76 -3.26 6.30
C THR N 94 -45.91 -3.00 5.34
N PRO N 95 -47.12 -2.85 5.86
CA PRO N 95 -47.60 -2.96 7.24
C PRO N 95 -47.46 -4.37 7.75
N PHE N 96 -47.31 -4.53 9.06
CA PHE N 96 -47.20 -5.87 9.58
C PHE N 96 -48.59 -6.38 9.87
N THR N 97 -49.27 -6.82 8.81
CA THR N 97 -50.65 -7.30 8.91
C THR N 97 -50.75 -8.47 9.87
N PHE N 98 -51.85 -8.51 10.60
CA PHE N 98 -52.11 -9.61 11.51
C PHE N 98 -53.24 -10.49 11.02
N GLY N 99 -53.22 -11.74 11.46
CA GLY N 99 -54.28 -12.68 11.16
C GLY N 99 -55.56 -12.26 11.87
N SER N 100 -56.71 -12.72 11.36
CA SER N 100 -58.03 -12.39 11.91
C SER N 100 -58.21 -12.76 13.40
N GLY N 101 -57.43 -13.71 13.86
CA GLY N 101 -57.38 -14.18 15.23
C GLY N 101 -58.19 -15.44 15.46
N THR N 102 -57.73 -16.26 16.41
CA THR N 102 -58.47 -17.45 16.84
C THR N 102 -58.43 -17.56 18.36
N GLU N 103 -59.31 -18.37 18.94
CA GLU N 103 -59.14 -18.62 20.37
C GLU N 103 -59.44 -20.05 20.78
N LEU N 104 -58.58 -20.61 21.64
CA LEU N 104 -58.82 -21.93 22.21
C LEU N 104 -59.94 -21.95 23.22
N GLU N 105 -60.67 -23.06 23.29
CA GLU N 105 -61.73 -23.19 24.28
C GLU N 105 -61.55 -24.52 25.02
N ILE N 106 -61.90 -24.59 26.29
CA ILE N 106 -61.74 -25.85 27.03
C ILE N 106 -62.93 -26.81 26.88
N LYS N 107 -62.67 -28.06 26.51
CA LYS N 107 -63.73 -29.08 26.46
C LYS N 107 -64.05 -29.61 27.86
N ASP O 1 8.23 5.40 51.24
CA ASP O 1 8.28 6.82 51.52
C ASP O 1 7.77 7.14 52.92
N ILE O 2 6.62 6.59 53.26
CA ILE O 2 5.98 6.84 54.54
C ILE O 2 6.77 6.25 55.70
N VAL O 3 6.94 7.04 56.75
CA VAL O 3 7.71 6.61 57.90
C VAL O 3 7.04 5.51 58.69
N MET O 4 7.82 4.52 59.04
CA MET O 4 7.38 3.45 59.92
C MET O 4 8.36 3.35 61.07
N THR O 5 7.85 3.21 62.28
CA THR O 5 8.75 3.02 63.40
C THR O 5 8.24 1.95 64.32
N GLN O 6 9.11 1.44 65.18
CA GLN O 6 8.70 0.41 66.12
C GLN O 6 9.34 0.56 67.47
N SER O 7 8.66 0.07 68.49
CA SER O 7 9.27 0.09 69.80
C SER O 7 8.79 -1.06 70.68
N PRO O 8 9.54 -1.37 71.75
CA PRO O 8 10.87 -0.90 72.15
C PRO O 8 11.88 -1.35 71.13
N LEU O 9 12.98 -0.60 70.95
CA LEU O 9 13.99 -0.97 69.96
C LEU O 9 14.62 -2.31 70.28
N SER O 10 14.71 -2.62 71.56
CA SER O 10 15.11 -3.94 71.98
C SER O 10 14.46 -4.23 73.31
N LEU O 11 14.21 -5.51 73.58
CA LEU O 11 13.63 -5.85 74.87
C LEU O 11 14.35 -7.03 75.52
N SER O 12 14.80 -6.87 76.76
CA SER O 12 15.32 -8.03 77.47
C SER O 12 14.14 -8.90 77.81
N THR O 13 14.32 -10.20 77.86
CA THR O 13 13.17 -11.04 78.22
C THR O 13 13.48 -12.18 79.15
N SER O 14 12.40 -12.77 79.62
CA SER O 14 12.43 -13.97 80.43
C SER O 14 11.21 -14.81 80.01
N VAL O 15 11.23 -16.09 80.34
CA VAL O 15 10.15 -16.95 79.91
C VAL O 15 8.83 -16.61 80.58
N GLY O 16 7.76 -16.63 79.79
CA GLY O 16 6.42 -16.33 80.24
C GLY O 16 6.07 -14.85 80.10
N ASP O 17 7.02 -14.02 79.66
CA ASP O 17 6.74 -12.61 79.45
C ASP O 17 5.71 -12.35 78.38
N ARG O 18 4.81 -11.41 78.61
CA ARG O 18 3.93 -11.03 77.52
C ARG O 18 4.69 -9.96 76.77
N VAL O 19 5.17 -10.30 75.59
CA VAL O 19 5.91 -9.34 74.82
C VAL O 19 5.00 -8.32 74.27
N SER O 20 5.34 -7.05 74.31
CA SER O 20 4.52 -6.11 73.60
C SER O 20 5.38 -5.26 72.70
N LEU O 21 4.99 -5.22 71.43
CA LEU O 21 5.69 -4.44 70.42
C LEU O 21 4.72 -3.53 69.73
N THR O 22 5.19 -2.40 69.25
CA THR O 22 4.27 -1.58 68.48
C THR O 22 4.91 -1.10 67.22
N CYS O 23 4.04 -0.70 66.30
CA CYS O 23 4.42 -0.18 65.02
C CYS O 23 3.61 1.07 64.77
N LYS O 24 4.30 2.12 64.38
CA LYS O 24 3.62 3.38 64.14
C LYS O 24 3.91 3.91 62.77
N ALA O 25 2.89 4.41 62.12
CA ALA O 25 3.08 4.96 60.79
C ALA O 25 2.74 6.43 60.73
N SER O 26 3.49 7.16 59.92
CA SER O 26 3.19 8.56 59.64
C SER O 26 1.79 8.76 59.03
N GLN O 27 1.32 7.74 58.32
CA GLN O 27 0.07 7.83 57.57
C GLN O 27 -0.87 6.70 57.93
N ASN O 28 -2.13 6.89 57.62
CA ASN O 28 -3.13 5.92 58.02
C ASN O 28 -3.10 4.69 57.15
N VAL O 29 -2.43 3.67 57.69
CA VAL O 29 -2.32 2.36 57.06
C VAL O 29 -3.68 1.68 56.95
N GLY O 30 -4.55 1.90 57.92
CA GLY O 30 -5.93 1.43 57.79
C GLY O 30 -6.11 -0.05 58.07
N THR O 31 -5.07 -0.69 58.61
CA THR O 31 -4.92 -2.12 58.95
C THR O 31 -4.27 -2.91 57.84
N ALA O 32 -3.84 -2.27 56.75
CA ALA O 32 -3.11 -3.03 55.73
C ALA O 32 -1.65 -3.14 56.16
N VAL O 33 -1.41 -3.93 57.21
CA VAL O 33 -0.08 -4.05 57.77
C VAL O 33 0.26 -5.50 58.02
N ALA O 34 1.55 -5.78 57.93
CA ALA O 34 2.03 -7.11 58.22
C ALA O 34 3.10 -7.07 59.27
N TRP O 35 3.20 -8.13 60.04
CA TRP O 35 4.27 -8.25 61.02
C TRP O 35 5.12 -9.44 60.72
N TYR O 36 6.41 -9.37 61.04
CA TYR O 36 7.32 -10.47 60.71
C TYR O 36 8.30 -10.84 61.84
N GLN O 37 8.77 -12.10 61.81
CA GLN O 37 9.75 -12.63 62.75
C GLN O 37 11.00 -13.06 62.01
N GLN O 38 12.18 -12.69 62.50
CA GLN O 38 13.36 -13.13 61.80
C GLN O 38 14.53 -13.49 62.70
N LYS O 39 15.31 -14.42 62.23
CA LYS O 39 16.51 -14.84 62.92
C LYS O 39 17.59 -14.86 61.87
N PRO O 40 18.86 -14.75 62.24
CA PRO O 40 19.94 -14.75 61.29
C PRO O 40 19.88 -16.07 60.57
N GLY O 41 20.22 -16.06 59.30
CA GLY O 41 20.21 -17.25 58.50
C GLY O 41 18.79 -17.63 58.08
N GLN O 42 17.80 -16.76 58.32
CA GLN O 42 16.42 -17.12 58.02
C GLN O 42 15.59 -15.99 57.43
N SER O 43 14.58 -16.37 56.66
CA SER O 43 13.62 -15.42 56.13
C SER O 43 12.79 -14.87 57.30
N PRO O 44 12.28 -13.66 57.18
CA PRO O 44 11.46 -12.95 58.14
C PRO O 44 10.02 -13.42 58.11
N LYS O 45 9.74 -14.61 58.66
CA LYS O 45 8.40 -15.20 58.56
C LYS O 45 7.26 -14.30 59.00
N LEU O 46 6.17 -14.36 58.23
CA LEU O 46 5.00 -13.55 58.51
C LEU O 46 4.34 -13.96 59.80
N LEU O 47 4.03 -12.99 60.62
CA LEU O 47 3.35 -13.19 61.87
C LEU O 47 1.93 -12.72 61.87
N ILE O 48 1.70 -11.54 61.30
CA ILE O 48 0.37 -10.95 61.30
C ILE O 48 -0.09 -10.47 59.95
N TYR O 49 -1.34 -10.77 59.67
CA TYR O 49 -2.03 -10.41 58.46
C TYR O 49 -3.19 -9.45 58.73
N SER O 50 -3.18 -8.32 58.01
CA SER O 50 -4.24 -7.32 58.06
C SER O 50 -4.43 -6.75 59.47
N ALA O 51 -3.31 -6.51 60.15
CA ALA O 51 -3.27 -5.98 61.52
C ALA O 51 -3.99 -6.83 62.55
N SER O 52 -4.29 -8.09 62.27
CA SER O 52 -4.99 -8.81 63.31
C SER O 52 -4.84 -10.31 63.28
N ASN O 53 -5.03 -10.90 62.11
CA ASN O 53 -4.99 -12.33 62.05
C ASN O 53 -3.58 -12.80 62.18
N ARG O 54 -3.30 -13.75 63.05
CA ARG O 54 -1.96 -14.25 62.95
C ARG O 54 -1.91 -15.00 61.63
N TYR O 55 -0.78 -14.98 60.99
CA TYR O 55 -0.60 -15.73 59.76
C TYR O 55 -0.76 -17.22 60.03
N THR O 56 -1.33 -17.95 59.08
CA THR O 56 -1.52 -19.36 59.30
C THR O 56 -0.17 -20.03 59.53
N GLY O 57 -0.14 -20.93 60.49
CA GLY O 57 1.06 -21.64 60.90
C GLY O 57 1.94 -20.82 61.88
N VAL O 58 1.44 -19.66 62.30
CA VAL O 58 2.03 -18.90 63.38
C VAL O 58 1.50 -19.49 64.68
N PRO O 59 2.32 -19.73 65.70
CA PRO O 59 1.93 -20.26 66.98
C PRO O 59 1.00 -19.26 67.63
N ASP O 60 0.11 -19.74 68.47
CA ASP O 60 -0.92 -18.86 68.99
C ASP O 60 -0.49 -17.97 70.12
N ARG O 61 0.80 -18.01 70.45
CA ARG O 61 1.33 -17.05 71.39
C ARG O 61 1.20 -15.66 70.77
N PHE O 62 1.34 -15.58 69.44
CA PHE O 62 1.24 -14.30 68.79
C PHE O 62 -0.16 -13.76 68.73
N THR O 63 -0.28 -12.48 69.06
CA THR O 63 -1.52 -11.73 68.94
C THR O 63 -1.20 -10.37 68.33
N GLY O 64 -2.22 -9.64 67.89
CA GLY O 64 -1.93 -8.28 67.47
C GLY O 64 -3.20 -7.46 67.30
N SER O 65 -3.00 -6.17 67.09
CA SER O 65 -4.12 -5.25 67.04
C SER O 65 -3.84 -3.92 66.36
N GLY O 66 -4.90 -3.11 66.31
CA GLY O 66 -4.90 -1.73 65.87
C GLY O 66 -5.35 -1.46 64.45
N SER O 67 -5.46 -0.17 64.17
CA SER O 67 -5.94 0.38 62.92
C SER O 67 -5.34 1.75 62.70
N GLY O 68 -5.51 2.29 61.50
CA GLY O 68 -5.00 3.61 61.26
C GLY O 68 -3.50 3.59 61.28
N THR O 69 -2.91 4.48 62.06
CA THR O 69 -1.47 4.58 62.19
C THR O 69 -0.90 3.71 63.32
N ASP O 70 -1.76 3.12 64.15
CA ASP O 70 -1.24 2.40 65.32
C ASP O 70 -1.43 0.91 65.25
N PHE O 71 -0.36 0.14 65.49
CA PHE O 71 -0.51 -1.30 65.53
C PHE O 71 0.32 -1.95 66.62
N THR O 72 -0.10 -3.13 67.06
CA THR O 72 0.71 -3.84 68.02
C THR O 72 0.82 -5.32 67.73
N LEU O 73 1.84 -5.91 68.31
CA LEU O 73 2.03 -7.35 68.31
C LEU O 73 2.39 -7.79 69.70
N THR O 74 1.82 -8.88 70.17
CA THR O 74 2.30 -9.33 71.46
C THR O 74 2.55 -10.82 71.43
N ILE O 75 3.33 -11.29 72.40
CA ILE O 75 3.56 -12.72 72.51
C ILE O 75 3.16 -13.22 73.86
N SER O 76 2.09 -13.99 73.94
CA SER O 76 1.71 -14.57 75.21
C SER O 76 2.71 -15.61 75.61
N ASN O 77 3.00 -15.74 76.89
CA ASN O 77 3.83 -16.85 77.33
C ASN O 77 5.13 -16.96 76.57
N MET O 78 5.93 -15.88 76.48
CA MET O 78 7.08 -15.98 75.60
C MET O 78 8.03 -17.09 75.96
N GLN O 79 8.57 -17.71 74.92
CA GLN O 79 9.52 -18.79 75.05
C GLN O 79 10.86 -18.32 74.57
N SER O 80 11.95 -18.89 75.10
CA SER O 80 13.28 -18.48 74.66
C SER O 80 13.47 -18.68 73.14
N GLU O 81 12.73 -19.62 72.55
CA GLU O 81 12.77 -19.83 71.10
C GLU O 81 12.18 -18.65 70.32
N ASP O 82 11.49 -17.75 71.00
CA ASP O 82 10.90 -16.59 70.38
C ASP O 82 11.85 -15.42 70.32
N LEU O 83 13.12 -15.57 70.73
CA LEU O 83 13.91 -14.37 70.58
C LEU O 83 14.06 -14.17 69.11
N ALA O 84 13.76 -12.99 68.63
CA ALA O 84 13.92 -12.76 67.21
C ALA O 84 13.92 -11.30 66.88
N ASP O 85 14.41 -10.99 65.71
CA ASP O 85 14.23 -9.68 65.18
C ASP O 85 12.74 -9.57 64.81
N TYR O 86 12.09 -8.47 65.11
CA TYR O 86 10.70 -8.37 64.68
C TYR O 86 10.47 -7.13 63.89
N PHE O 87 9.55 -7.23 62.93
CA PHE O 87 9.31 -6.19 61.94
C PHE O 87 7.86 -5.98 61.62
N CYS O 88 7.58 -4.89 60.91
CA CYS O 88 6.24 -4.68 60.41
C CYS O 88 6.34 -4.05 59.02
N GLN O 89 5.25 -4.07 58.27
CA GLN O 89 5.27 -3.53 56.91
C GLN O 89 3.99 -2.88 56.49
N GLN O 90 4.11 -1.88 55.62
CA GLN O 90 2.94 -1.19 55.13
C GLN O 90 2.50 -1.62 53.77
N TYR O 91 1.29 -2.14 53.70
CA TYR O 91 0.72 -2.45 52.42
C TYR O 91 -0.35 -1.50 51.95
N SER O 92 -0.66 -0.46 52.72
CA SER O 92 -1.72 0.44 52.26
C SER O 92 -1.34 1.28 51.04
N SER O 93 -0.04 1.52 50.88
CA SER O 93 0.47 2.32 49.80
C SER O 93 1.89 1.95 49.49
N TYR O 94 2.44 2.44 48.40
CA TYR O 94 3.81 2.12 48.12
C TYR O 94 4.51 3.42 47.65
N PRO O 95 5.84 3.46 47.65
CA PRO O 95 6.83 2.42 47.86
C PRO O 95 6.67 1.76 49.19
N LEU O 96 7.03 0.49 49.25
CA LEU O 96 6.83 -0.26 50.46
C LEU O 96 7.67 0.27 51.58
N THR O 97 7.11 0.19 52.78
CA THR O 97 7.82 0.68 53.94
C THR O 97 7.76 -0.38 55.00
N PHE O 98 8.65 -0.30 55.96
CA PHE O 98 8.68 -1.27 57.02
C PHE O 98 9.22 -0.66 58.29
N GLY O 99 8.89 -1.25 59.42
CA GLY O 99 9.37 -0.75 60.69
C GLY O 99 10.86 -0.95 60.82
N ALA O 100 11.52 -0.12 61.63
CA ALA O 100 12.96 -0.25 61.81
C ALA O 100 13.37 -1.59 62.44
N GLY O 101 12.41 -2.25 63.07
CA GLY O 101 12.57 -3.54 63.67
C GLY O 101 12.94 -3.44 65.12
N THR O 102 12.88 -4.58 65.79
CA THR O 102 13.32 -4.70 67.17
C THR O 102 14.04 -5.99 67.39
N LYS O 103 14.80 -6.09 68.46
CA LYS O 103 15.37 -7.39 68.80
C LYS O 103 15.19 -7.72 70.26
N LEU O 104 15.04 -9.01 70.55
CA LEU O 104 14.91 -9.41 71.92
C LEU O 104 16.01 -10.36 72.32
N GLU O 105 16.47 -10.22 73.56
CA GLU O 105 17.47 -11.13 74.08
C GLU O 105 17.06 -11.53 75.48
N LEU O 106 17.08 -12.82 75.75
CA LEU O 106 16.75 -13.25 77.09
C LEU O 106 17.89 -12.85 77.99
N ARG O 107 17.57 -12.35 79.19
CA ARG O 107 18.52 -11.90 80.22
C ARG O 107 17.93 -10.75 81.03
N ASP P 1 3.23 -23.18 49.37
CA ASP P 1 4.30 -24.11 49.01
C ASP P 1 4.81 -23.88 47.60
N VAL P 2 5.76 -22.97 47.47
CA VAL P 2 6.35 -22.67 46.18
C VAL P 2 7.83 -22.70 46.32
N LYS P 3 8.51 -23.42 45.45
CA LYS P 3 9.95 -23.42 45.56
C LYS P 3 10.49 -22.27 44.77
N LEU P 4 10.37 -21.07 45.34
CA LEU P 4 10.94 -19.91 44.72
C LEU P 4 12.43 -20.09 44.86
N LEU P 5 13.19 -19.87 43.79
CA LEU P 5 14.62 -20.09 43.90
C LEU P 5 15.40 -18.87 43.56
N GLU P 6 16.39 -18.59 44.39
CA GLU P 6 17.30 -17.47 44.19
C GLU P 6 18.32 -17.65 43.11
N SER P 7 18.71 -16.56 42.47
CA SER P 7 19.89 -16.58 41.63
C SER P 7 20.54 -15.22 41.64
N GLY P 8 21.84 -15.18 41.48
CA GLY P 8 22.52 -13.90 41.46
C GLY P 8 24.02 -14.04 41.31
N GLY P 9 24.68 -12.90 41.32
CA GLY P 9 26.13 -12.81 41.23
C GLY P 9 26.89 -13.29 42.45
N GLY P 10 28.14 -13.65 42.20
CA GLY P 10 29.13 -14.01 43.21
C GLY P 10 29.83 -12.71 43.59
N LEU P 11 31.04 -12.81 44.14
CA LEU P 11 31.77 -11.59 44.43
C LEU P 11 32.04 -10.88 43.10
N VAL P 12 31.83 -9.57 43.05
CA VAL P 12 32.10 -8.81 41.82
C VAL P 12 32.90 -7.54 42.10
N GLN P 13 33.53 -6.97 41.10
CA GLN P 13 34.16 -5.70 41.35
C GLN P 13 33.08 -4.62 41.54
N PRO P 14 33.33 -3.63 42.39
CA PRO P 14 32.49 -2.47 42.62
C PRO P 14 32.48 -1.62 41.35
N GLY P 15 31.39 -0.89 41.13
CA GLY P 15 31.25 -0.06 39.94
C GLY P 15 30.85 -0.87 38.69
N GLY P 16 30.51 -2.13 38.90
CA GLY P 16 30.12 -3.06 37.84
C GLY P 16 28.62 -3.04 37.70
N SER P 17 28.05 -4.10 37.14
CA SER P 17 26.61 -4.20 37.14
C SER P 17 26.26 -5.67 37.37
N LEU P 18 25.07 -5.93 37.89
CA LEU P 18 24.70 -7.31 38.16
C LEU P 18 23.26 -7.66 37.81
N LYS P 19 23.06 -8.82 37.22
CA LYS P 19 21.71 -9.27 36.98
C LYS P 19 21.35 -10.36 37.98
N LEU P 20 20.15 -10.27 38.54
CA LEU P 20 19.65 -11.21 39.54
C LEU P 20 18.41 -11.89 39.02
N SER P 21 18.15 -13.12 39.44
CA SER P 21 16.92 -13.74 38.98
C SER P 21 16.33 -14.73 39.95
N CYS P 22 15.08 -15.06 39.74
CA CYS P 22 14.44 -16.09 40.52
C CYS P 22 13.45 -16.87 39.71
N ALA P 23 13.01 -17.98 40.26
CA ALA P 23 12.00 -18.76 39.59
C ALA P 23 11.11 -19.48 40.57
N ALA P 24 9.88 -19.73 40.17
CA ALA P 24 8.95 -20.41 41.06
C ALA P 24 8.81 -21.86 40.69
N SER P 25 9.76 -22.69 41.09
CA SER P 25 9.68 -24.09 40.70
C SER P 25 8.43 -24.80 41.20
N GLY P 26 7.89 -24.38 42.35
CA GLY P 26 6.67 -25.00 42.85
C GLY P 26 5.37 -24.40 42.31
N PHE P 27 5.45 -23.34 41.51
CA PHE P 27 4.22 -22.75 41.01
C PHE P 27 4.33 -22.08 39.65
N SER P 28 3.34 -22.33 38.80
CA SER P 28 3.26 -21.77 37.46
C SER P 28 3.27 -20.25 37.38
N LEU P 29 2.82 -19.60 38.46
CA LEU P 29 2.65 -18.14 38.51
C LEU P 29 1.60 -17.71 37.49
N SER P 30 0.74 -18.65 37.07
CA SER P 30 -0.28 -18.37 36.08
C SER P 30 -1.54 -17.78 36.63
N THR P 31 -1.72 -17.80 37.94
CA THR P 31 -2.92 -17.20 38.46
C THR P 31 -2.89 -15.71 38.19
N SER P 32 -4.02 -15.15 37.82
CA SER P 32 -3.98 -13.72 37.64
C SER P 32 -3.75 -13.08 38.98
N GLY P 33 -3.06 -11.97 38.97
CA GLY P 33 -2.79 -11.27 40.20
C GLY P 33 -1.65 -11.87 40.98
N VAL P 34 -0.91 -12.83 40.42
CA VAL P 34 0.23 -13.28 41.20
C VAL P 34 1.20 -12.13 41.25
N GLY P 35 1.72 -11.90 42.43
CA GLY P 35 2.71 -10.87 42.58
C GLY P 35 3.94 -11.47 43.18
N VAL P 36 5.07 -11.05 42.64
CA VAL P 36 6.37 -11.45 43.12
C VAL P 36 7.18 -10.19 43.29
N GLY P 37 8.28 -10.24 43.99
CA GLY P 37 9.03 -9.03 44.14
C GLY P 37 10.34 -9.24 44.83
N TRP P 38 11.06 -8.16 45.00
CA TRP P 38 12.37 -8.23 45.58
C TRP P 38 12.54 -7.26 46.70
N PHE P 39 13.39 -7.64 47.64
CA PHE P 39 13.79 -6.76 48.71
C PHE P 39 15.19 -7.16 49.14
N ARG P 40 15.87 -6.30 49.88
CA ARG P 40 17.20 -6.68 50.34
C ARG P 40 17.44 -6.19 51.74
N GLN P 41 18.36 -6.87 52.40
CA GLN P 41 18.73 -6.54 53.77
C GLN P 41 20.24 -6.47 53.90
N PRO P 42 20.85 -5.34 53.58
CA PRO P 42 22.27 -5.10 53.73
C PRO P 42 22.60 -5.15 55.18
N SER P 43 23.77 -5.61 55.56
CA SER P 43 24.23 -5.49 56.95
C SER P 43 23.25 -5.88 58.07
N GLY P 44 22.32 -6.81 57.84
CA GLY P 44 21.36 -7.15 58.90
C GLY P 44 20.20 -6.14 59.03
N LYS P 45 20.11 -5.21 58.08
CA LYS P 45 19.10 -4.17 57.95
C LYS P 45 17.74 -4.72 57.64
N GLY P 46 16.74 -3.90 57.90
CA GLY P 46 15.36 -4.26 57.65
C GLY P 46 15.10 -4.40 56.15
N LEU P 47 13.86 -4.75 55.82
CA LEU P 47 13.45 -5.20 54.50
C LEU P 47 13.43 -4.09 53.45
N GLU P 48 14.61 -3.66 52.98
CA GLU P 48 14.60 -2.59 51.99
C GLU P 48 13.87 -3.07 50.76
N TRP P 49 12.93 -2.28 50.28
CA TRP P 49 12.22 -2.67 49.09
C TRP P 49 13.07 -2.57 47.84
N LEU P 50 12.95 -3.52 46.93
CA LEU P 50 13.59 -3.34 45.65
C LEU P 50 12.59 -3.24 44.48
N ALA P 51 11.70 -4.23 44.37
CA ALA P 51 10.79 -4.23 43.24
C ALA P 51 9.50 -5.03 43.43
N LEU P 52 8.48 -4.70 42.66
CA LEU P 52 7.28 -5.54 42.61
C LEU P 52 6.95 -5.87 41.17
N ILE P 53 6.59 -7.11 40.95
CA ILE P 53 6.27 -7.59 39.62
C ILE P 53 4.95 -8.31 39.62
N TRP P 54 4.08 -7.97 38.71
CA TRP P 54 2.84 -8.70 38.61
C TRP P 54 2.76 -9.42 37.32
N TRP P 55 2.19 -10.60 37.39
CA TRP P 55 1.93 -11.44 36.23
C TRP P 55 0.80 -10.86 35.37
N ASP P 56 0.15 -9.83 35.92
CA ASP P 56 -0.83 -8.99 35.25
C ASP P 56 -0.15 -7.87 34.45
N ASP P 57 1.19 -7.93 34.33
CA ASP P 57 2.03 -6.95 33.65
C ASP P 57 2.09 -5.62 34.36
N ASP P 58 2.35 -5.67 35.66
CA ASP P 58 2.52 -4.44 36.42
C ASP P 58 3.90 -4.45 37.05
N LYS P 59 4.62 -3.34 36.98
CA LYS P 59 5.95 -3.33 37.60
C LYS P 59 6.12 -2.13 38.51
N TYR P 60 6.84 -2.32 39.60
CA TYR P 60 7.10 -1.22 40.51
C TYR P 60 8.53 -1.29 40.99
N TYR P 61 9.10 -0.14 41.34
CA TYR P 61 10.48 -0.10 41.79
C TYR P 61 10.64 0.77 42.98
N ASN P 62 11.68 0.51 43.76
CA ASN P 62 12.01 1.43 44.84
C ASN P 62 12.71 2.58 44.16
N PRO P 63 12.10 3.78 44.13
CA PRO P 63 12.54 4.96 43.41
C PRO P 63 13.97 5.38 43.74
N SER P 64 14.42 5.08 44.96
CA SER P 64 15.79 5.46 45.29
C SER P 64 16.83 4.65 44.53
N LEU P 65 16.48 3.41 44.18
CA LEU P 65 17.36 2.55 43.40
C LEU P 65 16.92 2.40 41.98
N LYS P 66 15.71 2.89 41.68
CA LYS P 66 15.10 2.73 40.37
C LYS P 66 15.93 3.24 39.22
N SER P 67 16.71 4.29 39.44
CA SER P 67 17.54 4.79 38.37
C SER P 67 18.57 3.78 37.85
N GLN P 68 18.98 2.84 38.70
CA GLN P 68 19.91 1.81 38.27
C GLN P 68 19.27 0.43 38.26
N LEU P 69 17.95 0.35 38.28
CA LEU P 69 17.32 -0.96 38.38
C LEU P 69 16.29 -1.25 37.30
N SER P 70 16.35 -2.45 36.71
CA SER P 70 15.34 -2.83 35.74
C SER P 70 14.71 -4.20 36.01
N ILE P 71 13.39 -4.27 35.87
CA ILE P 71 12.62 -5.51 36.01
C ILE P 71 12.35 -6.26 34.73
N SER P 72 12.54 -7.57 34.75
CA SER P 72 12.17 -8.39 33.61
C SER P 72 11.55 -9.69 34.08
N LYS P 73 10.74 -10.30 33.23
CA LYS P 73 10.10 -11.56 33.59
C LYS P 73 9.98 -12.49 32.40
N ASP P 74 9.78 -13.77 32.66
CA ASP P 74 9.56 -14.75 31.60
C ASP P 74 8.59 -15.80 32.05
N PHE P 75 7.31 -15.59 31.72
CA PHE P 75 6.27 -16.50 32.14
C PHE P 75 6.42 -17.92 31.67
N SER P 76 6.96 -18.13 30.47
CA SER P 76 7.13 -19.50 30.01
C SER P 76 8.04 -20.32 30.92
N ARG P 77 8.94 -19.66 31.64
CA ARG P 77 9.84 -20.34 32.56
C ARG P 77 9.59 -20.00 34.04
N ASN P 78 8.50 -19.30 34.34
CA ASN P 78 8.22 -18.83 35.70
C ASN P 78 9.37 -18.01 36.26
N GLN P 79 9.92 -17.09 35.46
CA GLN P 79 11.11 -16.33 35.86
C GLN P 79 10.88 -14.87 36.17
N VAL P 80 11.67 -14.35 37.10
CA VAL P 80 11.67 -12.91 37.34
C VAL P 80 13.13 -12.47 37.40
N PHE P 81 13.41 -11.25 36.95
CA PHE P 81 14.79 -10.80 36.92
C PHE P 81 14.95 -9.35 37.33
N LEU P 82 16.14 -9.03 37.83
CA LEU P 82 16.51 -7.65 38.03
C LEU P 82 17.82 -7.34 37.36
N LYS P 83 17.96 -6.18 36.76
CA LYS P 83 19.26 -5.80 36.30
C LYS P 83 19.68 -4.59 37.10
N ILE P 84 20.85 -4.65 37.69
CA ILE P 84 21.31 -3.54 38.48
C ILE P 84 22.53 -2.88 37.88
N SER P 85 22.33 -1.68 37.35
CA SER P 85 23.42 -0.87 36.84
C SER P 85 24.26 -0.39 38.00
N ASN P 86 25.55 -0.17 37.78
CA ASN P 86 26.36 0.44 38.82
C ASN P 86 26.38 -0.26 40.17
N VAL P 87 26.56 -1.56 40.19
CA VAL P 87 26.66 -2.22 41.47
C VAL P 87 27.96 -1.82 42.14
N ASP P 88 27.87 -1.48 43.41
CA ASP P 88 29.08 -1.13 44.15
C ASP P 88 28.93 -1.54 45.60
N ILE P 89 29.87 -1.14 46.45
CA ILE P 89 29.83 -1.54 47.85
C ILE P 89 28.56 -1.17 48.60
N ALA P 90 27.89 -0.09 48.19
CA ALA P 90 26.65 0.29 48.85
C ALA P 90 25.53 -0.69 48.53
N ASP P 91 25.71 -1.47 47.47
CA ASP P 91 24.72 -2.44 47.07
C ASP P 91 24.99 -3.83 47.63
N THR P 92 25.99 -3.99 48.50
CA THR P 92 26.15 -5.34 48.96
C THR P 92 25.05 -5.60 49.94
N ALA P 93 24.39 -6.74 49.81
CA ALA P 93 23.30 -7.03 50.71
C ALA P 93 22.90 -8.46 50.71
N THR P 94 22.16 -8.88 51.72
CA THR P 94 21.48 -10.14 51.52
C THR P 94 20.30 -9.76 50.62
N TYR P 95 19.77 -10.69 49.85
CA TYR P 95 18.66 -10.41 48.96
C TYR P 95 17.60 -11.49 48.98
N TYR P 96 16.36 -11.10 48.77
CA TYR P 96 15.30 -12.08 48.63
C TYR P 96 14.31 -11.79 47.54
N CYS P 97 13.83 -12.88 46.98
CA CYS P 97 12.67 -12.83 46.13
C CYS P 97 11.46 -13.04 47.03
N ALA P 98 10.30 -12.57 46.61
CA ALA P 98 9.13 -12.73 47.44
C ALA P 98 7.87 -12.91 46.61
N ARG P 99 6.85 -13.47 47.24
CA ARG P 99 5.57 -13.77 46.61
C ARG P 99 4.42 -13.53 47.57
N ARG P 100 3.24 -13.22 47.04
CA ARG P 100 2.09 -13.05 47.92
C ARG P 100 1.85 -14.36 48.67
N ASP P 101 1.51 -14.29 49.96
CA ASP P 101 1.36 -15.49 50.76
C ASP P 101 -0.10 -15.84 51.13
N PRO P 102 -0.87 -14.94 51.78
CA PRO P 102 -2.32 -15.10 51.88
C PRO P 102 -2.92 -15.02 50.49
N PHE P 103 -2.20 -14.31 49.62
CA PHE P 103 -2.42 -14.25 48.20
C PHE P 103 -3.65 -13.54 47.68
N GLY P 104 -3.47 -12.33 47.20
CA GLY P 104 -4.54 -11.64 46.50
C GLY P 104 -5.42 -10.76 47.37
N TYR P 105 -5.19 -10.73 48.67
CA TYR P 105 -5.94 -9.77 49.46
C TYR P 105 -4.97 -9.12 50.44
N ASP P 106 -4.92 -7.80 50.44
CA ASP P 106 -4.01 -7.00 51.26
C ASP P 106 -2.55 -7.35 51.03
N ASN P 107 -2.20 -7.70 49.79
CA ASN P 107 -0.81 -7.99 49.43
C ASN P 107 -0.27 -9.19 50.17
N ALA P 108 0.31 -8.95 51.34
CA ALA P 108 0.84 -10.00 52.21
C ALA P 108 1.94 -10.82 51.55
N MET P 109 2.98 -10.14 51.07
CA MET P 109 4.10 -10.75 50.35
C MET P 109 5.43 -10.38 51.04
N GLY P 110 5.52 -10.81 52.29
CA GLY P 110 5.03 -12.17 52.58
C GLY P 110 5.98 -13.21 52.02
N TYR P 111 5.50 -14.19 51.27
CA TYR P 111 6.26 -15.42 50.97
C TYR P 111 7.66 -15.18 50.43
N TRP P 112 8.62 -16.02 50.86
CA TRP P 112 10.03 -15.80 50.52
C TRP P 112 10.74 -16.81 49.67
N GLY P 113 11.72 -16.29 48.94
CA GLY P 113 12.69 -17.07 48.20
C GLY P 113 13.69 -17.63 49.20
N GLN P 114 14.63 -18.41 48.71
CA GLN P 114 15.64 -19.06 49.55
C GLN P 114 16.55 -18.11 50.33
N GLY P 115 16.79 -16.94 49.77
CA GLY P 115 17.71 -15.92 50.28
C GLY P 115 19.06 -16.08 49.54
N THR P 116 19.60 -14.97 49.08
CA THR P 116 20.90 -14.90 48.40
C THR P 116 21.67 -13.71 48.87
N SER P 117 22.92 -13.58 48.47
CA SER P 117 23.61 -12.35 48.84
C SER P 117 24.55 -11.90 47.74
N VAL P 118 24.89 -10.62 47.77
CA VAL P 118 25.84 -10.06 46.81
C VAL P 118 26.88 -9.23 47.51
N THR P 119 28.13 -9.44 47.15
CA THR P 119 29.24 -8.69 47.72
C THR P 119 30.18 -8.19 46.63
N VAL P 120 31.03 -7.20 46.97
CA VAL P 120 31.98 -6.70 46.00
C VAL P 120 33.39 -6.65 46.59
N SER P 121 34.39 -6.55 45.72
CA SER P 121 35.79 -6.46 46.18
C SER P 121 36.74 -6.03 45.07
C1 NAG Q . 12.69 -17.81 -26.92
C2 NAG Q . 13.86 -17.03 -26.34
C3 NAG Q . 14.97 -16.76 -27.36
C4 NAG Q . 15.32 -18.03 -28.11
C5 NAG Q . 14.04 -18.58 -28.73
C6 NAG Q . 14.31 -19.80 -29.60
C7 NAG Q . 13.88 -15.38 -24.60
C8 NAG Q . 13.09 -14.32 -23.90
N2 NAG Q . 13.40 -15.78 -25.77
O3 NAG Q . 16.13 -16.26 -26.70
O4 NAG Q . 16.32 -17.83 -29.12
O5 NAG Q . 13.24 -18.94 -27.62
O6 NAG Q . 13.19 -20.68 -29.51
O7 NAG Q . 14.89 -15.87 -24.11
C1 NAG Q . 17.62 -17.89 -28.49
C2 NAG Q . 18.55 -18.71 -29.37
C3 NAG Q . 19.85 -18.94 -28.61
C4 NAG Q . 20.44 -17.60 -28.22
C5 NAG Q . 19.41 -16.69 -27.56
C6 NAG Q . 19.98 -15.28 -27.40
C7 NAG Q . 16.95 -19.98 -30.65
C8 NAG Q . 16.54 -21.34 -31.14
N2 NAG Q . 17.93 -19.97 -29.74
O3 NAG Q . 20.77 -19.63 -29.46
O4 NAG Q . 21.52 -17.81 -27.32
O5 NAG Q . 18.21 -16.62 -28.32
O6 NAG Q . 20.70 -14.94 -28.60
O7 NAG Q . 16.44 -18.95 -31.05
C1 BMA Q . 22.69 -17.25 -27.95
C2 BMA Q . 23.53 -16.47 -26.95
C3 BMA Q . 24.77 -15.88 -27.62
C4 BMA Q . 25.47 -16.90 -28.50
C5 BMA Q . 24.50 -17.61 -29.42
C6 BMA Q . 25.21 -18.69 -30.23
O2 BMA Q . 23.93 -17.33 -25.88
O3 BMA Q . 25.67 -15.42 -26.60
O4 BMA Q . 26.46 -16.24 -29.29
O5 BMA Q . 23.48 -18.22 -28.63
O6 BMA Q . 25.60 -19.75 -29.36
C1 MAN Q . 26.14 -14.12 -27.00
C2 MAN Q . 27.42 -13.78 -26.24
C3 MAN Q . 27.14 -13.61 -24.76
C4 MAN Q . 25.94 -12.70 -24.53
C5 MAN Q . 24.77 -13.07 -25.42
C6 MAN Q . 23.63 -12.08 -25.27
O2 MAN Q . 27.96 -12.56 -26.76
O3 MAN Q . 28.29 -13.05 -24.12
O4 MAN Q . 25.55 -12.78 -23.15
O5 MAN Q . 25.18 -13.10 -26.77
O6 MAN Q . 23.37 -11.48 -26.54
C1 MAN Q . 26.11 -20.80 -30.18
C2 MAN Q . 25.92 -22.15 -29.51
C3 MAN Q . 26.86 -22.30 -28.32
C4 MAN Q . 28.29 -21.94 -28.71
C5 MAN Q . 28.33 -20.58 -29.39
C6 MAN Q . 29.75 -20.23 -29.83
O2 MAN Q . 26.19 -23.19 -30.46
O3 MAN Q . 26.82 -23.66 -27.86
O4 MAN Q . 29.11 -21.92 -27.54
O5 MAN Q . 27.49 -20.61 -30.54
O6 MAN Q . 29.72 -19.77 -31.18
C1 NAG R . 29.60 29.63 -11.44
C2 NAG R . 28.84 28.32 -11.63
C3 NAG R . 29.70 27.06 -11.43
C4 NAG R . 31.03 27.16 -12.17
C5 NAG R . 31.70 28.50 -11.85
C6 NAG R . 32.96 28.75 -12.65
C7 NAG R . 26.50 27.79 -11.05
C8 NAG R . 25.53 27.63 -9.91
N2 NAG R . 27.71 28.29 -10.72
O3 NAG R . 28.99 25.91 -11.91
O4 NAG R . 31.88 26.12 -11.71
O5 NAG R . 30.82 29.58 -12.19
O6 NAG R . 33.57 29.97 -12.25
O7 NAG R . 26.21 27.46 -12.20
C1 NAG R . 32.02 25.12 -12.74
C2 NAG R . 33.45 24.61 -12.77
C3 NAG R . 33.62 23.55 -13.83
C4 NAG R . 32.60 22.45 -13.60
C5 NAG R . 31.20 23.03 -13.55
C6 NAG R . 30.17 21.93 -13.25
C7 NAG R . 34.77 26.51 -12.03
C8 NAG R . 35.98 27.35 -12.34
N2 NAG R . 34.36 25.71 -13.01
O3 NAG R . 34.95 23.00 -13.77
O4 NAG R . 32.68 21.48 -14.67
O5 NAG R . 31.10 24.04 -12.55
O6 NAG R . 30.33 21.49 -11.90
O7 NAG R . 34.21 26.56 -10.95
C1 NAG S . -7.47 25.64 -10.92
C2 NAG S . -7.16 25.73 -9.42
C3 NAG S . -7.87 26.90 -8.74
C4 NAG S . -7.68 28.18 -9.55
C5 NAG S . -8.18 27.91 -10.95
C6 NAG S . -8.16 29.16 -11.82
C7 NAG S . -6.66 23.99 -7.86
C8 NAG S . -6.88 22.55 -7.50
N2 NAG S . -7.50 24.49 -8.75
O3 NAG S . -7.33 27.09 -7.43
O4 NAG S . -8.35 29.30 -8.98
O5 NAG S . -7.29 26.94 -11.47
O6 NAG S . -7.85 28.78 -13.17
O7 NAG S . -5.78 24.66 -7.36
C1 NAG S . -7.52 29.88 -7.97
C2 NAG S . -7.56 31.40 -8.09
C3 NAG S . -6.52 31.99 -7.16
C4 NAG S . -6.80 31.51 -5.74
C5 NAG S . -7.02 30.00 -5.66
C6 NAG S . -7.53 29.61 -4.29
C7 NAG S . -8.26 31.62 -10.38
C8 NAG S . -8.00 32.27 -11.71
N2 NAG S . -7.32 31.79 -9.46
O3 NAG S . -6.60 33.40 -7.20
O4 NAG S . -5.70 31.86 -4.90
O5 NAG S . -7.94 29.56 -6.64
O6 NAG S . -8.50 30.57 -3.86
O7 NAG S . -9.26 30.97 -10.16
C1 BMA S . -6.25 32.73 -3.88
C2 BMA S . -5.68 32.38 -2.52
C3 BMA S . -6.24 33.28 -1.43
C4 BMA S . -6.22 34.75 -1.85
C5 BMA S . -6.80 34.93 -3.25
C6 BMA S . -6.68 36.39 -3.68
O2 BMA S . -4.25 32.50 -2.54
O3 BMA S . -5.47 33.13 -0.23
O4 BMA S . -6.99 35.52 -0.92
O5 BMA S . -6.06 34.11 -4.15
O6 BMA S . -5.31 36.71 -3.92
C1 MAN S . -6.39 33.03 0.87
C2 MAN S . -5.67 33.32 2.17
C3 MAN S . -4.63 32.23 2.48
C4 MAN S . -5.23 30.84 2.33
C5 MAN S . -6.01 30.71 1.03
C6 MAN S . -6.72 29.36 0.95
O2 MAN S . -6.62 33.37 3.24
O3 MAN S . -4.15 32.41 3.82
O4 MAN S . -4.18 29.88 2.35
O5 MAN S . -7.00 31.74 0.95
O6 MAN S . -8.12 29.57 0.84
C1 MAN S . -5.28 38.02 -4.48
C2 MAN S . -4.04 38.20 -5.36
C3 MAN S . -2.78 38.27 -4.49
C4 MAN S . -2.95 39.27 -3.37
C5 MAN S . -4.24 39.00 -2.60
C6 MAN S . -4.44 40.03 -1.49
O2 MAN S . -4.17 39.40 -6.11
O3 MAN S . -1.68 38.66 -5.31
O4 MAN S . -1.83 39.20 -2.47
O5 MAN S . -5.35 39.05 -3.49
O6 MAN S . -5.79 40.52 -1.54
C1 NAG T . -23.27 -18.22 8.54
C2 NAG T . -22.05 -18.86 9.20
C3 NAG T . -22.32 -20.29 9.68
C4 NAG T . -23.62 -20.35 10.46
C5 NAG T . -24.72 -19.80 9.56
C6 NAG T . -26.09 -19.93 10.21
C7 NAG T . -19.71 -18.50 8.78
C8 NAG T . -18.69 -18.12 7.76
N2 NAG T . -20.91 -18.83 8.31
O3 NAG T . -21.24 -20.71 10.52
O4 NAG T . -23.94 -21.67 10.90
O5 NAG T . -24.39 -18.43 9.40
O6 NAG T . -26.89 -18.82 9.81
O7 NAG T . -19.49 -18.49 9.97
C1 NAG T . -23.25 -21.94 12.12
C2 NAG T . -24.19 -22.64 13.09
C3 NAG T . -23.51 -22.73 14.44
C4 NAG T . -22.18 -23.45 14.30
C5 NAG T . -21.34 -22.90 13.16
C6 NAG T . -20.15 -23.80 12.88
C7 NAG T . -26.31 -21.99 12.17
C8 NAG T . -27.67 -21.43 12.43
N2 NAG T . -25.45 -21.93 13.17
O3 NAG T . -24.35 -23.47 15.34
O4 NAG T . -21.44 -23.33 15.52
O5 NAG T . -22.11 -22.78 11.95
O6 NAG T . -20.57 -25.17 12.98
O7 NAG T . -26.01 -22.48 11.10
C1 BMA T . -21.23 -24.69 15.98
C2 BMA T . -19.81 -24.85 16.49
C3 BMA T . -19.57 -26.27 16.99
C4 BMA T . -20.71 -26.75 17.88
C5 BMA T . -22.06 -26.48 17.25
C6 BMA T . -23.19 -26.89 18.19
O2 BMA T . -19.57 -23.93 17.56
O3 BMA T . -18.35 -26.31 17.73
O4 BMA T . -20.58 -28.15 18.11
O5 BMA T . -22.17 -25.09 16.96
O6 BMA T . -23.23 -25.98 19.30
C1 MAN T . -17.63 -27.48 17.31
C2 MAN T . -16.57 -27.85 18.35
C3 MAN T . -15.49 -26.76 18.41
C4 MAN T . -14.98 -26.41 17.02
C5 MAN T . -16.14 -26.17 16.05
C6 MAN T . -15.63 -25.94 14.63
O2 MAN T . -15.97 -29.09 17.99
O3 MAN T . -14.39 -27.24 19.19
O4 MAN T . -14.19 -25.22 17.10
O5 MAN T . -17.00 -27.31 16.05
O6 MAN T . -16.16 -26.95 13.77
C1 MAN T . -24.40 -26.32 20.06
C2 MAN T . -24.90 -25.09 20.81
C3 MAN T . -23.96 -24.72 21.95
C4 MAN T . -23.64 -25.95 22.80
C5 MAN T . -23.18 -27.11 21.93
C6 MAN T . -22.90 -28.34 22.76
O2 MAN T . -26.20 -25.35 21.34
O3 MAN T . -24.56 -23.71 22.78
O4 MAN T . -22.62 -25.62 23.76
O5 MAN T . -24.18 -27.40 20.97
O6 MAN T . -23.53 -29.48 22.15
C1 NAG U . -9.59 2.67 52.72
C2 NAG U . -10.22 3.60 53.76
C3 NAG U . -10.23 2.95 55.13
C4 NAG U . -10.91 1.59 55.03
C5 NAG U . -10.30 0.74 53.91
C6 NAG U . -11.09 -0.55 53.72
C7 NAG U . -8.19 4.94 53.72
C8 NAG U . -7.62 6.31 53.48
N2 NAG U . -9.51 4.87 53.81
O3 NAG U . -10.97 3.77 56.05
O4 NAG U . -10.77 0.96 56.30
O5 NAG U . -10.33 1.44 52.68
O6 NAG U . -12.49 -0.29 53.89
O7 NAG U . -7.48 3.95 53.81
C1 NAG U . -11.95 1.21 57.07
C2 NAG U . -12.30 -0.04 57.90
C3 NAG U . -13.54 0.20 58.75
C4 NAG U . -13.39 1.49 59.55
C5 NAG U . -12.99 2.64 58.64
C6 NAG U . -12.80 3.93 59.44
C7 NAG U . -13.57 -1.27 56.23
C8 NAG U . -13.54 -2.38 55.23
N2 NAG U . -12.50 -1.17 57.02
O3 NAG U . -13.72 -0.90 59.64
O4 NAG U . -14.63 1.80 60.20
O5 NAG U . -11.78 2.32 57.96
O6 NAG U . -12.18 3.61 60.69
O7 NAG U . -14.52 -0.50 56.32
C1 NAG V . -17.13 5.37 36.76
C2 NAG V . -16.74 5.61 35.30
C3 NAG V . -15.69 6.71 35.09
C4 NAG V . -16.03 7.96 35.90
C5 NAG V . -16.35 7.59 37.34
C6 NAG V . -16.82 8.76 38.18
C7 NAG V . -16.54 3.96 33.47
C8 NAG V . -15.78 2.76 33.00
N2 NAG V . -16.28 4.36 34.73
O3 NAG V . -15.62 7.04 33.72
O4 NAG V . -14.88 8.81 35.91
O5 NAG V . -17.42 6.63 37.37
O6 NAG V . -17.04 8.35 39.53
O7 NAG V . -17.35 4.54 32.75
C1 NAG V . -15.13 9.95 35.06
C2 NAG V . -14.54 11.19 35.70
C3 NAG V . -14.76 12.42 34.83
C4 NAG V . -14.22 12.14 33.44
C5 NAG V . -14.82 10.86 32.87
C6 NAG V . -14.23 10.54 31.50
C7 NAG V . -14.67 10.77 38.09
C8 NAG V . -15.10 11.33 39.41
N2 NAG V . -15.13 11.41 37.01
O3 NAG V . -14.10 13.54 35.39
O4 NAG V . -14.52 13.24 32.58
O5 NAG V . -14.60 9.76 33.74
O6 NAG V . -12.86 10.15 31.66
O7 NAG V . -13.97 9.77 38.00
C1 NAG W . 31.91 23.01 1.32
C2 NAG W . 33.14 22.38 0.66
C3 NAG W . 33.36 20.91 0.99
C4 NAG W . 33.21 20.64 2.48
C5 NAG W . 31.92 21.27 3.00
C6 NAG W . 31.76 21.17 4.50
C7 NAG W . 34.09 22.85 -1.57
C8 NAG W . 33.83 22.77 -3.05
N2 NAG W . 33.04 22.57 -0.79
O3 NAG W . 34.66 20.50 0.57
O4 NAG W . 33.12 19.22 2.68
O5 NAG W . 31.92 22.68 2.70
O6 NAG W . 30.52 21.72 4.92
O7 NAG W . 35.19 23.15 -1.13
C1 NAG X . -9.09 -27.55 29.68
C2 NAG X . -9.40 -28.31 30.99
C3 NAG X . -8.62 -29.63 31.14
C4 NAG X . -8.82 -30.57 29.94
C5 NAG X . -8.51 -29.77 28.69
C6 NAG X . -8.86 -30.57 27.45
C7 NAG X . -9.68 -26.27 32.26
C8 NAG X . -9.94 -25.83 33.67
N2 NAG X . -9.12 -27.47 32.13
O3 NAG X . -9.03 -30.30 32.34
O4 NAG X . -8.04 -31.79 29.98
O5 NAG X . -9.24 -28.56 28.67
O6 NAG X . -10.06 -30.04 26.88
O7 NAG X . -9.95 -25.57 31.30
C1 NAG Y . -2.73 3.35 37.19
C2 NAG Y . -2.63 4.84 37.45
C3 NAG Y . -1.50 5.55 36.69
C4 NAG Y . -0.18 4.77 36.80
C5 NAG Y . -0.42 3.30 36.47
C6 NAG Y . 0.80 2.43 36.67
C7 NAG Y . -4.45 6.47 37.85
C8 NAG Y . -5.64 7.13 37.23
N2 NAG Y . -3.90 5.47 37.13
O3 NAG Y . -1.30 6.86 37.21
O4 NAG Y . 0.73 5.30 35.83
O5 NAG Y . -1.43 2.77 37.33
O6 NAG Y . 0.54 1.09 36.28
O7 NAG Y . -3.99 6.84 38.93
#